data_8VOV
#
_entry.id   8VOV
#
_cell.length_a   1.00
_cell.length_b   1.00
_cell.length_c   1.00
_cell.angle_alpha   90.00
_cell.angle_beta   90.00
_cell.angle_gamma   90.00
#
_symmetry.space_group_name_H-M   'P 1'
#
loop_
_entity.id
_entity.type
_entity.pdbx_description
1 polymer 'Transitional endoplasmic reticulum ATPase'
2 non-polymer "ADENOSINE-5'-DIPHOSPHATE"
3 non-polymer (3R)-N-[2-(ethylsulfanyl)phenyl]-3-(1-oxo-1,3-dihydro-2H-isoindol-2-yl)butanamide
#
_entity_poly.entity_id   1
_entity_poly.type   'polypeptide(L)'
_entity_poly.pdbx_seq_one_letter_code
;MASGADSKGDDLSTAILKQKNRPNRLIVDEAINEDNSVVSLSQPKMDELQLFRGDTVLLKGKKRREAVCIVLSDDTCSDE
KIRMNRVVRNNLRVRLGDVISIQPCPDVKYGKRIHVLPIDDTVEGITGNLFEVYLKPYFLEAYRPIRKGDIFLVRGGMRA
VEFKVVETDPSPYCIVAPDTVIHCEGEPIKREDEEESLNEVGYDDIGGCRKQLAQIKEMVELPLRHPALFKAIGVKPPRG
ILLYGPPGTGKTLIARAVANETGAFFFLINGPEIMSKLAGESESNLRKAFEEAEKNAPAIIFIDELDAIAPKREKTHGEV
ERRIVSQLLTLMDGLKQRAHVIVMAATNRPNSIDPALRRFGRFDREVDIGIPDATGRLEILQIHTKNMKLADDVDLEQVA
NETHGHVGADLAALCSEAALQAIRKKMDLIDLEDETIDAEVMNSLAVTMDDFRWALSQSNPSALRETVVEVPQVTWEDIG
GLEDVKRELQELVQYPVEHPDKFLKFGMTPSKGVLFYGPPGCGKTLLAKAIANECQANFISIKGPELLTMWFGESEANVR
EIFDKARQAAPCVLFFDELDSIAKARGGNIGDGGGAADRVINQILTEMDGMSTKKNVFIIGATNRPDIIDPAILRPGRLD
QLIYIPLPDEKSRVAILKANLRKSPVAKDVDLEFLAKMTNGFSGADLTEICQRACKLAIRESIESEIRRERERQTNPSAM
EVEEDDPVPEIRRDHFEEAMRFARRSVSDNDIRKYEMFAQTLQQSRGFGSFRFPSGNQGGAGPSQGSGGGTGGSVYTEDN
DDDLYG
;
_entity_poly.pdbx_strand_id   A,B,C,D,E,F
#
loop_
_chem_comp.id
_chem_comp.type
_chem_comp.name
_chem_comp.formula
A1AC1 non-polymer (3R)-N-[2-(ethylsulfanyl)phenyl]-3-(1-oxo-1,3-dihydro-2H-isoindol-2-yl)butanamide 'C20 H22 N2 O2 S'
ADP non-polymer ADENOSINE-5'-DIPHOSPHATE 'C10 H15 N5 O10 P2'
#
# COMPACT_ATOMS: atom_id res chain seq x y z
N GLU A 466 -29.37 14.38 -14.10
CA GLU A 466 -29.29 14.51 -12.65
C GLU A 466 -30.37 13.68 -11.97
N THR A 467 -30.46 13.78 -10.65
CA THR A 467 -31.38 12.95 -9.90
C THR A 467 -32.82 13.26 -10.27
N VAL A 468 -33.70 12.29 -10.03
CA VAL A 468 -35.12 12.41 -10.34
C VAL A 468 -35.91 12.17 -9.05
N VAL A 469 -36.86 13.05 -8.78
CA VAL A 469 -37.71 12.97 -7.60
C VAL A 469 -39.16 13.01 -8.06
N GLU A 470 -39.88 11.92 -7.83
CA GLU A 470 -41.26 11.82 -8.28
C GLU A 470 -42.00 10.84 -7.37
N VAL A 471 -43.25 10.57 -7.72
CA VAL A 471 -44.10 9.62 -6.99
C VAL A 471 -44.13 8.33 -7.80
N PRO A 472 -43.57 7.23 -7.30
CA PRO A 472 -43.50 6.01 -8.13
C PRO A 472 -44.88 5.56 -8.57
N GLN A 473 -44.94 5.04 -9.79
CA GLN A 473 -46.21 4.62 -10.38
C GLN A 473 -46.70 3.28 -9.83
N VAL A 474 -45.78 2.39 -9.44
CA VAL A 474 -46.20 1.06 -9.01
C VAL A 474 -47.12 1.15 -7.80
N THR A 475 -47.98 0.15 -7.64
CA THR A 475 -48.94 0.10 -6.56
C THR A 475 -48.89 -1.27 -5.90
N TRP A 476 -49.69 -1.45 -4.85
CA TRP A 476 -49.63 -2.69 -4.08
C TRP A 476 -49.99 -3.90 -4.93
N GLU A 477 -51.04 -3.78 -5.75
CA GLU A 477 -51.50 -4.93 -6.52
C GLU A 477 -50.44 -5.43 -7.48
N ASP A 478 -49.45 -4.61 -7.82
CA ASP A 478 -48.38 -5.06 -8.69
C ASP A 478 -47.55 -6.16 -8.03
N ILE A 479 -47.25 -6.00 -6.74
CA ILE A 479 -46.42 -6.96 -6.02
C ILE A 479 -47.27 -8.14 -5.58
N GLY A 480 -46.74 -9.35 -5.76
CA GLY A 480 -47.45 -10.57 -5.42
C GLY A 480 -46.87 -11.18 -4.15
N GLY A 481 -47.77 -11.52 -3.22
CA GLY A 481 -47.36 -12.09 -1.95
C GLY A 481 -46.82 -11.05 -0.99
N LEU A 482 -46.06 -11.54 -0.01
CA LEU A 482 -45.42 -10.68 0.99
C LEU A 482 -46.46 -9.90 1.79
N GLU A 483 -47.59 -10.53 2.08
CA GLU A 483 -48.66 -9.81 2.76
C GLU A 483 -48.22 -9.30 4.12
N ASP A 484 -47.50 -10.13 4.89
CA ASP A 484 -47.06 -9.71 6.21
C ASP A 484 -46.12 -8.52 6.11
N VAL A 485 -45.19 -8.56 5.16
CA VAL A 485 -44.27 -7.43 5.01
C VAL A 485 -45.02 -6.18 4.59
N LYS A 486 -46.05 -6.34 3.74
CA LYS A 486 -46.87 -5.19 3.38
C LYS A 486 -47.52 -4.57 4.61
N ARG A 487 -48.11 -5.41 5.46
CA ARG A 487 -48.77 -4.89 6.65
C ARG A 487 -47.75 -4.22 7.58
N GLU A 488 -46.58 -4.82 7.75
CA GLU A 488 -45.59 -4.24 8.64
C GLU A 488 -45.07 -2.92 8.12
N LEU A 489 -44.82 -2.82 6.81
CA LEU A 489 -44.38 -1.55 6.25
C LEU A 489 -45.46 -0.49 6.39
N GLN A 490 -46.72 -0.86 6.19
CA GLN A 490 -47.80 0.08 6.44
C GLN A 490 -47.75 0.58 7.88
N GLU A 491 -47.66 -0.35 8.83
CA GLU A 491 -47.60 0.04 10.24
C GLU A 491 -46.43 0.99 10.49
N LEU A 492 -45.31 0.77 9.81
CA LEU A 492 -44.12 1.57 10.07
C LEU A 492 -44.24 2.97 9.49
N VAL A 493 -44.82 3.10 8.30
CA VAL A 493 -44.80 4.37 7.56
C VAL A 493 -46.09 5.16 7.74
N GLN A 494 -47.23 4.54 7.47
CA GLN A 494 -48.49 5.29 7.47
C GLN A 494 -48.80 5.85 8.84
N TYR A 495 -48.74 5.03 9.87
CA TYR A 495 -49.27 5.43 11.17
C TYR A 495 -48.60 6.68 11.73
N PRO A 496 -47.27 6.83 11.68
CA PRO A 496 -46.66 8.05 12.24
C PRO A 496 -47.25 9.34 11.70
N VAL A 497 -47.39 9.47 10.39
CA VAL A 497 -47.86 10.74 9.82
C VAL A 497 -49.34 10.94 10.14
N GLU A 498 -50.14 9.87 10.04
CA GLU A 498 -51.59 10.03 10.12
C GLU A 498 -52.02 10.41 11.53
N HIS A 499 -51.48 9.73 12.55
CA HIS A 499 -51.95 9.88 13.93
C HIS A 499 -50.78 10.16 14.86
N PRO A 500 -50.15 11.33 14.72
CA PRO A 500 -49.10 11.70 15.67
C PRO A 500 -49.60 11.89 17.08
N ASP A 501 -50.90 12.11 17.26
CA ASP A 501 -51.45 12.34 18.60
C ASP A 501 -51.19 11.13 19.51
N LYS A 502 -51.41 9.92 18.99
CA LYS A 502 -51.19 8.74 19.81
C LYS A 502 -49.73 8.62 20.24
N PHE A 503 -48.81 8.85 19.31
CA PHE A 503 -47.40 8.77 19.64
C PHE A 503 -47.01 9.80 20.68
N LEU A 504 -47.54 11.03 20.55
CA LEU A 504 -47.30 12.03 21.58
C LEU A 504 -47.85 11.59 22.92
N LYS A 505 -49.05 11.02 22.93
CA LYS A 505 -49.67 10.59 24.19
C LYS A 505 -48.82 9.52 24.87
N PHE A 506 -48.36 8.53 24.12
CA PHE A 506 -47.53 7.48 24.69
C PHE A 506 -46.07 7.88 24.81
N GLY A 507 -45.68 9.02 24.23
CA GLY A 507 -44.31 9.47 24.35
C GLY A 507 -43.30 8.53 23.73
N MET A 508 -43.65 7.90 22.61
CA MET A 508 -42.75 7.00 21.90
C MET A 508 -42.25 7.67 20.62
N THR A 509 -40.97 7.46 20.32
CA THR A 509 -40.35 8.07 19.15
C THR A 509 -40.57 7.16 17.93
N PRO A 510 -41.12 7.67 16.84
CA PRO A 510 -41.30 6.81 15.65
C PRO A 510 -39.97 6.29 15.12
N SER A 511 -40.02 5.09 14.57
CA SER A 511 -38.81 4.49 13.99
C SER A 511 -38.36 5.29 12.78
N LYS A 512 -37.05 5.41 12.61
CA LYS A 512 -36.49 6.26 11.56
C LYS A 512 -36.34 5.54 10.23
N GLY A 513 -35.95 4.27 10.24
CA GLY A 513 -35.71 3.59 8.99
C GLY A 513 -35.89 2.09 9.11
N VAL A 514 -35.55 1.39 8.03
CA VAL A 514 -35.68 -0.06 7.94
C VAL A 514 -34.48 -0.59 7.19
N LEU A 515 -34.41 -1.92 7.05
CA LEU A 515 -33.34 -2.56 6.29
C LEU A 515 -33.87 -3.88 5.76
N PHE A 516 -33.99 -3.97 4.43
CA PHE A 516 -34.36 -5.23 3.80
C PHE A 516 -33.12 -6.06 3.53
N TYR A 517 -33.22 -7.36 3.76
CA TYR A 517 -32.13 -8.27 3.42
C TYR A 517 -32.71 -9.58 2.91
N GLY A 518 -32.13 -10.08 1.82
CA GLY A 518 -32.58 -11.31 1.22
C GLY A 518 -31.86 -11.56 -0.10
N PRO A 519 -32.14 -12.71 -0.73
CA PRO A 519 -31.48 -13.02 -1.99
C PRO A 519 -31.88 -12.02 -3.07
N PRO A 520 -31.04 -11.82 -4.09
CA PRO A 520 -31.35 -10.80 -5.09
C PRO A 520 -32.61 -11.12 -5.87
N GLY A 521 -33.26 -10.07 -6.34
CA GLY A 521 -34.42 -10.23 -7.20
C GLY A 521 -35.64 -10.83 -6.52
N CYS A 522 -36.03 -10.32 -5.36
CA CYS A 522 -37.23 -10.78 -4.68
C CYS A 522 -38.30 -9.71 -4.52
N GLY A 523 -37.97 -8.44 -4.73
CA GLY A 523 -38.97 -7.39 -4.64
C GLY A 523 -38.72 -6.37 -3.56
N LYS A 524 -37.46 -6.04 -3.30
CA LYS A 524 -37.13 -4.99 -2.34
C LYS A 524 -37.43 -3.62 -2.91
N THR A 525 -36.84 -3.28 -4.05
CA THR A 525 -37.10 -1.98 -4.66
C THR A 525 -38.59 -1.82 -4.95
N LEU A 526 -39.26 -2.89 -5.36
CA LEU A 526 -40.69 -2.81 -5.60
C LEU A 526 -41.44 -2.48 -4.33
N LEU A 527 -41.06 -3.09 -3.21
CA LEU A 527 -41.72 -2.78 -1.95
C LEU A 527 -41.51 -1.33 -1.56
N ALA A 528 -40.29 -0.82 -1.72
CA ALA A 528 -40.04 0.57 -1.38
C ALA A 528 -40.89 1.50 -2.25
N LYS A 529 -40.92 1.23 -3.56
CA LYS A 529 -41.72 2.07 -4.45
C LYS A 529 -43.19 1.98 -4.12
N ALA A 530 -43.69 0.78 -3.79
CA ALA A 530 -45.09 0.62 -3.49
C ALA A 530 -45.48 1.39 -2.24
N ILE A 531 -44.67 1.31 -1.18
CA ILE A 531 -45.00 2.05 0.02
C ILE A 531 -44.93 3.55 -0.24
N ALA A 532 -43.94 3.99 -1.02
CA ALA A 532 -43.86 5.41 -1.34
C ALA A 532 -45.11 5.87 -2.09
N ASN A 533 -45.55 5.09 -3.06
CA ASN A 533 -46.74 5.46 -3.82
C ASN A 533 -47.97 5.47 -2.94
N GLU A 534 -48.13 4.48 -2.07
CA GLU A 534 -49.30 4.43 -1.20
C GLU A 534 -49.33 5.63 -0.27
N CYS A 535 -48.19 5.99 0.31
CA CYS A 535 -48.13 7.17 1.17
C CYS A 535 -48.20 8.47 0.37
N GLN A 536 -48.13 8.39 -0.96
CA GLN A 536 -48.14 9.58 -1.82
C GLN A 536 -47.02 10.55 -1.43
N ALA A 537 -45.80 10.02 -1.41
CA ALA A 537 -44.63 10.80 -1.05
C ALA A 537 -43.54 10.60 -2.09
N ASN A 538 -42.68 11.59 -2.21
CA ASN A 538 -41.61 11.53 -3.21
C ASN A 538 -40.66 10.39 -2.90
N PHE A 539 -40.08 9.82 -3.95
CA PHE A 539 -39.18 8.68 -3.84
C PHE A 539 -37.85 9.02 -4.49
N ILE A 540 -36.78 8.92 -3.73
CA ILE A 540 -35.43 9.23 -4.20
C ILE A 540 -34.63 7.92 -4.15
N SER A 541 -34.16 7.47 -5.30
CA SER A 541 -33.44 6.22 -5.42
C SER A 541 -31.94 6.49 -5.53
N ILE A 542 -31.14 5.60 -4.95
CA ILE A 542 -29.69 5.73 -5.00
C ILE A 542 -29.07 4.36 -5.23
N LYS A 543 -28.66 4.09 -6.46
CA LYS A 543 -28.14 2.77 -6.79
C LYS A 543 -26.69 2.64 -6.29
N GLY A 544 -26.21 1.38 -6.28
CA GLY A 544 -24.87 1.09 -5.81
C GLY A 544 -23.76 1.78 -6.56
N PRO A 545 -23.83 1.88 -7.89
CA PRO A 545 -22.77 2.58 -8.62
C PRO A 545 -22.55 4.01 -8.15
N GLU A 546 -23.60 4.72 -7.73
CA GLU A 546 -23.40 6.08 -7.23
C GLU A 546 -22.56 6.08 -5.96
N LEU A 547 -22.86 5.19 -5.02
CA LEU A 547 -22.05 5.07 -3.82
C LEU A 547 -20.61 4.69 -4.17
N LEU A 548 -20.44 3.76 -5.10
CA LEU A 548 -19.11 3.32 -5.45
C LEU A 548 -18.29 4.44 -6.09
N THR A 549 -18.93 5.26 -6.94
CA THR A 549 -18.20 6.37 -7.54
C THR A 549 -17.90 7.45 -6.51
N MET A 550 -18.77 7.65 -5.53
CA MET A 550 -18.42 8.56 -4.44
C MET A 550 -17.23 8.02 -3.64
N TRP A 551 -17.12 6.71 -3.49
CA TRP A 551 -15.99 6.14 -2.79
C TRP A 551 -14.70 6.29 -3.59
N PHE A 552 -14.73 5.94 -4.88
CA PHE A 552 -13.52 5.98 -5.69
C PHE A 552 -13.00 7.39 -5.84
N GLY A 553 -13.88 8.35 -6.09
CA GLY A 553 -13.47 9.72 -6.26
C GLY A 553 -13.06 10.41 -4.98
N GLU A 554 -13.23 9.75 -3.83
CA GLU A 554 -12.86 10.30 -2.53
C GLU A 554 -13.65 11.57 -2.22
N SER A 555 -14.79 11.77 -2.87
CA SER A 555 -15.65 12.92 -2.64
C SER A 555 -16.91 12.42 -1.93
N GLU A 556 -16.82 12.31 -0.61
CA GLU A 556 -17.94 11.85 0.21
C GLU A 556 -18.80 13.00 0.71
N ALA A 557 -18.46 14.24 0.36
CA ALA A 557 -19.22 15.39 0.82
C ALA A 557 -20.54 15.56 0.10
N ASN A 558 -20.80 14.78 -0.93
CA ASN A 558 -22.06 14.88 -1.66
C ASN A 558 -23.23 14.25 -0.92
N VAL A 559 -22.97 13.42 0.09
CA VAL A 559 -24.05 12.82 0.85
C VAL A 559 -24.87 13.90 1.55
N ARG A 560 -24.20 14.93 2.03
CA ARG A 560 -24.91 16.05 2.66
C ARG A 560 -25.91 16.66 1.69
N GLU A 561 -25.49 16.85 0.44
CA GLU A 561 -26.40 17.41 -0.55
C GLU A 561 -27.59 16.49 -0.81
N ILE A 562 -27.34 15.18 -0.86
CA ILE A 562 -28.43 14.23 -1.08
C ILE A 562 -29.44 14.32 0.05
N PHE A 563 -28.97 14.34 1.29
CA PHE A 563 -29.89 14.40 2.42
C PHE A 563 -30.63 15.74 2.45
N ASP A 564 -29.95 16.83 2.09
CA ASP A 564 -30.64 18.12 2.03
C ASP A 564 -31.74 18.10 0.97
N LYS A 565 -31.45 17.50 -0.18
CA LYS A 565 -32.47 17.40 -1.23
C LYS A 565 -33.64 16.56 -0.78
N ALA A 566 -33.37 15.46 -0.07
CA ALA A 566 -34.46 14.65 0.46
C ALA A 566 -35.30 15.45 1.45
N ARG A 567 -34.64 16.22 2.32
CA ARG A 567 -35.37 17.04 3.28
C ARG A 567 -36.24 18.06 2.57
N GLN A 568 -35.74 18.64 1.48
CA GLN A 568 -36.46 19.71 0.81
C GLN A 568 -37.82 19.26 0.30
N ALA A 569 -37.96 17.98 -0.02
CA ALA A 569 -39.16 17.48 -0.69
C ALA A 569 -39.96 16.54 0.21
N ALA A 570 -39.98 16.79 1.51
CA ALA A 570 -40.73 15.94 2.42
C ALA A 570 -42.23 16.08 2.15
N PRO A 571 -43.01 15.02 2.38
CA PRO A 571 -42.62 13.68 2.87
C PRO A 571 -41.92 12.89 1.78
N CYS A 572 -40.97 12.04 2.13
CA CYS A 572 -40.18 11.33 1.14
C CYS A 572 -39.62 10.06 1.77
N VAL A 573 -39.22 9.13 0.93
CA VAL A 573 -38.52 7.92 1.37
C VAL A 573 -37.22 7.83 0.58
N LEU A 574 -36.12 7.75 1.29
CA LEU A 574 -34.79 7.72 0.69
C LEU A 574 -34.32 6.28 0.67
N PHE A 575 -34.14 5.72 -0.53
CA PHE A 575 -33.87 4.31 -0.70
C PHE A 575 -32.41 4.13 -1.11
N PHE A 576 -31.62 3.52 -0.23
CA PHE A 576 -30.20 3.26 -0.49
C PHE A 576 -30.07 1.84 -0.99
N ASP A 577 -30.01 1.66 -2.30
CA ASP A 577 -29.90 0.34 -2.89
C ASP A 577 -28.48 -0.19 -2.74
N GLU A 578 -28.38 -1.50 -2.56
CA GLU A 578 -27.10 -2.18 -2.44
C GLU A 578 -26.17 -1.43 -1.48
N LEU A 579 -26.60 -1.38 -0.22
CA LEU A 579 -25.84 -0.66 0.79
C LEU A 579 -24.51 -1.32 1.12
N ASP A 580 -24.28 -2.54 0.66
CA ASP A 580 -23.06 -3.28 0.94
C ASP A 580 -22.07 -3.25 -0.21
N SER A 581 -22.31 -2.44 -1.24
CA SER A 581 -21.44 -2.47 -2.42
C SER A 581 -20.01 -2.11 -2.06
N ILE A 582 -19.82 -1.07 -1.24
CA ILE A 582 -18.46 -0.64 -0.89
C ILE A 582 -17.74 -1.76 -0.14
N ALA A 583 -18.44 -2.45 0.76
CA ALA A 583 -17.81 -3.53 1.49
C ALA A 583 -17.36 -4.64 0.56
N LYS A 584 -18.20 -5.00 -0.42
CA LYS A 584 -17.81 -6.02 -1.39
C LYS A 584 -16.60 -5.57 -2.20
N ALA A 585 -16.60 -4.30 -2.63
CA ALA A 585 -15.51 -3.81 -3.46
C ALA A 585 -14.16 -3.88 -2.75
N ARG A 586 -14.15 -3.92 -1.42
CA ARG A 586 -12.93 -4.01 -0.65
C ARG A 586 -12.51 -5.44 -0.35
N GLY A 587 -13.28 -6.42 -0.80
CA GLY A 587 -12.96 -7.83 -0.62
C GLY A 587 -14.04 -8.63 0.09
N GLY A 588 -14.77 -8.02 1.01
CA GLY A 588 -15.81 -8.72 1.75
C GLY A 588 -15.42 -9.04 3.17
N ASP A 592 -10.10 -7.88 2.83
CA ASP A 592 -9.94 -6.48 3.17
C ASP A 592 -8.98 -6.30 4.33
N GLY A 593 -7.93 -5.51 4.12
CA GLY A 593 -6.96 -5.29 5.17
C GLY A 593 -7.54 -4.55 6.37
N GLY A 594 -8.40 -3.57 6.10
CA GLY A 594 -8.94 -2.72 7.14
C GLY A 594 -10.10 -3.38 7.88
N GLY A 595 -10.82 -2.54 8.62
CA GLY A 595 -11.96 -2.97 9.41
C GLY A 595 -13.26 -2.90 8.63
N ALA A 596 -14.34 -2.60 9.36
CA ALA A 596 -15.68 -2.61 8.80
C ALA A 596 -16.21 -1.21 8.49
N ALA A 597 -15.40 -0.18 8.66
CA ALA A 597 -15.84 1.20 8.46
C ALA A 597 -15.18 1.77 7.22
N ASP A 598 -15.98 2.39 6.36
CA ASP A 598 -15.52 3.05 5.14
C ASP A 598 -15.79 4.55 5.25
N ARG A 599 -15.48 5.28 4.19
CA ARG A 599 -15.55 6.74 4.23
C ARG A 599 -16.88 7.30 3.73
N VAL A 600 -17.78 6.47 3.21
CA VAL A 600 -19.09 6.92 2.76
C VAL A 600 -20.17 6.57 3.75
N ILE A 601 -20.18 5.32 4.23
CA ILE A 601 -21.14 4.93 5.24
C ILE A 601 -20.99 5.81 6.47
N ASN A 602 -19.77 6.26 6.76
CA ASN A 602 -19.57 7.16 7.89
C ASN A 602 -20.35 8.45 7.70
N GLN A 603 -20.27 9.04 6.51
CA GLN A 603 -21.02 10.26 6.24
C GLN A 603 -22.51 10.01 6.29
N ILE A 604 -22.96 8.84 5.82
CA ILE A 604 -24.37 8.51 5.91
C ILE A 604 -24.81 8.47 7.36
N LEU A 605 -24.02 7.85 8.24
CA LEU A 605 -24.38 7.81 9.65
C LEU A 605 -24.42 9.20 10.25
N THR A 606 -23.43 10.03 9.92
CA THR A 606 -23.41 11.38 10.46
C THR A 606 -24.67 12.13 10.07
N GLU A 607 -25.03 12.10 8.79
CA GLU A 607 -26.22 12.80 8.34
C GLU A 607 -27.48 12.23 8.99
N MET A 608 -27.56 10.90 9.10
CA MET A 608 -28.72 10.28 9.71
C MET A 608 -28.89 10.73 11.16
N ASP A 609 -27.80 10.78 11.91
CA ASP A 609 -27.86 11.26 13.28
C ASP A 609 -28.26 12.73 13.33
N GLY A 610 -27.78 13.52 12.38
CA GLY A 610 -28.07 14.94 12.38
C GLY A 610 -29.45 15.33 11.87
N MET A 611 -30.28 14.37 11.49
CA MET A 611 -31.60 14.67 10.96
C MET A 611 -32.58 14.99 12.09
N SER A 612 -33.67 15.65 11.71
CA SER A 612 -34.73 16.05 12.63
C SER A 612 -35.94 15.16 12.43
N THR A 613 -36.44 14.59 13.52
CA THR A 613 -37.63 13.74 13.45
C THR A 613 -38.89 14.53 13.14
N LYS A 614 -38.84 15.86 13.22
CA LYS A 614 -40.00 16.66 12.86
C LYS A 614 -40.39 16.44 11.42
N LYS A 615 -39.42 16.37 10.52
CA LYS A 615 -39.69 16.11 9.12
C LYS A 615 -40.07 14.64 8.92
N ASN A 616 -40.83 14.38 7.86
CA ASN A 616 -41.25 13.02 7.52
C ASN A 616 -40.34 12.41 6.46
N VAL A 617 -39.05 12.28 6.76
CA VAL A 617 -38.09 11.64 5.87
C VAL A 617 -37.82 10.25 6.41
N PHE A 618 -38.05 9.24 5.57
CA PHE A 618 -37.94 7.85 5.97
C PHE A 618 -36.84 7.18 5.18
N ILE A 619 -35.83 6.64 5.88
CA ILE A 619 -34.68 6.03 5.24
C ILE A 619 -34.89 4.54 5.16
N ILE A 620 -34.80 3.99 3.96
CA ILE A 620 -34.92 2.55 3.73
C ILE A 620 -33.66 2.08 3.04
N GLY A 621 -33.09 0.99 3.53
CA GLY A 621 -31.89 0.42 2.95
C GLY A 621 -32.16 -0.98 2.45
N ALA A 622 -31.38 -1.41 1.47
CA ALA A 622 -31.49 -2.73 0.89
C ALA A 622 -30.12 -3.34 0.75
N THR A 623 -30.05 -4.66 0.80
CA THR A 623 -28.78 -5.35 0.67
C THR A 623 -29.05 -6.85 0.57
N ASN A 624 -28.28 -7.53 -0.27
CA ASN A 624 -28.40 -8.98 -0.43
C ASN A 624 -27.20 -9.71 0.16
N ARG A 625 -26.62 -9.13 1.21
CA ARG A 625 -25.44 -9.70 1.85
C ARG A 625 -25.30 -9.11 3.25
N PRO A 626 -26.20 -9.44 4.16
CA PRO A 626 -26.27 -8.78 5.48
C PRO A 626 -25.32 -9.35 6.52
N ASP A 627 -24.07 -9.58 6.12
CA ASP A 627 -23.04 -10.05 7.04
C ASP A 627 -21.76 -9.25 6.96
N ILE A 628 -21.57 -8.42 5.92
CA ILE A 628 -20.43 -7.51 5.85
C ILE A 628 -20.84 -6.06 6.04
N ILE A 629 -22.15 -5.78 6.08
CA ILE A 629 -22.60 -4.41 6.33
C ILE A 629 -22.07 -3.93 7.67
N ASP A 630 -21.70 -2.67 7.73
CA ASP A 630 -21.08 -2.14 8.93
C ASP A 630 -22.04 -2.26 10.11
N PRO A 631 -21.62 -2.86 11.24
CA PRO A 631 -22.56 -3.04 12.35
C PRO A 631 -23.06 -1.75 12.95
N ALA A 632 -22.37 -0.62 12.73
CA ALA A 632 -22.80 0.63 13.35
C ALA A 632 -24.14 1.09 12.82
N ILE A 633 -24.55 0.63 11.64
CA ILE A 633 -25.82 1.08 11.07
C ILE A 633 -26.99 0.57 11.89
N LEU A 634 -26.87 -0.66 12.40
CA LEU A 634 -27.98 -1.34 13.06
C LEU A 634 -28.18 -0.90 14.51
N ARG A 635 -27.61 0.22 14.92
CA ARG A 635 -27.81 0.72 16.27
C ARG A 635 -29.24 1.25 16.41
N PRO A 636 -29.72 1.40 17.65
CA PRO A 636 -31.14 1.73 17.84
C PRO A 636 -31.57 3.01 17.14
N GLY A 637 -30.71 4.01 17.05
CA GLY A 637 -31.10 5.29 16.52
C GLY A 637 -31.01 5.47 15.02
N ARG A 638 -30.46 4.50 14.28
CA ARG A 638 -30.18 4.68 12.86
C ARG A 638 -31.03 3.79 11.98
N LEU A 639 -31.00 2.47 12.17
CA LEU A 639 -31.82 1.56 11.37
C LEU A 639 -32.13 0.35 12.25
N ASP A 640 -33.25 0.43 12.97
CA ASP A 640 -33.52 -0.57 14.01
C ASP A 640 -34.00 -1.88 13.42
N GLN A 641 -35.13 -1.86 12.72
CA GLN A 641 -35.77 -3.10 12.30
C GLN A 641 -35.01 -3.75 11.15
N LEU A 642 -35.23 -5.05 11.02
CA LEU A 642 -34.73 -5.82 9.89
C LEU A 642 -35.85 -6.73 9.39
N ILE A 643 -36.02 -6.79 8.08
CA ILE A 643 -37.04 -7.62 7.45
C ILE A 643 -36.35 -8.60 6.52
N TYR A 644 -36.84 -9.84 6.49
CA TYR A 644 -36.33 -10.87 5.60
C TYR A 644 -37.31 -11.05 4.45
N ILE A 645 -36.82 -10.91 3.23
CA ILE A 645 -37.65 -11.04 2.04
C ILE A 645 -37.38 -12.41 1.41
N PRO A 646 -38.19 -13.42 1.70
CA PRO A 646 -37.85 -14.78 1.27
C PRO A 646 -38.18 -15.00 -0.21
N LEU A 647 -37.71 -16.14 -0.71
CA LEU A 647 -38.06 -16.54 -2.06
C LEU A 647 -39.55 -16.82 -2.16
N PRO A 648 -40.20 -16.47 -3.27
CA PRO A 648 -41.65 -16.69 -3.37
C PRO A 648 -41.99 -18.16 -3.24
N ASP A 649 -43.15 -18.44 -2.65
CA ASP A 649 -43.70 -19.78 -2.58
C ASP A 649 -44.60 -20.04 -3.78
N GLU A 650 -45.25 -21.21 -3.79
CA GLU A 650 -46.08 -21.58 -4.94
C GLU A 650 -47.19 -20.55 -5.16
N LYS A 651 -47.93 -20.21 -4.11
CA LYS A 651 -48.95 -19.18 -4.26
C LYS A 651 -48.32 -17.85 -4.65
N SER A 652 -47.18 -17.52 -4.04
CA SER A 652 -46.50 -16.29 -4.39
C SER A 652 -46.04 -16.31 -5.85
N ARG A 653 -45.54 -17.45 -6.32
CA ARG A 653 -45.12 -17.53 -7.71
C ARG A 653 -46.31 -17.37 -8.65
N VAL A 654 -47.45 -17.97 -8.31
CA VAL A 654 -48.64 -17.80 -9.14
C VAL A 654 -49.02 -16.34 -9.21
N ALA A 655 -49.02 -15.65 -8.05
CA ALA A 655 -49.35 -14.23 -8.04
C ALA A 655 -48.35 -13.43 -8.86
N ILE A 656 -47.07 -13.77 -8.76
CA ILE A 656 -46.05 -13.04 -9.52
C ILE A 656 -46.29 -13.18 -11.01
N LEU A 657 -46.56 -14.41 -11.46
CA LEU A 657 -46.82 -14.62 -12.88
C LEU A 657 -48.07 -13.86 -13.32
N LYS A 658 -49.12 -13.89 -12.50
CA LYS A 658 -50.32 -13.14 -12.85
C LYS A 658 -50.01 -11.65 -13.00
N ALA A 659 -49.21 -11.10 -12.08
CA ALA A 659 -48.93 -9.67 -12.10
C ALA A 659 -48.17 -9.26 -13.35
N ASN A 660 -47.20 -10.07 -13.76
CA ASN A 660 -46.32 -9.70 -14.87
C ASN A 660 -46.99 -9.82 -16.24
N LEU A 661 -48.10 -10.55 -16.33
CA LEU A 661 -48.77 -10.77 -17.61
C LEU A 661 -49.93 -9.81 -17.84
N ARG A 662 -50.05 -8.76 -17.02
CA ARG A 662 -51.12 -7.79 -17.22
C ARG A 662 -50.91 -6.95 -18.47
N LYS A 663 -49.72 -7.00 -19.07
CA LYS A 663 -49.44 -6.23 -20.27
C LYS A 663 -49.42 -7.11 -21.52
N SER A 664 -48.58 -8.13 -21.56
CA SER A 664 -48.44 -8.95 -22.75
C SER A 664 -49.69 -9.80 -22.93
N PRO A 665 -50.45 -9.64 -24.02
CA PRO A 665 -51.62 -10.51 -24.20
C PRO A 665 -51.20 -11.98 -24.26
N VAL A 666 -52.01 -12.83 -23.64
CA VAL A 666 -51.69 -14.24 -23.49
C VAL A 666 -52.92 -15.07 -23.80
N ALA A 667 -52.72 -16.17 -24.53
CA ALA A 667 -53.82 -17.06 -24.84
C ALA A 667 -54.40 -17.65 -23.57
N LYS A 668 -55.72 -17.83 -23.55
CA LYS A 668 -56.40 -18.31 -22.36
C LYS A 668 -55.95 -19.72 -21.96
N ASP A 669 -55.43 -20.49 -22.90
CA ASP A 669 -55.07 -21.87 -22.61
C ASP A 669 -53.88 -21.99 -21.65
N VAL A 670 -53.12 -20.92 -21.45
CA VAL A 670 -51.96 -20.98 -20.58
C VAL A 670 -52.41 -21.29 -19.15
N ASP A 671 -51.70 -22.20 -18.49
CA ASP A 671 -51.99 -22.59 -17.11
C ASP A 671 -50.87 -22.06 -16.23
N LEU A 672 -51.11 -20.91 -15.60
CA LEU A 672 -50.09 -20.31 -14.75
C LEU A 672 -49.78 -21.17 -13.55
N GLU A 673 -50.80 -21.79 -12.95
CA GLU A 673 -50.58 -22.59 -11.75
C GLU A 673 -49.62 -23.75 -12.03
N PHE A 674 -49.80 -24.44 -13.17
CA PHE A 674 -48.90 -25.53 -13.49
C PHE A 674 -47.48 -25.04 -13.68
N LEU A 675 -47.32 -23.90 -14.37
CA LEU A 675 -45.98 -23.34 -14.56
C LEU A 675 -45.33 -23.01 -13.22
N ALA A 676 -46.10 -22.42 -12.31
CA ALA A 676 -45.56 -22.08 -11.00
C ALA A 676 -45.18 -23.33 -10.22
N LYS A 677 -45.94 -24.41 -10.38
CA LYS A 677 -45.64 -25.63 -9.65
C LYS A 677 -44.27 -26.18 -10.01
N MET A 678 -43.92 -26.15 -11.29
CA MET A 678 -42.70 -26.81 -11.76
C MET A 678 -41.43 -26.01 -11.48
N THR A 679 -41.53 -24.77 -11.01
CA THR A 679 -40.37 -23.95 -10.68
C THR A 679 -40.30 -23.84 -9.16
N ASN A 680 -39.61 -24.80 -8.54
CA ASN A 680 -39.56 -24.84 -7.09
C ASN A 680 -38.80 -23.64 -6.55
N GLY A 681 -37.49 -23.59 -6.78
CA GLY A 681 -36.70 -22.46 -6.32
C GLY A 681 -36.38 -21.49 -7.44
N PHE A 682 -37.12 -20.39 -7.49
CA PHE A 682 -36.94 -19.34 -8.47
C PHE A 682 -37.08 -17.99 -7.78
N SER A 683 -36.48 -16.97 -8.36
CA SER A 683 -36.68 -15.60 -7.92
C SER A 683 -37.57 -14.87 -8.92
N GLY A 684 -38.11 -13.73 -8.48
CA GLY A 684 -39.01 -12.98 -9.34
C GLY A 684 -38.37 -12.58 -10.65
N ALA A 685 -37.08 -12.24 -10.62
CA ALA A 685 -36.38 -11.86 -11.84
C ALA A 685 -36.40 -12.99 -12.84
N ASP A 686 -36.28 -14.24 -12.38
CA ASP A 686 -36.30 -15.37 -13.30
C ASP A 686 -37.65 -15.50 -13.99
N LEU A 687 -38.74 -15.32 -13.24
CA LEU A 687 -40.06 -15.39 -13.84
C LEU A 687 -40.27 -14.27 -14.85
N THR A 688 -39.82 -13.06 -14.51
CA THR A 688 -39.89 -11.97 -15.47
C THR A 688 -39.10 -12.28 -16.73
N GLU A 689 -37.91 -12.89 -16.56
CA GLU A 689 -37.10 -13.25 -17.72
C GLU A 689 -37.80 -14.29 -18.57
N ILE A 690 -38.48 -15.25 -17.93
CA ILE A 690 -39.22 -16.26 -18.69
C ILE A 690 -40.31 -15.59 -19.52
N CYS A 691 -41.05 -14.67 -18.91
CA CYS A 691 -42.08 -13.96 -19.67
C CYS A 691 -41.46 -13.19 -20.83
N GLN A 692 -40.33 -12.53 -20.59
CA GLN A 692 -39.68 -11.76 -21.64
C GLN A 692 -39.22 -12.66 -22.78
N ARG A 693 -38.67 -13.84 -22.46
CA ARG A 693 -38.24 -14.75 -23.51
C ARG A 693 -39.42 -15.23 -24.32
N ALA A 694 -40.54 -15.54 -23.67
CA ALA A 694 -41.73 -15.95 -24.43
C ALA A 694 -42.18 -14.83 -25.36
N CYS A 695 -42.22 -13.60 -24.85
CA CYS A 695 -42.63 -12.48 -25.69
C CYS A 695 -41.67 -12.30 -26.86
N LYS A 696 -40.37 -12.43 -26.61
CA LYS A 696 -39.38 -12.27 -27.66
C LYS A 696 -39.56 -13.33 -28.74
N LEU A 697 -39.83 -14.57 -28.34
CA LEU A 697 -40.07 -15.62 -29.32
C LEU A 697 -41.30 -15.31 -30.15
N ALA A 698 -42.36 -14.81 -29.51
CA ALA A 698 -43.55 -14.44 -30.26
C ALA A 698 -43.25 -13.34 -31.27
N ILE A 699 -42.50 -12.32 -30.85
CA ILE A 699 -42.15 -11.22 -31.76
C ILE A 699 -41.33 -11.74 -32.93
N ARG A 700 -40.36 -12.62 -32.66
CA ARG A 700 -39.54 -13.16 -33.74
C ARG A 700 -40.39 -13.96 -34.72
N GLU A 701 -41.31 -14.78 -34.22
CA GLU A 701 -42.16 -15.55 -35.12
C GLU A 701 -43.03 -14.63 -35.97
N SER A 702 -43.60 -13.59 -35.36
CA SER A 702 -44.42 -12.65 -36.13
C SER A 702 -43.59 -11.93 -37.19
N ILE A 703 -42.37 -11.52 -36.84
CA ILE A 703 -41.51 -10.83 -37.78
C ILE A 703 -41.18 -11.74 -38.96
N GLU A 704 -40.85 -13.00 -38.67
CA GLU A 704 -40.56 -13.93 -39.75
C GLU A 704 -41.77 -14.12 -40.65
N SER A 705 -42.97 -14.25 -40.06
CA SER A 705 -44.17 -14.42 -40.87
C SER A 705 -44.42 -13.20 -41.75
N GLU A 706 -44.22 -12.00 -41.21
CA GLU A 706 -44.41 -10.79 -42.00
C GLU A 706 -43.38 -10.72 -43.13
N ILE A 707 -42.14 -11.10 -42.85
CA ILE A 707 -41.11 -11.09 -43.88
C ILE A 707 -41.46 -12.08 -44.98
N ARG A 708 -42.04 -13.21 -44.61
CA ARG A 708 -42.41 -14.21 -45.61
C ARG A 708 -43.28 -13.58 -46.70
N ARG A 709 -44.35 -12.88 -46.30
CA ARG A 709 -45.20 -12.19 -47.25
C ARG A 709 -45.67 -13.17 -48.33
N GLU A 710 -45.78 -12.69 -49.58
CA GLU A 710 -46.15 -13.57 -50.68
C GLU A 710 -44.99 -14.45 -51.12
N ARG A 711 -43.76 -13.93 -51.03
CA ARG A 711 -42.58 -14.71 -51.41
C ARG A 711 -41.32 -13.90 -51.14
N PRO A 729 -50.64 -12.87 -33.09
CA PRO A 729 -50.82 -11.57 -32.45
C PRO A 729 -50.81 -11.64 -30.93
N GLU A 730 -51.01 -12.84 -30.39
CA GLU A 730 -51.02 -13.07 -28.96
C GLU A 730 -50.20 -14.32 -28.64
N ILE A 731 -49.51 -14.29 -27.50
CA ILE A 731 -48.64 -15.39 -27.13
C ILE A 731 -49.46 -16.66 -26.91
N ARG A 732 -48.97 -17.77 -27.47
CA ARG A 732 -49.58 -19.07 -27.29
C ARG A 732 -48.78 -19.89 -26.28
N ARG A 733 -49.19 -21.13 -26.07
CA ARG A 733 -48.48 -22.00 -25.15
C ARG A 733 -47.12 -22.40 -25.69
N ASP A 734 -47.02 -22.65 -26.98
CA ASP A 734 -45.77 -23.16 -27.55
C ASP A 734 -44.61 -22.23 -27.24
N HIS A 735 -44.86 -20.92 -27.23
CA HIS A 735 -43.80 -19.97 -26.92
C HIS A 735 -43.31 -20.14 -25.50
N PHE A 736 -44.22 -20.33 -24.54
CA PHE A 736 -43.80 -20.60 -23.17
C PHE A 736 -43.04 -21.91 -23.08
N GLU A 737 -43.50 -22.94 -23.79
CA GLU A 737 -42.78 -24.21 -23.76
C GLU A 737 -41.35 -24.04 -24.25
N GLU A 738 -41.16 -23.28 -25.33
CA GLU A 738 -39.82 -23.05 -25.84
C GLU A 738 -38.99 -22.22 -24.87
N ALA A 739 -39.59 -21.17 -24.30
CA ALA A 739 -38.84 -20.30 -23.41
C ALA A 739 -38.40 -21.01 -22.15
N MET A 740 -39.18 -22.00 -21.70
CA MET A 740 -38.82 -22.69 -20.47
C MET A 740 -37.45 -23.36 -20.55
N ARG A 741 -37.01 -23.69 -21.77
CA ARG A 741 -35.71 -24.37 -21.92
C ARG A 741 -34.57 -23.48 -21.45
N PHE A 742 -34.68 -22.17 -21.69
CA PHE A 742 -33.62 -21.23 -21.35
C PHE A 742 -33.76 -20.66 -19.94
N ALA A 743 -34.75 -21.10 -19.18
CA ALA A 743 -34.90 -20.64 -17.81
C ALA A 743 -33.73 -21.11 -16.95
N ARG A 744 -33.43 -20.37 -15.91
CA ARG A 744 -32.32 -20.69 -15.03
C ARG A 744 -32.62 -20.20 -13.62
N ARG A 745 -31.87 -20.73 -12.66
CA ARG A 745 -32.00 -20.38 -11.25
C ARG A 745 -30.85 -19.45 -10.89
N SER A 746 -31.17 -18.20 -10.58
CA SER A 746 -30.13 -17.23 -10.28
C SER A 746 -29.42 -17.56 -8.97
N VAL A 747 -30.16 -18.01 -7.96
CA VAL A 747 -29.62 -18.25 -6.62
C VAL A 747 -29.43 -19.74 -6.42
N SER A 748 -28.23 -20.14 -6.03
CA SER A 748 -27.93 -21.54 -5.78
C SER A 748 -28.46 -21.96 -4.42
N ASP A 749 -28.59 -23.27 -4.24
CA ASP A 749 -29.15 -23.78 -2.98
C ASP A 749 -28.32 -23.37 -1.78
N ASN A 750 -27.00 -23.25 -1.95
CA ASN A 750 -26.15 -22.88 -0.82
C ASN A 750 -26.51 -21.50 -0.30
N ASP A 751 -26.81 -20.56 -1.20
CA ASP A 751 -27.14 -19.21 -0.75
C ASP A 751 -28.44 -19.20 0.04
N ILE A 752 -29.46 -19.94 -0.43
CA ILE A 752 -30.72 -19.99 0.31
C ILE A 752 -30.50 -20.66 1.66
N ARG A 753 -29.65 -21.68 1.70
CA ARG A 753 -29.33 -22.32 2.97
C ARG A 753 -28.68 -21.33 3.93
N LYS A 754 -27.76 -20.52 3.42
CA LYS A 754 -27.10 -19.54 4.28
C LYS A 754 -28.08 -18.49 4.78
N TYR A 755 -28.98 -18.02 3.92
CA TYR A 755 -29.96 -17.03 4.36
C TYR A 755 -30.90 -17.61 5.41
N GLU A 756 -31.36 -18.84 5.19
CA GLU A 756 -32.20 -19.49 6.19
C GLU A 756 -31.44 -19.67 7.50
N MET A 757 -30.14 -19.96 7.42
CA MET A 757 -29.33 -20.07 8.63
C MET A 757 -29.26 -18.73 9.36
N PHE A 758 -29.11 -17.64 8.61
CA PHE A 758 -29.09 -16.32 9.23
C PHE A 758 -30.40 -16.03 9.94
N ALA A 759 -31.52 -16.30 9.28
CA ALA A 759 -32.82 -16.06 9.90
C ALA A 759 -33.00 -16.94 11.14
N GLN A 760 -32.59 -18.21 11.06
CA GLN A 760 -32.70 -19.09 12.21
C GLN A 760 -31.82 -18.61 13.35
N THR A 761 -30.63 -18.09 13.05
CA THR A 761 -29.76 -17.56 14.09
C THR A 761 -30.43 -16.39 14.80
N LEU A 762 -31.03 -15.47 14.03
CA LEU A 762 -31.72 -14.36 14.66
C LEU A 762 -32.88 -14.84 15.52
N GLN A 763 -33.69 -15.76 14.98
CA GLN A 763 -34.86 -16.21 15.73
C GLN A 763 -34.46 -17.02 16.96
N GLN A 764 -33.32 -17.69 16.92
CA GLN A 764 -32.82 -18.37 18.11
C GLN A 764 -32.34 -17.35 19.14
N SER A 765 -31.65 -16.30 18.69
CA SER A 765 -31.24 -15.24 19.60
C SER A 765 -32.45 -14.55 20.22
N ARG A 766 -33.60 -14.57 19.55
CA ARG A 766 -34.81 -14.00 20.14
C ARG A 766 -35.12 -14.67 21.47
N GLY A 767 -35.44 -15.96 21.44
CA GLY A 767 -35.68 -16.69 22.66
C GLY A 767 -36.92 -16.22 23.41
N PHE A 768 -37.00 -16.64 24.67
CA PHE A 768 -38.08 -16.25 25.58
C PHE A 768 -39.45 -16.67 25.02
N GLY A 769 -39.59 -17.98 24.82
CA GLY A 769 -40.85 -18.53 24.35
C GLY A 769 -41.84 -18.77 25.46
N SER A 770 -41.35 -18.91 26.69
CA SER A 770 -42.18 -19.16 27.87
C SER A 770 -42.10 -17.94 28.78
N PHE A 771 -43.22 -17.25 28.95
CA PHE A 771 -43.26 -16.05 29.77
C PHE A 771 -44.70 -15.63 30.06
N ARG A 772 -45.01 -15.36 31.33
CA ARG A 772 -46.33 -14.91 31.71
C ARG A 772 -46.31 -14.48 33.16
N PHE A 773 -47.04 -13.41 33.46
CA PHE A 773 -47.13 -12.93 34.82
C PHE A 773 -48.06 -13.84 35.63
N PRO A 774 -47.97 -13.78 36.97
CA PRO A 774 -48.79 -14.66 37.81
C PRO A 774 -50.29 -14.51 37.54
N GLU B 466 -23.80 22.41 13.54
CA GLU B 466 -22.55 22.60 14.26
C GLU B 466 -22.66 22.06 15.69
N THR B 467 -21.59 22.19 16.46
CA THR B 467 -21.56 21.63 17.80
C THR B 467 -22.62 22.31 18.67
N VAL B 468 -23.14 21.56 19.64
CA VAL B 468 -24.16 22.04 20.57
C VAL B 468 -23.57 21.98 21.96
N VAL B 469 -23.65 23.11 22.68
CA VAL B 469 -23.12 23.23 24.04
C VAL B 469 -24.27 23.67 24.93
N GLU B 470 -24.59 22.85 25.93
CA GLU B 470 -25.70 23.13 26.82
C GLU B 470 -25.49 22.35 28.11
N VAL B 471 -26.44 22.46 29.03
CA VAL B 471 -26.42 21.74 30.30
C VAL B 471 -27.35 20.55 30.16
N PRO B 472 -26.84 19.31 30.19
CA PRO B 472 -27.72 18.16 29.96
C PRO B 472 -28.86 18.10 30.96
N GLN B 473 -30.02 17.63 30.49
CA GLN B 473 -31.20 17.56 31.32
C GLN B 473 -31.17 16.38 32.29
N VAL B 474 -30.57 15.26 31.89
CA VAL B 474 -30.65 14.05 32.71
C VAL B 474 -30.01 14.31 34.08
N THR B 475 -30.57 13.68 35.10
CA THR B 475 -30.11 13.84 36.47
C THR B 475 -29.77 12.48 37.06
N TRP B 476 -29.35 12.48 38.33
CA TRP B 476 -28.95 11.24 38.98
C TRP B 476 -30.11 10.26 39.05
N GLU B 477 -31.31 10.76 39.35
CA GLU B 477 -32.47 9.88 39.48
C GLU B 477 -32.74 9.09 38.20
N ASP B 478 -32.43 9.65 37.04
CA ASP B 478 -32.69 8.95 35.79
C ASP B 478 -31.89 7.66 35.68
N ILE B 479 -30.72 7.60 36.32
CA ILE B 479 -29.82 6.46 36.21
C ILE B 479 -30.04 5.55 37.40
N GLY B 480 -30.19 4.25 37.14
CA GLY B 480 -30.44 3.27 38.18
C GLY B 480 -29.19 2.45 38.49
N GLY B 481 -28.89 2.34 39.77
CA GLY B 481 -27.72 1.60 40.21
C GLY B 481 -26.45 2.40 40.07
N LEU B 482 -25.32 1.69 40.18
CA LEU B 482 -24.01 2.28 40.02
C LEU B 482 -23.71 3.30 41.12
N GLU B 483 -24.05 2.95 42.36
CA GLU B 483 -23.84 3.88 43.47
C GLU B 483 -22.37 4.22 43.64
N ASP B 484 -21.51 3.20 43.59
CA ASP B 484 -20.08 3.45 43.77
C ASP B 484 -19.54 4.33 42.67
N VAL B 485 -19.95 4.10 41.42
CA VAL B 485 -19.48 4.94 40.32
C VAL B 485 -19.96 6.37 40.51
N LYS B 486 -21.19 6.55 40.97
CA LYS B 486 -21.69 7.90 41.23
C LYS B 486 -20.84 8.60 42.28
N ARG B 487 -20.55 7.90 43.38
CA ARG B 487 -19.75 8.51 44.43
C ARG B 487 -18.35 8.86 43.94
N GLU B 488 -17.73 7.96 43.18
CA GLU B 488 -16.39 8.23 42.68
C GLU B 488 -16.37 9.40 41.71
N LEU B 489 -17.35 9.47 40.80
CA LEU B 489 -17.40 10.58 39.87
C LEU B 489 -17.64 11.89 40.60
N GLN B 490 -18.49 11.88 41.62
CA GLN B 490 -18.65 13.06 42.46
C GLN B 490 -17.31 13.48 43.05
N GLU B 491 -16.61 12.54 43.67
CA GLU B 491 -15.32 12.85 44.26
C GLU B 491 -14.37 13.46 43.25
N LEU B 492 -14.40 12.96 42.02
CA LEU B 492 -13.45 13.43 41.02
C LEU B 492 -13.80 14.82 40.50
N VAL B 493 -15.09 15.10 40.29
CA VAL B 493 -15.48 16.32 39.60
C VAL B 493 -15.85 17.42 40.58
N GLN B 494 -16.80 17.14 41.47
CA GLN B 494 -17.34 18.20 42.32
C GLN B 494 -16.28 18.74 43.28
N TYR B 495 -15.49 17.86 43.89
CA TYR B 495 -14.62 18.30 44.98
C TYR B 495 -13.59 19.33 44.54
N PRO B 496 -12.87 19.17 43.44
CA PRO B 496 -11.83 20.15 43.11
C PRO B 496 -12.33 21.59 43.01
N VAL B 497 -13.49 21.81 42.40
CA VAL B 497 -13.97 23.17 42.24
C VAL B 497 -14.43 23.74 43.57
N GLU B 498 -15.07 22.92 44.41
CA GLU B 498 -15.69 23.43 45.62
C GLU B 498 -14.64 23.85 46.66
N HIS B 499 -13.62 23.03 46.86
CA HIS B 499 -12.66 23.23 47.94
C HIS B 499 -11.24 23.17 47.40
N PRO B 500 -10.86 24.13 46.54
CA PRO B 500 -9.47 24.18 46.08
C PRO B 500 -8.48 24.45 47.19
N ASP B 501 -8.92 25.03 48.31
CA ASP B 501 -8.00 25.33 49.40
C ASP B 501 -7.33 24.08 49.92
N LYS B 502 -8.09 22.99 50.08
CA LYS B 502 -7.51 21.75 50.59
C LYS B 502 -6.44 21.23 49.63
N PHE B 503 -6.73 21.25 48.33
CA PHE B 503 -5.75 20.75 47.35
C PHE B 503 -4.50 21.61 47.38
N LEU B 504 -4.64 22.93 47.50
CA LEU B 504 -3.47 23.78 47.64
C LEU B 504 -2.69 23.43 48.90
N LYS B 505 -3.39 23.20 50.01
CA LYS B 505 -2.72 22.90 51.27
C LYS B 505 -1.90 21.61 51.17
N PHE B 506 -2.49 20.58 50.58
CA PHE B 506 -1.80 19.30 50.44
C PHE B 506 -0.91 19.24 49.22
N GLY B 507 -0.98 20.22 48.33
CA GLY B 507 -0.10 20.24 47.17
C GLY B 507 -0.38 19.15 46.16
N MET B 508 -1.57 18.56 46.18
CA MET B 508 -1.93 17.53 45.22
C MET B 508 -2.56 18.16 43.99
N THR B 509 -2.24 17.61 42.82
CA THR B 509 -2.78 18.10 41.57
C THR B 509 -4.06 17.36 41.21
N PRO B 510 -5.17 18.06 40.97
CA PRO B 510 -6.42 17.35 40.66
C PRO B 510 -6.27 16.49 39.40
N SER B 511 -6.96 15.35 39.41
CA SER B 511 -6.96 14.47 38.25
C SER B 511 -7.64 15.14 37.07
N LYS B 512 -7.13 14.89 35.88
CA LYS B 512 -7.61 15.59 34.69
C LYS B 512 -8.80 14.91 34.04
N GLY B 513 -8.80 13.58 33.95
CA GLY B 513 -9.86 12.89 33.25
C GLY B 513 -10.09 11.49 33.76
N VAL B 514 -11.01 10.79 33.10
CA VAL B 514 -11.40 9.44 33.44
C VAL B 514 -11.56 8.67 32.14
N LEU B 515 -11.71 7.35 32.25
CA LEU B 515 -11.92 6.48 31.09
C LEU B 515 -12.87 5.37 31.49
N PHE B 516 -14.13 5.47 31.06
CA PHE B 516 -15.07 4.39 31.28
C PHE B 516 -14.80 3.26 30.29
N TYR B 517 -14.97 2.02 30.76
CA TYR B 517 -14.85 0.86 29.88
C TYR B 517 -15.81 -0.22 30.33
N GLY B 518 -16.51 -0.83 29.39
CA GLY B 518 -17.46 -1.87 29.68
C GLY B 518 -18.25 -2.25 28.45
N PRO B 519 -19.13 -3.25 28.57
CA PRO B 519 -19.91 -3.68 27.43
C PRO B 519 -20.87 -2.57 26.98
N PRO B 520 -21.26 -2.56 25.71
CA PRO B 520 -22.08 -1.45 25.21
C PRO B 520 -23.44 -1.38 25.88
N GLY B 521 -23.99 -0.17 25.93
CA GLY B 521 -25.33 0.03 26.46
C GLY B 521 -25.48 -0.22 27.94
N CYS B 522 -24.55 0.27 28.76
CA CYS B 522 -24.68 0.17 30.20
C CYS B 522 -24.88 1.50 30.91
N GLY B 523 -24.65 2.62 30.23
CA GLY B 523 -24.93 3.91 30.83
C GLY B 523 -23.73 4.82 30.98
N LYS B 524 -22.77 4.71 30.07
CA LYS B 524 -21.59 5.57 30.13
C LYS B 524 -21.97 7.01 29.78
N THR B 525 -22.63 7.22 28.63
CA THR B 525 -23.03 8.57 28.26
C THR B 525 -23.99 9.14 29.30
N LEU B 526 -24.86 8.31 29.85
CA LEU B 526 -25.78 8.79 30.87
C LEU B 526 -25.02 9.23 32.12
N LEU B 527 -23.99 8.48 32.52
CA LEU B 527 -23.18 8.92 33.66
C LEU B 527 -22.52 10.25 33.37
N ALA B 528 -21.94 10.41 32.18
CA ALA B 528 -21.26 11.67 31.86
C ALA B 528 -22.25 12.83 31.90
N LYS B 529 -23.43 12.65 31.29
CA LYS B 529 -24.42 13.71 31.28
C LYS B 529 -24.91 14.02 32.68
N ALA B 530 -25.12 12.99 33.50
CA ALA B 530 -25.60 13.22 34.86
C ALA B 530 -24.60 14.00 35.68
N ILE B 531 -23.31 13.66 35.57
CA ILE B 531 -22.32 14.41 36.33
C ILE B 531 -22.23 15.84 35.82
N ALA B 532 -22.30 16.04 34.50
CA ALA B 532 -22.28 17.39 33.97
C ALA B 532 -23.45 18.21 34.49
N ASN B 533 -24.64 17.61 34.53
CA ASN B 533 -25.80 18.32 35.05
C ASN B 533 -25.65 18.64 36.52
N GLU B 534 -25.16 17.68 37.32
CA GLU B 534 -25.01 17.93 38.74
C GLU B 534 -24.03 19.06 39.00
N CYS B 535 -22.89 19.06 38.30
CA CYS B 535 -21.95 20.17 38.43
C CYS B 535 -22.46 21.45 37.79
N GLN B 536 -23.57 21.38 37.04
CA GLN B 536 -24.14 22.54 36.36
C GLN B 536 -23.11 23.17 35.42
N ALA B 537 -22.51 22.32 34.58
CA ALA B 537 -21.48 22.74 33.64
C ALA B 537 -21.84 22.29 32.23
N ASN B 538 -21.33 23.01 31.25
CA ASN B 538 -21.64 22.71 29.86
C ASN B 538 -21.09 21.34 29.49
N PHE B 539 -21.76 20.69 28.54
CA PHE B 539 -21.41 19.33 28.11
C PHE B 539 -21.23 19.33 26.61
N ILE B 540 -20.06 18.91 26.15
CA ILE B 540 -19.73 18.84 24.73
C ILE B 540 -19.47 17.38 24.38
N SER B 541 -20.22 16.86 23.42
CA SER B 541 -20.14 15.47 23.02
C SER B 541 -19.47 15.36 21.66
N ILE B 542 -18.52 14.43 21.55
CA ILE B 542 -17.81 14.17 20.30
C ILE B 542 -18.02 12.69 19.99
N LYS B 543 -18.89 12.39 19.03
CA LYS B 543 -19.22 11.01 18.74
C LYS B 543 -18.10 10.35 17.94
N GLY B 544 -18.21 9.03 17.77
CA GLY B 544 -17.25 8.27 17.03
C GLY B 544 -17.19 8.63 15.56
N PRO B 545 -18.35 8.79 14.92
CA PRO B 545 -18.34 9.18 13.50
C PRO B 545 -17.57 10.45 13.23
N GLU B 546 -17.58 11.43 14.14
CA GLU B 546 -16.79 12.64 13.91
C GLU B 546 -15.30 12.33 13.92
N LEU B 547 -14.84 11.50 14.85
CA LEU B 547 -13.43 11.13 14.88
C LEU B 547 -13.05 10.38 13.60
N LEU B 548 -13.91 9.47 13.15
CA LEU B 548 -13.61 8.74 11.93
C LEU B 548 -13.59 9.67 10.72
N THR B 549 -14.48 10.67 10.70
CA THR B 549 -14.45 11.65 9.63
C THR B 549 -13.14 12.42 9.63
N MET B 550 -12.67 12.81 10.81
CA MET B 550 -11.39 13.51 10.88
C MET B 550 -10.26 12.62 10.41
N TRP B 551 -10.32 11.32 10.72
CA TRP B 551 -9.28 10.40 10.26
C TRP B 551 -9.29 10.25 8.75
N PHE B 552 -10.45 9.98 8.17
CA PHE B 552 -10.52 9.70 6.74
C PHE B 552 -10.12 10.91 5.92
N GLY B 553 -10.59 12.10 6.30
CA GLY B 553 -10.25 13.30 5.57
C GLY B 553 -8.84 13.80 5.78
N GLU B 554 -8.08 13.17 6.69
CA GLU B 554 -6.70 13.57 6.96
C GLU B 554 -6.63 15.00 7.47
N SER B 555 -7.71 15.49 8.06
CA SER B 555 -7.77 16.82 8.63
C SER B 555 -7.89 16.66 10.15
N GLU B 556 -6.75 16.49 10.80
CA GLU B 556 -6.69 16.32 12.24
C GLU B 556 -6.48 17.63 12.98
N ALA B 557 -6.43 18.75 12.26
CA ALA B 557 -6.20 20.04 12.87
C ALA B 557 -7.46 20.63 13.50
N ASN B 558 -8.60 19.98 13.34
CA ASN B 558 -9.83 20.46 13.95
C ASN B 558 -9.92 20.14 15.43
N VAL B 559 -9.05 19.26 15.95
CA VAL B 559 -9.08 18.96 17.37
C VAL B 559 -8.71 20.19 18.18
N ARG B 560 -7.78 21.00 17.67
CA ARG B 560 -7.47 22.25 18.34
C ARG B 560 -8.72 23.10 18.49
N GLU B 561 -9.55 23.14 17.45
CA GLU B 561 -10.78 23.93 17.53
C GLU B 561 -11.73 23.39 18.59
N ILE B 562 -11.86 22.06 18.67
CA ILE B 562 -12.75 21.48 19.67
C ILE B 562 -12.27 21.82 21.07
N PHE B 563 -10.96 21.69 21.31
CA PHE B 563 -10.45 21.97 22.65
C PHE B 563 -10.58 23.46 22.97
N ASP B 564 -10.37 24.33 21.99
CA ASP B 564 -10.57 25.76 22.23
C ASP B 564 -12.02 26.04 22.57
N LYS B 565 -12.96 25.43 21.85
CA LYS B 565 -14.37 25.62 22.15
C LYS B 565 -14.70 25.15 23.55
N ALA B 566 -14.15 24.01 23.96
CA ALA B 566 -14.38 23.53 25.32
C ALA B 566 -13.81 24.50 26.34
N ARG B 567 -12.62 25.04 26.08
CA ARG B 567 -12.02 25.99 27.01
C ARG B 567 -12.87 27.24 27.14
N GLN B 568 -13.45 27.71 26.03
CA GLN B 568 -14.17 28.97 26.04
C GLN B 568 -15.35 28.94 27.00
N ALA B 569 -15.95 27.77 27.21
CA ALA B 569 -17.19 27.66 27.97
C ALA B 569 -17.01 26.92 29.29
N ALA B 570 -15.89 27.13 29.96
CA ALA B 570 -15.65 26.46 31.24
C ALA B 570 -16.63 27.01 32.30
N PRO B 571 -17.01 26.19 33.28
CA PRO B 571 -16.64 24.77 33.49
C PRO B 571 -17.34 23.87 32.49
N CYS B 572 -16.70 22.77 32.09
CA CYS B 572 -17.25 21.92 31.05
C CYS B 572 -16.67 20.53 31.21
N VAL B 573 -17.35 19.55 30.60
CA VAL B 573 -16.84 18.18 30.55
C VAL B 573 -16.86 17.76 29.09
N LEU B 574 -15.69 17.44 28.56
CA LEU B 574 -15.55 17.04 27.17
C LEU B 574 -15.62 15.52 27.09
N PHE B 575 -16.60 15.00 26.37
CA PHE B 575 -16.91 13.56 26.35
C PHE B 575 -16.53 13.00 24.98
N PHE B 576 -15.41 12.28 24.93
CA PHE B 576 -14.97 11.64 23.69
C PHE B 576 -15.57 10.25 23.61
N ASP B 577 -16.74 10.16 23.01
CA ASP B 577 -17.44 8.88 22.90
C ASP B 577 -16.72 7.97 21.92
N GLU B 578 -16.77 6.67 22.22
CA GLU B 578 -16.19 5.64 21.36
C GLU B 578 -14.77 6.03 20.95
N LEU B 579 -13.90 6.14 21.95
CA LEU B 579 -12.54 6.58 21.71
C LEU B 579 -11.70 5.58 20.92
N ASP B 580 -12.19 4.35 20.73
CA ASP B 580 -11.45 3.32 20.03
C ASP B 580 -11.87 3.15 18.58
N SER B 581 -12.78 4.00 18.08
CA SER B 581 -13.34 3.77 16.75
C SER B 581 -12.24 3.69 15.69
N ILE B 582 -11.26 4.59 15.76
CA ILE B 582 -10.21 4.61 14.75
C ILE B 582 -9.42 3.30 14.78
N ALA B 583 -9.14 2.80 15.98
CA ALA B 583 -8.38 1.55 16.08
C ALA B 583 -9.14 0.40 15.43
N LYS B 584 -10.44 0.30 15.69
CA LYS B 584 -11.25 -0.74 15.05
C LYS B 584 -11.27 -0.58 13.54
N ALA B 585 -11.39 0.65 13.06
CA ALA B 585 -11.54 0.88 11.63
C ALA B 585 -10.35 0.36 10.83
N ARG B 586 -9.17 0.23 11.46
CA ARG B 586 -7.97 -0.24 10.78
C ARG B 586 -7.63 -1.68 11.14
N GLY B 587 -8.56 -2.42 11.72
CA GLY B 587 -8.36 -3.84 11.97
C GLY B 587 -8.48 -4.22 13.43
N GLY B 588 -7.95 -3.39 14.32
CA GLY B 588 -7.99 -3.66 15.74
C GLY B 588 -6.68 -4.25 16.25
N ASP B 592 -4.14 -4.87 11.50
CA ASP B 592 -3.53 -3.57 11.26
C ASP B 592 -2.04 -3.70 11.02
N GLY B 593 -1.59 -3.23 9.85
CA GLY B 593 -0.17 -3.30 9.53
C GLY B 593 0.69 -2.48 10.47
N GLY B 594 0.19 -1.31 10.85
CA GLY B 594 0.95 -0.39 11.68
C GLY B 594 0.88 -0.72 13.15
N GLY B 595 1.27 0.24 13.97
CA GLY B 595 1.31 0.09 15.41
C GLY B 595 0.02 0.55 16.06
N ALA B 596 0.15 1.09 17.27
CA ALA B 596 -1.00 1.47 18.09
C ALA B 596 -1.26 2.97 18.09
N ALA B 597 -0.56 3.74 17.28
CA ALA B 597 -0.69 5.19 17.25
C ALA B 597 -1.28 5.63 15.92
N ASP B 598 -2.33 6.43 15.97
CA ASP B 598 -2.97 6.99 14.79
C ASP B 598 -2.75 8.50 14.75
N ARG B 599 -3.33 9.14 13.75
CA ARG B 599 -3.08 10.56 13.51
C ARG B 599 -4.07 11.48 14.20
N VAL B 600 -5.12 10.96 14.81
CA VAL B 600 -6.09 11.77 15.53
C VAL B 600 -5.87 11.70 17.04
N ILE B 601 -5.69 10.49 17.57
CA ILE B 601 -5.41 10.36 18.99
C ILE B 601 -4.13 11.10 19.33
N ASN B 602 -3.18 11.16 18.41
CA ASN B 602 -1.96 11.91 18.65
C ASN B 602 -2.28 13.38 18.94
N GLN B 603 -3.09 14.00 18.09
CA GLN B 603 -3.46 15.39 18.31
C GLN B 603 -4.28 15.56 19.58
N ILE B 604 -5.16 14.60 19.86
CA ILE B 604 -5.98 14.70 21.06
C ILE B 604 -5.09 14.75 22.29
N LEU B 605 -4.14 13.83 22.39
CA LEU B 605 -3.31 13.79 23.59
C LEU B 605 -2.29 14.93 23.61
N THR B 606 -1.86 15.42 22.45
CA THR B 606 -1.03 16.61 22.43
C THR B 606 -1.77 17.80 23.04
N GLU B 607 -3.00 18.03 22.59
CA GLU B 607 -3.78 19.13 23.15
C GLU B 607 -4.06 18.91 24.63
N MET B 608 -4.31 17.66 25.02
CA MET B 608 -4.56 17.37 26.42
C MET B 608 -3.35 17.72 27.27
N ASP B 609 -2.15 17.40 26.79
CA ASP B 609 -0.93 17.78 27.50
C ASP B 609 -0.79 19.30 27.55
N GLY B 610 -1.17 19.97 26.47
CA GLY B 610 -0.99 21.41 26.39
C GLY B 610 -2.00 22.25 27.14
N MET B 611 -2.96 21.63 27.82
CA MET B 611 -3.99 22.38 28.52
C MET B 611 -3.49 22.89 29.87
N SER B 612 -4.24 23.83 30.43
CA SER B 612 -3.90 24.47 31.70
C SER B 612 -4.86 23.97 32.78
N THR B 613 -4.30 23.55 33.91
CA THR B 613 -5.11 23.06 35.02
C THR B 613 -5.90 24.18 35.70
N LYS B 614 -5.58 25.45 35.42
CA LYS B 614 -6.32 26.54 36.02
C LYS B 614 -7.79 26.48 35.62
N LYS B 615 -8.07 26.20 34.36
CA LYS B 615 -9.45 26.06 33.90
C LYS B 615 -10.06 24.77 34.42
N ASN B 616 -11.39 24.76 34.52
CA ASN B 616 -12.13 23.58 34.96
C ASN B 616 -12.70 22.81 33.77
N VAL B 617 -11.81 22.27 32.96
CA VAL B 617 -12.19 21.42 31.83
C VAL B 617 -11.84 20.00 32.19
N PHE B 618 -12.83 19.10 32.08
CA PHE B 618 -12.71 17.73 32.55
C PHE B 618 -12.94 16.79 31.38
N ILE B 619 -11.88 16.12 30.93
CA ILE B 619 -11.94 15.22 29.80
C ILE B 619 -12.42 13.86 30.28
N ILE B 620 -13.46 13.33 29.67
CA ILE B 620 -13.99 12.01 29.97
C ILE B 620 -14.01 11.21 28.67
N GLY B 621 -13.51 9.99 28.71
CA GLY B 621 -13.49 9.12 27.55
C GLY B 621 -14.30 7.87 27.83
N ALA B 622 -14.86 7.31 26.76
CA ALA B 622 -15.62 6.07 26.85
C ALA B 622 -15.18 5.14 25.74
N THR B 623 -15.26 3.84 26.01
CA THR B 623 -14.87 2.85 25.01
C THR B 623 -15.33 1.49 25.50
N ASN B 624 -15.93 0.71 24.59
CA ASN B 624 -16.40 -0.63 24.91
C ASN B 624 -15.45 -1.70 24.40
N ARG B 625 -14.15 -1.41 24.39
CA ARG B 625 -13.13 -2.33 23.89
C ARG B 625 -11.77 -1.87 24.40
N PRO B 626 -11.51 -1.94 25.69
CA PRO B 626 -10.31 -1.35 26.29
C PRO B 626 -9.06 -2.21 26.17
N ASP B 627 -8.84 -2.77 24.98
CA ASP B 627 -7.67 -3.58 24.73
C ASP B 627 -6.93 -3.17 23.46
N ILE B 628 -7.44 -2.19 22.73
CA ILE B 628 -6.76 -1.67 21.54
C ILE B 628 -6.50 -0.19 21.61
N ILE B 629 -7.01 0.51 22.63
CA ILE B 629 -6.75 1.94 22.76
C ILE B 629 -5.26 2.16 22.94
N ASP B 630 -4.77 3.27 22.39
CA ASP B 630 -3.34 3.56 22.45
C ASP B 630 -2.91 3.66 23.91
N PRO B 631 -1.89 2.90 24.33
CA PRO B 631 -1.51 2.94 25.75
C PRO B 631 -0.99 4.30 26.20
N ALA B 632 -0.60 5.17 25.26
CA ALA B 632 -0.06 6.46 25.65
C ALA B 632 -1.08 7.32 26.40
N ILE B 633 -2.37 7.08 26.18
CA ILE B 633 -3.38 7.89 26.84
C ILE B 633 -3.39 7.60 28.34
N LEU B 634 -3.18 6.35 28.73
CA LEU B 634 -3.32 5.92 30.11
C LEU B 634 -2.15 6.34 30.99
N ARG B 635 -1.27 7.20 30.51
CA ARG B 635 -0.17 7.69 31.34
C ARG B 635 -0.72 8.62 32.42
N PRO B 636 0.04 8.82 33.50
CA PRO B 636 -0.53 9.55 34.66
C PRO B 636 -1.04 10.94 34.35
N GLY B 637 -0.42 11.65 33.41
CA GLY B 637 -0.78 13.03 33.18
C GLY B 637 -1.97 13.27 32.26
N ARG B 638 -2.50 12.23 31.63
CA ARG B 638 -3.53 12.41 30.60
C ARG B 638 -4.88 11.83 31.02
N LEU B 639 -4.95 10.53 31.33
CA LEU B 639 -6.20 9.92 31.77
C LEU B 639 -5.84 8.86 32.80
N ASP B 640 -5.88 9.25 34.08
CA ASP B 640 -5.32 8.41 35.14
C ASP B 640 -6.18 7.17 35.38
N GLN B 641 -7.42 7.36 35.81
CA GLN B 641 -8.21 6.27 36.34
C GLN B 641 -8.99 5.54 35.26
N LEU B 642 -9.25 4.26 35.51
CA LEU B 642 -10.14 3.45 34.69
C LEU B 642 -11.28 2.96 35.58
N ILE B 643 -12.51 3.16 35.12
CA ILE B 643 -13.69 2.77 35.85
C ILE B 643 -14.45 1.73 35.04
N TYR B 644 -14.91 0.68 35.71
CA TYR B 644 -15.61 -0.43 35.07
C TYR B 644 -17.11 -0.27 35.27
N ILE B 645 -17.87 -0.28 34.18
CA ILE B 645 -19.32 -0.16 34.22
C ILE B 645 -19.92 -1.53 33.95
N PRO B 646 -20.24 -2.32 34.97
CA PRO B 646 -20.67 -3.70 34.73
C PRO B 646 -22.12 -3.78 34.29
N LEU B 647 -22.52 -4.99 33.90
CA LEU B 647 -23.89 -5.23 33.53
C LEU B 647 -24.79 -5.08 34.76
N PRO B 648 -26.01 -4.57 34.61
CA PRO B 648 -26.87 -4.38 35.77
C PRO B 648 -27.20 -5.71 36.44
N ASP B 649 -27.38 -5.65 37.77
CA ASP B 649 -27.83 -6.80 38.53
C ASP B 649 -29.35 -6.74 38.70
N GLU B 650 -29.90 -7.65 39.51
CA GLU B 650 -31.34 -7.72 39.67
C GLU B 650 -31.91 -6.41 40.21
N LYS B 651 -31.34 -5.91 41.30
CA LYS B 651 -31.81 -4.63 41.82
C LYS B 651 -31.56 -3.52 40.81
N SER B 652 -30.41 -3.54 40.15
CA SER B 652 -30.13 -2.55 39.12
C SER B 652 -31.13 -2.64 37.98
N ARG B 653 -31.49 -3.86 37.57
CA ARG B 653 -32.47 -4.02 36.50
C ARG B 653 -33.83 -3.48 36.92
N VAL B 654 -34.23 -3.75 38.16
CA VAL B 654 -35.51 -3.21 38.64
C VAL B 654 -35.48 -1.70 38.62
N ALA B 655 -34.39 -1.10 39.08
CA ALA B 655 -34.29 0.36 39.06
C ALA B 655 -34.31 0.89 37.63
N ILE B 656 -33.63 0.21 36.71
CA ILE B 656 -33.61 0.65 35.32
C ILE B 656 -35.01 0.65 34.75
N LEU B 657 -35.76 -0.44 34.98
CA LEU B 657 -37.12 -0.52 34.48
C LEU B 657 -37.99 0.56 35.09
N LYS B 658 -37.84 0.81 36.39
CA LYS B 658 -38.61 1.87 37.01
C LYS B 658 -38.31 3.22 36.37
N ALA B 659 -37.04 3.49 36.08
CA ALA B 659 -36.66 4.79 35.54
C ALA B 659 -37.26 5.01 34.16
N ASN B 660 -37.26 3.98 33.32
CA ASN B 660 -37.67 4.15 31.93
C ASN B 660 -39.19 4.26 31.76
N LEU B 661 -39.97 3.92 32.78
CA LEU B 661 -41.43 3.94 32.69
C LEU B 661 -42.03 5.22 33.26
N ARG B 662 -41.21 6.22 33.57
CA ARG B 662 -41.73 7.49 34.06
C ARG B 662 -42.42 8.31 32.98
N LYS B 663 -42.31 7.92 31.71
CA LYS B 663 -42.91 8.66 30.61
C LYS B 663 -44.11 7.96 30.01
N SER B 664 -44.12 6.63 29.98
CA SER B 664 -45.20 5.87 29.37
C SER B 664 -46.15 5.38 30.46
N PRO B 665 -47.42 5.81 30.48
CA PRO B 665 -48.33 5.29 31.52
C PRO B 665 -48.44 3.78 31.43
N VAL B 666 -48.46 3.14 32.58
CA VAL B 666 -48.44 1.68 32.68
C VAL B 666 -49.48 1.23 33.70
N ALA B 667 -50.18 0.15 33.40
CA ALA B 667 -51.17 -0.38 34.32
C ALA B 667 -50.50 -0.84 35.61
N LYS B 668 -51.25 -0.72 36.71
CA LYS B 668 -50.69 -1.03 38.02
C LYS B 668 -50.40 -2.52 38.21
N ASP B 669 -51.03 -3.39 37.43
CA ASP B 669 -50.83 -4.82 37.61
C ASP B 669 -49.46 -5.29 37.15
N VAL B 670 -48.72 -4.47 36.41
CA VAL B 670 -47.40 -4.88 35.94
C VAL B 670 -46.49 -5.08 37.13
N ASP B 671 -45.77 -6.20 37.14
CA ASP B 671 -44.82 -6.54 38.21
C ASP B 671 -43.41 -6.42 37.66
N LEU B 672 -42.76 -5.29 37.95
CA LEU B 672 -41.41 -5.07 37.43
C LEU B 672 -40.40 -6.02 38.04
N GLU B 673 -40.60 -6.40 39.31
CA GLU B 673 -39.64 -7.30 39.96
C GLU B 673 -39.57 -8.63 39.22
N PHE B 674 -40.73 -9.21 38.93
CA PHE B 674 -40.76 -10.51 38.25
C PHE B 674 -40.12 -10.40 36.88
N LEU B 675 -40.41 -9.32 36.16
CA LEU B 675 -39.80 -9.11 34.85
C LEU B 675 -38.28 -9.02 34.95
N ALA B 676 -37.78 -8.26 35.92
CA ALA B 676 -36.33 -8.14 36.06
C ALA B 676 -35.70 -9.47 36.43
N LYS B 677 -36.43 -10.32 37.16
CA LYS B 677 -35.88 -11.60 37.56
C LYS B 677 -35.57 -12.49 36.36
N MET B 678 -36.44 -12.48 35.35
CA MET B 678 -36.31 -13.39 34.22
C MET B 678 -35.28 -12.95 33.19
N THR B 679 -34.74 -11.75 33.30
CA THR B 679 -33.73 -11.26 32.36
C THR B 679 -32.40 -11.19 33.11
N ASN B 680 -31.64 -12.29 33.06
CA ASN B 680 -30.39 -12.37 33.80
C ASN B 680 -29.32 -11.53 33.14
N GLY B 681 -28.92 -11.90 31.92
CA GLY B 681 -27.94 -11.11 31.20
C GLY B 681 -28.58 -10.17 30.21
N PHE B 682 -28.71 -8.90 30.59
CA PHE B 682 -29.38 -7.90 29.78
C PHE B 682 -28.72 -6.55 30.03
N SER B 683 -28.49 -5.80 28.97
CA SER B 683 -28.00 -4.44 29.09
C SER B 683 -29.18 -3.47 29.17
N GLY B 684 -28.89 -2.24 29.58
CA GLY B 684 -29.94 -1.25 29.70
C GLY B 684 -30.64 -1.00 28.38
N ALA B 685 -29.90 -1.00 27.28
CA ALA B 685 -30.49 -0.78 25.97
C ALA B 685 -31.56 -1.83 25.68
N ASP B 686 -31.34 -3.07 26.10
CA ASP B 686 -32.32 -4.12 25.86
C ASP B 686 -33.62 -3.84 26.62
N LEU B 687 -33.52 -3.39 27.87
CA LEU B 687 -34.72 -3.08 28.63
C LEU B 687 -35.46 -1.90 28.01
N THR B 688 -34.73 -0.88 27.56
CA THR B 688 -35.36 0.24 26.86
C THR B 688 -36.06 -0.25 25.60
N GLU B 689 -35.43 -1.17 24.87
CA GLU B 689 -36.06 -1.70 23.66
C GLU B 689 -37.33 -2.46 24.00
N ILE B 690 -37.33 -3.21 25.10
CA ILE B 690 -38.53 -3.93 25.51
C ILE B 690 -39.66 -2.94 25.80
N CYS B 691 -39.34 -1.88 26.52
CA CYS B 691 -40.37 -0.86 26.80
C CYS B 691 -40.88 -0.25 25.50
N GLN B 692 -39.97 0.05 24.57
CA GLN B 692 -40.39 0.66 23.31
C GLN B 692 -41.28 -0.28 22.51
N ARG B 693 -40.96 -1.58 22.51
CA ARG B 693 -41.79 -2.53 21.78
C ARG B 693 -43.17 -2.63 22.41
N ALA B 694 -43.25 -2.63 23.74
CA ALA B 694 -44.57 -2.64 24.38
C ALA B 694 -45.37 -1.40 24.00
N CYS B 695 -44.71 -0.24 24.01
CA CYS B 695 -45.40 0.99 23.63
C CYS B 695 -45.89 0.92 22.18
N LYS B 696 -45.04 0.40 21.29
CA LYS B 696 -45.43 0.29 19.88
C LYS B 696 -46.64 -0.62 19.72
N LEU B 697 -46.64 -1.75 20.43
CA LEU B 697 -47.79 -2.65 20.36
C LEU B 697 -49.06 -1.96 20.84
N ALA B 698 -48.95 -1.20 21.94
CA ALA B 698 -50.13 -0.49 22.44
C ALA B 698 -50.62 0.53 21.42
N ILE B 699 -49.71 1.28 20.80
CA ILE B 699 -50.12 2.27 19.81
C ILE B 699 -50.79 1.59 18.62
N ARG B 700 -50.24 0.47 18.17
CA ARG B 700 -50.84 -0.24 17.05
C ARG B 700 -52.24 -0.72 17.40
N GLU B 701 -52.42 -1.27 18.60
CA GLU B 701 -53.74 -1.73 19.00
C GLU B 701 -54.73 -0.57 19.04
N SER B 702 -54.32 0.57 19.61
CA SER B 702 -55.22 1.72 19.66
C SER B 702 -55.56 2.23 18.26
N ILE B 703 -54.57 2.25 17.37
CA ILE B 703 -54.82 2.71 16.00
C ILE B 703 -55.82 1.80 15.31
N GLU B 704 -55.65 0.49 15.46
CA GLU B 704 -56.60 -0.44 14.85
C GLU B 704 -58.00 -0.24 15.42
N SER B 705 -58.11 -0.06 16.74
CA SER B 705 -59.41 0.15 17.35
C SER B 705 -60.07 1.41 16.82
N GLU B 706 -59.29 2.49 16.68
CA GLU B 706 -59.84 3.72 16.12
C GLU B 706 -60.28 3.52 14.68
N ILE B 707 -59.50 2.77 13.90
CA ILE B 707 -59.87 2.51 12.51
C ILE B 707 -61.16 1.71 12.43
N ARG B 708 -61.38 0.81 13.39
CA ARG B 708 -62.61 0.02 13.38
C ARG B 708 -63.83 0.92 13.32
N ARG B 709 -63.92 1.90 14.23
CA ARG B 709 -65.04 2.82 14.24
C ARG B 709 -66.36 2.07 14.23
N GLU B 710 -67.35 2.57 13.50
CA GLU B 710 -68.61 1.85 13.37
C GLU B 710 -68.51 0.69 12.38
N ARG B 711 -67.66 0.82 11.37
CA ARG B 711 -67.47 -0.26 10.41
C ARG B 711 -66.41 0.18 9.40
N PRO B 729 -55.88 3.04 26.40
CA PRO B 729 -55.18 4.31 26.63
C PRO B 729 -53.90 4.15 27.45
N GLU B 730 -53.82 3.06 28.22
CA GLU B 730 -52.67 2.78 29.05
C GLU B 730 -52.22 1.33 28.83
N ILE B 731 -50.90 1.13 28.87
CA ILE B 731 -50.34 -0.18 28.56
C ILE B 731 -50.75 -1.18 29.63
N ARG B 732 -51.17 -2.37 29.19
CA ARG B 732 -51.56 -3.46 30.07
C ARG B 732 -50.43 -4.49 30.13
N ARG B 733 -50.70 -5.61 30.80
CA ARG B 733 -49.71 -6.68 30.88
C ARG B 733 -49.61 -7.44 29.57
N ASP B 734 -50.70 -7.49 28.79
CA ASP B 734 -50.68 -8.25 27.56
C ASP B 734 -49.62 -7.72 26.60
N HIS B 735 -49.48 -6.39 26.52
CA HIS B 735 -48.49 -5.82 25.61
C HIS B 735 -47.07 -6.20 26.02
N PHE B 736 -46.78 -6.18 27.32
CA PHE B 736 -45.46 -6.60 27.77
C PHE B 736 -45.22 -8.08 27.48
N GLU B 737 -46.24 -8.91 27.70
CA GLU B 737 -46.09 -10.33 27.41
C GLU B 737 -45.79 -10.55 25.93
N GLU B 738 -46.49 -9.83 25.06
CA GLU B 738 -46.21 -9.93 23.63
C GLU B 738 -44.81 -9.44 23.28
N ALA B 739 -44.41 -8.31 23.86
CA ALA B 739 -43.13 -7.72 23.50
C ALA B 739 -41.97 -8.60 23.95
N MET B 740 -42.15 -9.35 25.03
CA MET B 740 -41.05 -10.19 25.53
C MET B 740 -40.63 -11.22 24.50
N ARG B 741 -41.53 -11.60 23.58
CA ARG B 741 -41.17 -12.60 22.58
C ARG B 741 -40.01 -12.13 21.72
N PHE B 742 -39.95 -10.84 21.43
CA PHE B 742 -38.93 -10.30 20.54
C PHE B 742 -37.73 -9.73 21.28
N ALA B 743 -37.65 -9.91 22.59
CA ALA B 743 -36.48 -9.44 23.33
C ALA B 743 -35.25 -10.24 22.94
N ARG B 744 -34.07 -9.65 23.14
CA ARG B 744 -32.82 -10.30 22.79
C ARG B 744 -31.73 -9.80 23.73
N ARG B 745 -30.57 -10.47 23.67
CA ARG B 745 -29.41 -10.13 24.49
C ARG B 745 -28.30 -9.66 23.56
N SER B 746 -27.97 -8.36 23.64
CA SER B 746 -26.98 -7.80 22.74
C SER B 746 -25.60 -8.39 22.97
N VAL B 747 -25.21 -8.57 24.23
CA VAL B 747 -23.86 -8.99 24.59
C VAL B 747 -23.86 -10.49 24.84
N SER B 748 -22.99 -11.20 24.13
CA SER B 748 -22.85 -12.63 24.33
C SER B 748 -22.07 -12.92 25.61
N ASP B 749 -22.24 -14.14 26.12
CA ASP B 749 -21.58 -14.51 27.37
C ASP B 749 -20.07 -14.46 27.25
N ASN B 750 -19.53 -14.71 26.05
CA ASN B 750 -18.08 -14.66 25.88
C ASN B 750 -17.55 -13.26 26.15
N ASP B 751 -18.27 -12.24 25.71
CA ASP B 751 -17.82 -10.87 25.94
C ASP B 751 -17.82 -10.53 27.42
N ILE B 752 -18.86 -10.96 28.15
CA ILE B 752 -18.90 -10.72 29.59
C ILE B 752 -17.74 -11.45 30.26
N ARG B 753 -17.45 -12.67 29.82
CA ARG B 753 -16.32 -13.41 30.38
C ARG B 753 -15.02 -12.66 30.14
N LYS B 754 -14.83 -12.13 28.93
CA LYS B 754 -13.61 -11.40 28.62
C LYS B 754 -13.48 -10.15 29.48
N TYR B 755 -14.57 -9.40 29.64
CA TYR B 755 -14.52 -8.19 30.46
C TYR B 755 -14.22 -8.53 31.91
N GLU B 756 -14.84 -9.59 32.45
CA GLU B 756 -14.54 -10.01 33.80
C GLU B 756 -13.08 -10.43 33.93
N MET B 757 -12.54 -11.09 32.91
CA MET B 757 -11.13 -11.47 32.96
C MET B 757 -10.24 -10.23 32.97
N PHE B 758 -10.61 -9.20 32.20
CA PHE B 758 -9.85 -7.95 32.21
C PHE B 758 -9.86 -7.32 33.60
N ALA B 759 -11.04 -7.23 34.20
CA ALA B 759 -11.14 -6.65 35.54
C ALA B 759 -10.33 -7.45 36.55
N GLN B 760 -10.42 -8.78 36.48
CA GLN B 760 -9.65 -9.62 37.39
C GLN B 760 -8.16 -9.47 37.16
N THR B 761 -7.73 -9.30 35.91
CA THR B 761 -6.31 -9.07 35.63
C THR B 761 -5.83 -7.79 36.30
N LEU B 762 -6.62 -6.71 36.17
CA LEU B 762 -6.22 -5.47 36.82
C LEU B 762 -6.20 -5.63 38.35
N GLN B 763 -7.20 -6.31 38.90
CA GLN B 763 -7.25 -6.47 40.35
C GLN B 763 -6.13 -7.38 40.87
N GLN B 764 -5.68 -8.32 40.04
CA GLN B 764 -4.53 -9.14 40.43
C GLN B 764 -3.24 -8.32 40.36
N SER B 765 -3.10 -7.50 39.31
CA SER B 765 -1.96 -6.59 39.25
C SER B 765 -1.94 -5.66 40.45
N ARG B 766 -3.10 -5.35 41.01
CA ARG B 766 -3.16 -4.54 42.22
C ARG B 766 -2.34 -5.19 43.33
N GLY B 767 -2.77 -6.37 43.79
CA GLY B 767 -2.00 -7.09 44.77
C GLY B 767 -1.88 -6.36 46.10
N PHE B 768 -0.86 -6.75 46.86
CA PHE B 768 -0.56 -6.13 48.15
C PHE B 768 -1.76 -6.21 49.09
N GLY B 769 -2.15 -7.46 49.41
CA GLY B 769 -3.26 -7.68 50.32
C GLY B 769 -2.90 -7.57 51.78
N SER B 770 -1.62 -7.62 52.12
CA SER B 770 -1.15 -7.59 53.50
C SER B 770 -0.18 -6.43 53.66
N PHE B 771 -0.47 -5.53 54.59
CA PHE B 771 0.40 -4.39 54.85
C PHE B 771 -0.04 -3.76 56.16
N ARG B 772 0.90 -3.58 57.09
CA ARG B 772 0.60 -2.91 58.35
C ARG B 772 1.90 -2.52 59.01
N PHE B 773 2.01 -1.25 59.40
CA PHE B 773 3.21 -0.78 60.06
C PHE B 773 3.30 -1.39 61.46
N PRO B 774 4.50 -1.45 62.04
CA PRO B 774 4.67 -2.07 63.36
C PRO B 774 3.77 -1.46 64.44
N GLU C 466 3.57 27.41 21.99
CA GLU C 466 4.83 27.23 21.29
C GLU C 466 5.91 26.72 22.25
N THR C 467 7.11 26.51 21.73
CA THR C 467 8.18 25.96 22.53
C THR C 467 8.48 26.87 23.71
N VAL C 468 8.85 26.26 24.84
CA VAL C 468 9.20 26.99 26.06
C VAL C 468 10.68 26.72 26.34
N VAL C 469 11.44 27.79 26.54
CA VAL C 469 12.87 27.71 26.81
C VAL C 469 13.14 28.40 28.12
N GLU C 470 13.66 27.66 29.09
CA GLU C 470 13.89 28.20 30.42
C GLU C 470 14.96 27.36 31.11
N VAL C 471 15.21 27.68 32.37
CA VAL C 471 16.16 26.93 33.20
C VAL C 471 15.36 26.04 34.14
N PRO C 472 15.41 24.72 34.00
CA PRO C 472 14.56 23.87 34.83
C PRO C 472 14.84 24.08 36.31
N GLN C 473 13.79 23.98 37.11
CA GLN C 473 13.91 24.24 38.55
C GLN C 473 14.49 23.05 39.30
N VAL C 474 14.25 21.83 38.84
CA VAL C 474 14.65 20.65 39.59
C VAL C 474 16.16 20.62 39.75
N THR C 475 16.62 20.29 40.95
CA THR C 475 18.03 20.26 41.29
C THR C 475 18.46 18.82 41.53
N TRP C 476 19.76 18.66 41.85
CA TRP C 476 20.29 17.33 42.06
C TRP C 476 19.61 16.64 43.23
N GLU C 477 19.33 17.40 44.30
CA GLU C 477 18.75 16.79 45.49
C GLU C 477 17.42 16.13 45.19
N ASP C 478 16.67 16.62 44.20
CA ASP C 478 15.36 16.05 43.92
C ASP C 478 15.49 14.59 43.51
N ILE C 479 16.51 14.25 42.75
CA ILE C 479 16.70 12.90 42.24
C ILE C 479 17.40 12.07 43.31
N GLY C 480 16.84 10.90 43.61
CA GLY C 480 17.40 10.01 44.62
C GLY C 480 18.15 8.87 43.97
N GLY C 481 19.39 8.66 44.41
CA GLY C 481 20.21 7.61 43.86
C GLY C 481 20.85 8.00 42.55
N LEU C 482 21.40 7.00 41.88
CA LEU C 482 22.04 7.18 40.57
C LEU C 482 23.30 8.03 40.70
N GLU C 483 24.11 7.74 41.71
CA GLU C 483 25.32 8.53 41.92
C GLU C 483 26.27 8.42 40.73
N ASP C 484 26.47 7.21 40.21
CA ASP C 484 27.38 7.05 39.08
C ASP C 484 26.91 7.82 37.87
N VAL C 485 25.61 7.77 37.57
CA VAL C 485 25.10 8.50 36.41
C VAL C 485 25.25 10.00 36.63
N LYS C 486 25.03 10.47 37.85
CA LYS C 486 25.23 11.88 38.14
C LYS C 486 26.67 12.29 37.86
N ARG C 487 27.63 11.50 38.36
CA ARG C 487 29.03 11.83 38.16
C ARG C 487 29.39 11.82 36.68
N GLU C 488 28.91 10.82 35.94
CA GLU C 488 29.24 10.72 34.52
C GLU C 488 28.64 11.87 33.73
N LEU C 489 27.38 12.24 34.02
CA LEU C 489 26.78 13.37 33.33
C LEU C 489 27.52 14.66 33.65
N GLN C 490 27.93 14.83 34.90
CA GLN C 490 28.76 15.99 35.23
C GLN C 490 30.01 16.00 34.38
N GLU C 491 30.73 14.87 34.34
CA GLU C 491 31.95 14.80 33.54
C GLU C 491 31.68 15.18 32.09
N LEU C 492 30.54 14.75 31.55
CA LEU C 492 30.29 14.97 30.14
C LEU C 492 29.92 16.42 29.84
N VAL C 493 29.14 17.05 30.70
CA VAL C 493 28.58 18.37 30.42
C VAL C 493 29.42 19.48 31.02
N GLN C 494 29.69 19.44 32.33
CA GLN C 494 30.39 20.55 32.97
C GLN C 494 31.79 20.74 32.42
N TYR C 495 32.55 19.66 32.30
CA TYR C 495 33.98 19.79 32.04
C TYR C 495 34.27 20.50 30.73
N PRO C 496 33.63 20.18 29.60
CA PRO C 496 34.00 20.85 28.34
C PRO C 496 33.90 22.36 28.39
N VAL C 497 32.86 22.91 29.02
CA VAL C 497 32.70 24.36 29.02
C VAL C 497 33.69 25.01 29.98
N GLU C 498 33.93 24.39 31.13
CA GLU C 498 34.72 25.04 32.17
C GLU C 498 36.20 25.12 31.77
N HIS C 499 36.77 24.03 31.27
CA HIS C 499 38.20 23.94 31.02
C HIS C 499 38.46 23.47 29.59
N PRO C 500 38.12 24.28 28.59
CA PRO C 500 38.46 23.92 27.21
C PRO C 500 39.95 23.84 26.96
N ASP C 501 40.76 24.46 27.81
CA ASP C 501 42.20 24.47 27.59
C ASP C 501 42.77 23.05 27.60
N LYS C 502 42.32 22.22 28.54
CA LYS C 502 42.82 20.85 28.60
C LYS C 502 42.46 20.08 27.34
N PHE C 503 41.23 20.23 26.86
CA PHE C 503 40.82 19.53 25.65
C PHE C 503 41.64 20.00 24.45
N LEU C 504 41.91 21.29 24.36
CA LEU C 504 42.77 21.79 23.30
C LEU C 504 44.17 21.18 23.41
N LYS C 505 44.70 21.11 24.63
CA LYS C 505 46.05 20.58 24.82
C LYS C 505 46.12 19.12 24.37
N PHE C 506 45.13 18.32 24.75
CA PHE C 506 45.11 16.92 24.38
C PHE C 506 44.49 16.66 23.01
N GLY C 507 43.96 17.70 22.37
CA GLY C 507 43.42 17.54 21.04
C GLY C 507 42.24 16.59 20.94
N MET C 508 41.52 16.38 22.03
CA MET C 508 40.35 15.51 22.03
C MET C 508 39.11 16.34 21.74
N THR C 509 38.18 15.76 20.98
CA THR C 509 36.94 16.42 20.64
C THR C 509 35.87 16.09 21.67
N PRO C 510 35.25 17.06 22.32
CA PRO C 510 34.23 16.74 23.33
C PRO C 510 33.07 15.95 22.73
N SER C 511 32.52 15.04 23.53
CA SER C 511 31.39 14.24 23.09
C SER C 511 30.17 15.13 22.88
N LYS C 512 29.40 14.80 21.84
CA LYS C 512 28.28 15.65 21.44
C LYS C 512 27.01 15.36 22.22
N GLY C 513 26.67 14.09 22.45
CA GLY C 513 25.42 13.77 23.09
C GLY C 513 25.48 12.46 23.84
N VAL C 514 24.35 12.10 24.45
CA VAL C 514 24.21 10.89 25.24
C VAL C 514 22.87 10.25 24.90
N LEU C 515 22.71 9.00 25.30
CA LEU C 515 21.46 8.27 25.07
C LEU C 515 21.12 7.49 26.33
N PHE C 516 20.01 7.84 26.96
CA PHE C 516 19.52 7.08 28.11
C PHE C 516 18.58 5.98 27.63
N TYR C 517 18.76 4.78 28.17
CA TYR C 517 17.86 3.67 27.85
C TYR C 517 17.56 2.90 29.13
N GLY C 518 16.30 2.57 29.32
CA GLY C 518 15.87 1.85 30.51
C GLY C 518 14.36 1.76 30.58
N PRO C 519 13.85 1.06 31.61
CA PRO C 519 12.40 0.91 31.73
C PRO C 519 11.75 2.25 32.01
N PRO C 520 10.47 2.41 31.64
CA PRO C 520 9.83 3.72 31.79
C PRO C 520 9.69 4.14 33.24
N GLY C 521 9.64 5.44 33.45
CA GLY C 521 9.43 5.99 34.77
C GLY C 521 10.55 5.73 35.76
N CYS C 522 11.80 5.92 35.35
CA CYS C 522 12.94 5.68 36.21
C CYS C 522 13.77 6.91 36.51
N GLY C 523 13.56 8.03 35.80
CA GLY C 523 14.29 9.24 36.11
C GLY C 523 15.17 9.77 35.00
N LYS C 524 14.75 9.60 33.75
CA LYS C 524 15.53 10.11 32.62
C LYS C 524 15.30 11.60 32.43
N THR C 525 14.05 12.00 32.18
CA THR C 525 13.76 13.42 32.03
C THR C 525 14.21 14.20 33.25
N LEU C 526 14.05 13.62 34.44
CA LEU C 526 14.50 14.28 35.65
C LEU C 526 16.00 14.49 35.64
N LEU C 527 16.76 13.49 35.18
CA LEU C 527 18.21 13.65 35.09
C LEU C 527 18.59 14.74 34.10
N ALA C 528 17.92 14.78 32.95
CA ALA C 528 18.23 15.81 31.97
C ALA C 528 17.96 17.20 32.55
N LYS C 529 16.81 17.36 33.20
CA LYS C 529 16.50 18.66 33.81
C LYS C 529 17.50 19.02 34.89
N ALA C 530 17.90 18.04 35.70
CA ALA C 530 18.83 18.32 36.78
C ALA C 530 20.18 18.78 36.25
N ILE C 531 20.68 18.11 35.21
CA ILE C 531 21.97 18.53 34.65
C ILE C 531 21.85 19.90 34.01
N ALA C 532 20.74 20.16 33.32
CA ALA C 532 20.55 21.48 32.73
C ALA C 532 20.56 22.56 33.81
N ASN C 533 19.85 22.31 34.91
CA ASN C 533 19.82 23.29 35.99
C ASN C 533 21.20 23.50 36.60
N GLU C 534 21.93 22.42 36.82
CA GLU C 534 23.25 22.55 37.43
C GLU C 534 24.19 23.34 36.53
N CYS C 535 24.17 23.06 35.22
CA CYS C 535 24.96 23.84 34.29
C CYS C 535 24.40 25.24 34.07
N GLN C 536 23.20 25.53 34.58
CA GLN C 536 22.57 26.84 34.42
C GLN C 536 22.43 27.19 32.95
N ALA C 537 21.85 26.27 32.17
CA ALA C 537 21.67 26.45 30.75
C ALA C 537 20.22 26.19 30.39
N ASN C 538 19.79 26.77 29.28
CA ASN C 538 18.41 26.61 28.84
C ASN C 538 18.13 25.16 28.49
N PHE C 539 16.87 24.75 28.65
CA PHE C 539 16.45 23.39 28.43
C PHE C 539 15.27 23.38 27.47
N ILE C 540 15.40 22.64 26.37
CA ILE C 540 14.35 22.51 25.37
C ILE C 540 13.92 21.06 25.30
N SER C 541 12.62 20.82 25.46
CA SER C 541 12.08 19.47 25.48
C SER C 541 11.25 19.24 24.23
N ILE C 542 11.42 18.08 23.61
CA ILE C 542 10.68 17.70 22.41
C ILE C 542 10.05 16.34 22.70
N LYS C 543 8.78 16.33 23.08
CA LYS C 543 8.12 15.10 23.47
C LYS C 543 7.85 14.23 22.24
N GLY C 544 7.47 12.97 22.49
CA GLY C 544 7.18 12.03 21.44
C GLY C 544 6.01 12.41 20.55
N PRO C 545 4.91 12.90 21.11
CA PRO C 545 3.78 13.30 20.25
C PRO C 545 4.16 14.34 19.21
N GLU C 546 5.09 15.24 19.51
CA GLU C 546 5.53 16.20 18.50
C GLU C 546 6.25 15.49 17.35
N LEU C 547 7.11 14.53 17.67
CA LEU C 547 7.77 13.76 16.61
C LEU C 547 6.75 13.00 15.77
N LEU C 548 5.76 12.39 16.42
CA LEU C 548 4.73 11.68 15.66
C LEU C 548 3.91 12.63 14.79
N THR C 549 3.65 13.84 15.29
CA THR C 549 2.96 14.83 14.46
C THR C 549 3.80 15.19 13.24
N MET C 550 5.11 15.33 13.42
CA MET C 550 5.97 15.60 12.28
C MET C 550 5.92 14.46 11.28
N TRP C 551 5.90 13.22 11.77
CA TRP C 551 5.86 12.07 10.87
C TRP C 551 4.54 12.00 10.11
N PHE C 552 3.42 12.09 10.82
CA PHE C 552 2.12 11.93 10.16
C PHE C 552 1.87 13.05 9.16
N GLY C 553 2.17 14.29 9.53
CA GLY C 553 1.95 15.40 8.63
C GLY C 553 2.91 15.46 7.47
N GLU C 554 3.91 14.59 7.44
CA GLU C 554 4.91 14.54 6.37
C GLU C 554 5.65 15.86 6.23
N SER C 555 5.67 16.66 7.30
CA SER C 555 6.38 17.93 7.31
C SER C 555 7.55 17.79 8.29
N GLU C 556 8.65 17.25 7.79
CA GLU C 556 9.84 17.03 8.60
C GLU C 556 10.80 18.21 8.55
N ALA C 557 10.49 19.25 7.79
CA ALA C 557 11.37 20.41 7.68
C ALA C 557 11.41 21.24 8.94
N ASN C 558 10.54 20.98 9.91
CA ASN C 558 10.52 21.75 11.14
C ASN C 558 11.67 21.41 12.07
N VAL C 559 12.33 20.27 11.89
CA VAL C 559 13.45 19.91 12.77
C VAL C 559 14.56 20.94 12.64
N ARG C 560 14.78 21.44 11.42
CA ARG C 560 15.75 22.50 11.23
C ARG C 560 15.42 23.70 12.11
N GLU C 561 14.14 24.05 12.21
CA GLU C 561 13.75 25.18 13.06
C GLU C 561 14.03 24.89 14.53
N ILE C 562 13.77 23.67 14.99
CA ILE C 562 14.04 23.33 16.38
C ILE C 562 15.53 23.46 16.67
N PHE C 563 16.36 22.94 15.78
CA PHE C 563 17.79 23.01 16.01
C PHE C 563 18.29 24.45 15.97
N ASP C 564 17.76 25.27 15.06
CA ASP C 564 18.14 26.67 15.03
C ASP C 564 17.75 27.37 16.32
N LYS C 565 16.55 27.09 16.82
CA LYS C 565 16.11 27.69 18.09
C LYS C 565 17.03 27.27 19.22
N ALA C 566 17.43 26.00 19.26
CA ALA C 566 18.36 25.55 20.28
C ALA C 566 19.70 26.28 20.17
N ARG C 567 20.18 26.44 18.94
CA ARG C 567 21.46 27.14 18.74
C ARG C 567 21.37 28.58 19.21
N GLN C 568 20.23 29.24 18.99
CA GLN C 568 20.11 30.65 19.32
C GLN C 568 20.32 30.91 20.81
N ALA C 569 19.96 29.96 21.67
CA ALA C 569 19.94 30.16 23.11
C ALA C 569 21.00 29.33 23.82
N ALA C 570 22.18 29.19 23.22
CA ALA C 570 23.24 28.43 23.86
C ALA C 570 23.76 29.18 25.08
N PRO C 571 24.25 28.46 26.10
CA PRO C 571 24.35 27.00 26.22
C PRO C 571 22.98 26.37 26.45
N CYS C 572 22.77 25.15 25.95
CA CYS C 572 21.46 24.52 26.03
C CYS C 572 21.64 23.02 25.99
N VAL C 573 20.61 22.30 26.42
CA VAL C 573 20.55 20.85 26.28
C VAL C 573 19.24 20.52 25.59
N LEU C 574 19.34 19.88 24.42
CA LEU C 574 18.17 19.54 23.63
C LEU C 574 17.77 18.11 23.94
N PHE C 575 16.59 17.93 24.54
CA PHE C 575 16.16 16.64 25.04
C PHE C 575 15.10 16.06 24.11
N PHE C 576 15.42 14.93 23.49
CA PHE C 576 14.51 14.25 22.55
C PHE C 576 13.85 13.09 23.29
N ASP C 577 12.76 13.36 23.98
CA ASP C 577 12.06 12.32 24.72
C ASP C 577 11.47 11.29 23.77
N GLU C 578 11.44 10.04 24.19
CA GLU C 578 10.84 8.95 23.43
C GLU C 578 11.28 8.98 21.97
N LEU C 579 12.58 8.79 21.78
CA LEU C 579 13.15 8.79 20.43
C LEU C 579 12.73 7.58 19.61
N ASP C 580 12.10 6.58 20.23
CA ASP C 580 11.68 5.38 19.54
C ASP C 580 10.22 5.41 19.10
N SER C 581 9.52 6.53 19.30
CA SER C 581 8.08 6.54 19.09
C SER C 581 7.73 6.21 17.65
N ILE C 582 8.46 6.79 16.69
CA ILE C 582 8.14 6.56 15.28
C ILE C 582 8.32 5.09 14.93
N ALA C 583 9.38 4.47 15.44
CA ALA C 583 9.61 3.05 15.15
C ALA C 583 8.46 2.20 15.66
N LYS C 584 7.99 2.47 16.88
CA LYS C 584 6.85 1.73 17.41
C LYS C 584 5.59 1.96 16.58
N ALA C 585 5.36 3.21 16.17
CA ALA C 585 4.12 3.54 15.49
C ALA C 585 3.96 2.76 14.19
N ARG C 586 5.06 2.32 13.59
CA ARG C 586 5.01 1.59 12.33
C ARG C 586 5.23 0.09 12.52
N GLY C 587 5.10 -0.41 13.74
CA GLY C 587 5.17 -1.84 13.98
C GLY C 587 6.21 -2.24 14.99
N GLY C 588 7.39 -1.63 14.93
CA GLY C 588 8.47 -1.96 15.83
C GLY C 588 9.34 -3.09 15.32
N ASP C 592 6.76 -3.99 10.57
CA ASP C 592 7.12 -2.90 9.67
C ASP C 592 7.69 -3.44 8.37
N GLY C 593 7.01 -3.15 7.25
CA GLY C 593 7.48 -3.64 5.96
C GLY C 593 8.86 -3.09 5.60
N GLY C 594 9.10 -1.82 5.92
CA GLY C 594 10.33 -1.17 5.56
C GLY C 594 11.46 -1.50 6.51
N GLY C 595 12.54 -0.74 6.38
CA GLY C 595 13.74 -0.93 7.18
C GLY C 595 13.70 -0.12 8.46
N ALA C 596 14.87 0.29 8.92
CA ALA C 596 15.03 0.95 10.20
C ALA C 596 15.16 2.47 10.09
N ALA C 597 14.98 3.03 8.90
CA ALA C 597 15.16 4.45 8.68
C ALA C 597 13.82 5.10 8.37
N ASP C 598 13.48 6.15 9.10
CA ASP C 598 12.26 6.92 8.90
C ASP C 598 12.61 8.30 8.37
N ARG C 599 11.59 9.13 8.19
CA ARG C 599 11.76 10.43 7.55
C ARG C 599 11.99 11.57 8.53
N VAL C 600 11.95 11.32 9.82
CA VAL C 600 12.22 12.33 10.84
C VAL C 600 13.59 12.14 11.47
N ILE C 601 13.91 10.91 11.86
CA ILE C 601 15.23 10.62 12.40
C ILE C 601 16.31 10.98 11.38
N ASN C 602 16.00 10.81 10.09
CA ASN C 602 16.96 11.20 9.07
C ASN C 602 17.30 12.69 9.18
N GLN C 603 16.28 13.54 9.25
CA GLN C 603 16.52 14.96 9.38
C GLN C 603 17.22 15.29 10.68
N ILE C 604 16.85 14.62 11.77
CA ILE C 604 17.48 14.87 13.05
C ILE C 604 18.98 14.62 12.96
N LEU C 605 19.38 13.48 12.43
CA LEU C 605 20.81 13.16 12.38
C LEU C 605 21.52 14.00 11.33
N THR C 606 20.84 14.40 10.25
CA THR C 606 21.46 15.32 9.31
C THR C 606 21.80 16.65 9.99
N GLU C 607 20.84 17.23 10.70
CA GLU C 607 21.10 18.48 11.40
C GLU C 607 22.17 18.30 12.46
N MET C 608 22.15 17.17 13.16
CA MET C 608 23.17 16.91 14.18
C MET C 608 24.56 16.87 13.56
N ASP C 609 24.70 16.24 12.39
CA ASP C 609 25.99 16.24 11.70
C ASP C 609 26.37 17.66 11.28
N GLY C 610 25.39 18.45 10.86
CA GLY C 610 25.68 19.78 10.35
C GLY C 610 25.94 20.86 11.36
N MET C 611 25.91 20.54 12.66
CA MET C 611 26.10 21.55 13.68
C MET C 611 27.58 21.74 13.99
N SER C 612 27.88 22.85 14.66
CA SER C 612 29.25 23.25 14.97
C SER C 612 29.57 22.99 16.43
N THR C 613 30.72 22.36 16.69
CA THR C 613 31.14 22.10 18.05
C THR C 613 31.53 23.37 18.81
N LYS C 614 31.68 24.49 18.11
CA LYS C 614 32.00 25.74 18.80
C LYS C 614 30.91 26.10 19.80
N LYS C 615 29.64 25.94 19.41
CA LYS C 615 28.54 26.21 20.31
C LYS C 615 28.42 25.11 21.35
N ASN C 616 27.87 25.45 22.51
CA ASN C 616 27.65 24.50 23.59
C ASN C 616 26.22 23.98 23.58
N VAL C 617 25.85 23.33 22.49
CA VAL C 617 24.54 22.68 22.37
C VAL C 617 24.74 21.19 22.59
N PHE C 618 24.08 20.65 23.61
CA PHE C 618 24.26 19.27 24.03
C PHE C 618 22.97 18.51 23.78
N ILE C 619 23.04 17.45 23.00
CA ILE C 619 21.86 16.68 22.62
C ILE C 619 21.78 15.44 23.50
N ILE C 620 20.60 15.21 24.08
CA ILE C 620 20.34 14.06 24.92
C ILE C 620 19.09 13.36 24.41
N GLY C 621 19.16 12.05 24.27
CA GLY C 621 18.02 11.27 23.83
C GLY C 621 17.62 10.27 24.90
N ALA C 622 16.33 9.98 24.97
CA ALA C 622 15.80 9.05 25.95
C ALA C 622 14.88 8.06 25.25
N THR C 623 15.01 6.78 25.59
CA THR C 623 14.15 5.75 25.05
C THR C 623 13.97 4.67 26.10
N ASN C 624 12.90 3.90 25.94
CA ASN C 624 12.64 2.74 26.79
C ASN C 624 12.50 1.48 25.94
N ARG C 625 13.17 1.45 24.80
CA ARG C 625 13.11 0.34 23.86
C ARG C 625 14.34 0.39 22.96
N PRO C 626 15.53 0.18 23.51
CA PRO C 626 16.77 0.38 22.75
C PRO C 626 17.17 -0.80 21.87
N ASP C 627 16.19 -1.34 21.14
CA ASP C 627 16.44 -2.42 20.20
C ASP C 627 15.83 -2.16 18.84
N ILE C 628 14.98 -1.14 18.69
CA ILE C 628 14.47 -0.72 17.39
C ILE C 628 15.00 0.64 16.98
N ILE C 629 15.78 1.31 17.83
CA ILE C 629 16.35 2.59 17.47
C ILE C 629 17.23 2.41 16.24
N ASP C 630 17.14 3.36 15.32
CA ASP C 630 17.92 3.27 14.10
C ASP C 630 19.41 3.23 14.44
N PRO C 631 20.15 2.23 13.97
CA PRO C 631 21.56 2.15 14.37
C PRO C 631 22.41 3.31 13.90
N ALA C 632 21.94 4.07 12.91
CA ALA C 632 22.76 5.16 12.38
C ALA C 632 23.01 6.23 13.44
N ILE C 633 22.14 6.34 14.44
CA ILE C 633 22.33 7.36 15.46
C ILE C 633 23.54 7.05 16.32
N LEU C 634 23.77 5.77 16.60
CA LEU C 634 24.81 5.37 17.56
C LEU C 634 26.20 5.40 16.97
N ARG C 635 26.40 6.00 15.81
CA ARG C 635 27.74 6.13 15.26
C ARG C 635 28.56 7.12 16.08
N PRO C 636 29.89 7.06 15.99
CA PRO C 636 30.72 7.83 16.93
C PRO C 636 30.46 9.33 16.90
N GLY C 637 30.09 9.89 15.74
CA GLY C 637 29.95 11.32 15.63
C GLY C 637 28.63 11.92 16.07
N ARG C 638 27.62 11.10 16.38
CA ARG C 638 26.28 11.60 16.63
C ARG C 638 25.84 11.38 18.08
N LEU C 639 25.83 10.13 18.55
CA LEU C 639 25.45 9.84 19.93
C LEU C 639 26.26 8.61 20.36
N ASP C 640 27.42 8.87 20.96
CA ASP C 640 28.36 7.78 21.20
C ASP C 640 27.97 6.95 22.42
N GLN C 641 27.90 7.57 23.58
CA GLN C 641 27.76 6.82 24.82
C GLN C 641 26.33 6.33 25.02
N LEU C 642 26.22 5.21 25.72
CA LEU C 642 24.94 4.66 26.13
C LEU C 642 24.96 4.50 27.65
N ILE C 643 23.97 5.07 28.33
CA ILE C 643 23.87 5.00 29.77
C ILE C 643 22.61 4.22 30.13
N TYR C 644 22.74 3.34 31.12
CA TYR C 644 21.65 2.49 31.57
C TYR C 644 21.10 3.03 32.88
N ILE C 645 19.78 3.21 32.94
CA ILE C 645 19.11 3.71 34.14
C ILE C 645 18.34 2.56 34.78
N PRO C 646 18.86 1.93 35.83
CA PRO C 646 18.21 0.73 36.36
C PRO C 646 17.08 1.05 37.31
N LEU C 647 16.36 -0.01 37.71
CA LEU C 647 15.32 0.14 38.71
C LEU C 647 15.94 0.53 40.05
N PRO C 648 15.29 1.39 40.84
CA PRO C 648 15.85 1.76 42.14
C PRO C 648 16.00 0.56 43.05
N ASP C 649 17.03 0.59 43.89
CA ASP C 649 17.22 -0.40 44.92
C ASP C 649 16.64 0.10 46.25
N GLU C 650 16.88 -0.66 47.33
CA GLU C 650 16.27 -0.34 48.61
C GLU C 650 16.68 1.06 49.08
N LYS C 651 17.98 1.34 49.11
CA LYS C 651 18.42 2.67 49.49
C LYS C 651 17.90 3.70 48.50
N SER C 652 17.92 3.37 47.21
CA SER C 652 17.40 4.29 46.20
C SER C 652 15.91 4.54 46.42
N ARG C 653 15.14 3.50 46.72
CA ARG C 653 13.71 3.68 46.94
C ARG C 653 13.45 4.53 48.18
N VAL C 654 14.25 4.33 49.24
CA VAL C 654 14.10 5.18 50.42
C VAL C 654 14.37 6.63 50.05
N ALA C 655 15.41 6.87 49.25
CA ALA C 655 15.70 8.24 48.84
C ALA C 655 14.57 8.82 48.01
N ILE C 656 13.99 8.02 47.11
CA ILE C 656 12.89 8.51 46.29
C ILE C 656 11.72 8.90 47.18
N LEU C 657 11.37 8.03 48.13
CA LEU C 657 10.25 8.35 49.00
C LEU C 657 10.51 9.60 49.82
N LYS C 658 11.73 9.76 50.31
CA LYS C 658 12.07 10.99 51.04
C LYS C 658 11.90 12.20 50.14
N ALA C 659 12.36 12.11 48.89
CA ALA C 659 12.33 13.27 48.01
C ALA C 659 10.90 13.71 47.70
N ASN C 660 10.00 12.76 47.45
CA ASN C 660 8.65 13.09 47.00
C ASN C 660 7.76 13.63 48.11
N LEU C 661 8.13 13.45 49.37
CA LEU C 661 7.30 13.89 50.49
C LEU C 661 7.72 15.24 51.04
N ARG C 662 8.58 15.97 50.34
CA ARG C 662 8.96 17.30 50.79
C ARG C 662 7.83 18.30 50.69
N LYS C 663 6.80 18.01 49.88
CA LYS C 663 5.70 18.94 49.67
C LYS C 663 4.44 18.59 50.45
N SER C 664 4.23 17.32 50.77
CA SER C 664 3.03 16.89 51.48
C SER C 664 3.37 16.64 52.95
N PRO C 665 2.81 17.40 53.89
CA PRO C 665 3.11 17.12 55.30
C PRO C 665 2.71 15.70 55.67
N VAL C 666 3.56 15.06 56.48
CA VAL C 666 3.40 13.66 56.84
C VAL C 666 3.60 13.50 58.33
N ALA C 667 2.77 12.67 58.96
CA ALA C 667 2.95 12.36 60.37
C ALA C 667 4.28 11.64 60.58
N LYS C 668 4.89 11.89 61.74
CA LYS C 668 6.24 11.41 61.99
C LYS C 668 6.31 9.92 62.29
N ASP C 669 5.17 9.26 62.51
CA ASP C 669 5.20 7.83 62.76
C ASP C 669 5.36 7.00 61.49
N VAL C 670 5.31 7.62 60.31
CA VAL C 670 5.50 6.89 59.07
C VAL C 670 6.92 6.37 58.99
N ASP C 671 7.07 5.09 58.64
CA ASP C 671 8.37 4.44 58.49
C ASP C 671 8.61 4.25 56.99
N LEU C 672 9.41 5.13 56.41
CA LEU C 672 9.71 5.02 54.99
C LEU C 672 10.56 3.79 54.68
N GLU C 673 11.44 3.41 55.60
CA GLU C 673 12.31 2.26 55.36
C GLU C 673 11.48 1.00 55.15
N PHE C 674 10.50 0.77 56.03
CA PHE C 674 9.68 -0.43 55.91
C PHE C 674 8.88 -0.42 54.61
N LEU C 675 8.32 0.73 54.25
CA LEU C 675 7.57 0.81 53.00
C LEU C 675 8.47 0.52 51.81
N ALA C 676 9.70 1.04 51.81
CA ALA C 676 10.62 0.78 50.72
C ALA C 676 10.99 -0.70 50.66
N LYS C 677 11.08 -1.35 51.81
CA LYS C 677 11.46 -2.75 51.84
C LYS C 677 10.43 -3.62 51.12
N MET C 678 9.15 -3.34 51.32
CA MET C 678 8.08 -4.19 50.79
C MET C 678 7.86 -4.04 49.30
N THR C 679 8.29 -2.93 48.70
CA THR C 679 8.12 -2.68 47.27
C THR C 679 9.44 -3.05 46.58
N ASN C 680 9.54 -4.31 46.15
CA ASN C 680 10.79 -4.79 45.58
C ASN C 680 10.98 -4.30 44.15
N GLY C 681 10.09 -4.71 43.26
CA GLY C 681 10.15 -4.21 41.89
C GLY C 681 9.19 -3.08 41.65
N PHE C 682 9.69 -1.85 41.72
CA PHE C 682 8.86 -0.65 41.61
C PHE C 682 9.66 0.43 40.90
N SER C 683 9.01 1.12 39.98
CA SER C 683 9.61 2.30 39.35
C SER C 683 9.26 3.54 40.15
N GLY C 684 9.97 4.63 39.86
CA GLY C 684 9.72 5.87 40.58
C GLY C 684 8.29 6.35 40.42
N ALA C 685 7.74 6.17 39.22
CA ALA C 685 6.36 6.60 38.98
C ALA C 685 5.40 5.91 39.91
N ASP C 686 5.65 4.63 40.23
CA ASP C 686 4.75 3.92 41.14
C ASP C 686 4.79 4.51 42.55
N LEU C 687 5.98 4.85 43.04
CA LEU C 687 6.07 5.46 44.36
C LEU C 687 5.40 6.84 44.37
N THR C 688 5.59 7.60 43.30
CA THR C 688 4.88 8.88 43.21
C THR C 688 3.37 8.66 43.23
N GLU C 689 2.89 7.66 42.50
CA GLU C 689 1.45 7.38 42.49
C GLU C 689 0.96 7.00 43.87
N ILE C 690 1.75 6.23 44.62
CA ILE C 690 1.36 5.87 45.97
C ILE C 690 1.21 7.13 46.83
N CYS C 691 2.17 8.05 46.71
CA CYS C 691 2.07 9.29 47.46
C CYS C 691 0.82 10.07 47.06
N GLN C 692 0.54 10.15 45.76
CA GLN C 692 -0.64 10.89 45.31
C GLN C 692 -1.92 10.26 45.83
N ARG C 693 -2.00 8.93 45.83
CA ARG C 693 -3.19 8.27 46.34
C ARG C 693 -3.37 8.54 47.83
N ALA C 694 -2.28 8.50 48.60
CA ALA C 694 -2.39 8.81 50.02
C ALA C 694 -2.89 10.24 50.22
N CYS C 695 -2.33 11.19 49.46
CA CYS C 695 -2.78 12.58 49.59
C CYS C 695 -4.25 12.73 49.21
N LYS C 696 -4.68 12.04 48.16
CA LYS C 696 -6.07 12.11 47.74
C LYS C 696 -6.99 11.55 48.82
N LEU C 697 -6.62 10.44 49.43
CA LEU C 697 -7.43 9.89 50.51
C LEU C 697 -7.52 10.87 51.67
N ALA C 698 -6.41 11.50 52.03
CA ALA C 698 -6.45 12.49 53.11
C ALA C 698 -7.36 13.65 52.77
N ILE C 699 -7.28 14.14 51.52
CA ILE C 699 -8.12 15.26 51.11
C ILE C 699 -9.58 14.87 51.18
N ARG C 700 -9.91 13.68 50.69
CA ARG C 700 -11.30 13.23 50.73
C ARG C 700 -11.81 13.14 52.16
N GLU C 701 -11.01 12.57 53.06
CA GLU C 701 -11.42 12.47 54.45
C GLU C 701 -11.65 13.85 55.05
N SER C 702 -10.74 14.78 54.79
CA SER C 702 -10.88 16.13 55.35
C SER C 702 -12.13 16.82 54.81
N ILE C 703 -12.39 16.69 53.51
CA ILE C 703 -13.56 17.35 52.93
C ILE C 703 -14.84 16.74 53.50
N GLU C 704 -14.87 15.42 53.66
CA GLU C 704 -16.04 14.79 54.24
C GLU C 704 -16.26 15.28 55.67
N SER C 705 -15.17 15.41 56.45
CA SER C 705 -15.31 15.91 57.81
C SER C 705 -15.83 17.33 57.82
N GLU C 706 -15.36 18.17 56.90
CA GLU C 706 -15.87 19.53 56.82
C GLU C 706 -17.35 19.54 56.46
N ILE C 707 -17.76 18.65 55.55
CA ILE C 707 -19.17 18.56 55.19
C ILE C 707 -20.00 18.11 56.38
N ARG C 708 -19.45 17.24 57.23
CA ARG C 708 -20.18 16.78 58.40
C ARG C 708 -20.72 17.96 59.20
N ARG C 709 -19.85 18.93 59.51
CA ARG C 709 -20.27 20.13 60.22
C ARG C 709 -21.09 19.74 61.45
N GLU C 710 -22.12 20.54 61.78
CA GLU C 710 -23.00 20.19 62.88
C GLU C 710 -23.96 19.07 62.50
N ARG C 711 -24.45 19.09 61.27
CA ARG C 711 -25.30 18.01 60.77
C ARG C 711 -25.67 18.26 59.31
N PRO C 729 -5.34 17.24 59.12
CA PRO C 729 -4.59 18.26 58.38
C PRO C 729 -3.29 17.73 57.80
N GLU C 730 -2.80 16.61 58.34
CA GLU C 730 -1.56 16.01 57.87
C GLU C 730 -1.78 14.52 57.69
N ILE C 731 -1.10 13.94 56.70
CA ILE C 731 -1.27 12.53 56.38
C ILE C 731 -0.80 11.67 57.55
N ARG C 732 -1.59 10.64 57.86
CA ARG C 732 -1.26 9.67 58.90
C ARG C 732 -0.88 8.35 58.24
N ARG C 733 -0.59 7.35 59.09
CA ARG C 733 -0.25 6.03 58.57
C ARG C 733 -1.46 5.33 57.96
N ASP C 734 -2.66 5.65 58.45
CA ASP C 734 -3.85 4.97 57.96
C ASP C 734 -4.04 5.22 56.47
N HIS C 735 -3.81 6.45 56.03
CA HIS C 735 -3.99 6.78 54.62
C HIS C 735 -3.00 6.01 53.74
N PHE C 736 -1.75 5.90 54.18
CA PHE C 736 -0.78 5.13 53.41
C PHE C 736 -1.17 3.66 53.38
N GLU C 737 -1.64 3.13 54.51
CA GLU C 737 -2.06 1.73 54.53
C GLU C 737 -3.19 1.49 53.55
N GLU C 738 -4.16 2.41 53.50
CA GLU C 738 -5.25 2.27 52.54
C GLU C 738 -4.74 2.39 51.11
N ALA C 739 -3.85 3.34 50.86
CA ALA C 739 -3.39 3.58 49.49
C ALA C 739 -2.61 2.40 48.95
N MET C 740 -1.82 1.74 49.80
CA MET C 740 -0.98 0.65 49.32
C MET C 740 -1.77 -0.47 48.67
N ARG C 741 -3.06 -0.61 48.99
CA ARG C 741 -3.86 -1.66 48.37
C ARG C 741 -4.04 -1.42 46.87
N PHE C 742 -3.97 -0.17 46.43
CA PHE C 742 -4.13 0.16 45.02
C PHE C 742 -2.80 0.27 44.29
N ALA C 743 -1.68 0.03 44.96
CA ALA C 743 -0.39 0.11 44.29
C ALA C 743 -0.24 -1.02 43.29
N ARG C 744 0.48 -0.75 42.20
CA ARG C 744 0.70 -1.74 41.17
C ARG C 744 2.09 -1.54 40.57
N ARG C 745 2.63 -2.62 39.99
CA ARG C 745 3.94 -2.61 39.37
C ARG C 745 3.78 -2.39 37.88
N SER C 746 4.30 -1.27 37.39
CA SER C 746 4.13 -0.93 35.98
C SER C 746 4.91 -1.88 35.08
N VAL C 747 6.13 -2.24 35.48
CA VAL C 747 7.03 -3.05 34.64
C VAL C 747 6.97 -4.49 35.10
N SER C 748 6.69 -5.40 34.16
CA SER C 748 6.64 -6.82 34.46
C SER C 748 8.06 -7.38 34.57
N ASP C 749 8.16 -8.57 35.16
CA ASP C 749 9.46 -9.18 35.34
C ASP C 749 10.14 -9.47 34.01
N ASN C 750 9.36 -9.79 32.98
CA ASN C 750 9.96 -10.10 31.68
C ASN C 750 10.71 -8.91 31.12
N ASP C 751 10.14 -7.71 31.26
CA ASP C 751 10.81 -6.52 30.74
C ASP C 751 12.13 -6.27 31.44
N ILE C 752 12.15 -6.40 32.78
CA ILE C 752 13.40 -6.23 33.50
C ILE C 752 14.41 -7.28 33.06
N ARG C 753 13.96 -8.53 32.90
CA ARG C 753 14.87 -9.58 32.47
C ARG C 753 15.48 -9.24 31.12
N LYS C 754 14.65 -8.74 30.19
CA LYS C 754 15.17 -8.37 28.87
C LYS C 754 16.18 -7.24 28.98
N TYR C 755 15.90 -6.25 29.83
CA TYR C 755 16.82 -5.12 29.97
C TYR C 755 18.17 -5.58 30.54
N GLU C 756 18.15 -6.41 31.58
CA GLU C 756 19.42 -6.94 32.09
C GLU C 756 20.11 -7.79 31.04
N MET C 757 19.35 -8.51 30.22
CA MET C 757 19.97 -9.27 29.14
C MET C 757 20.69 -8.34 28.17
N PHE C 758 20.07 -7.22 27.82
CA PHE C 758 20.70 -6.25 26.93
C PHE C 758 21.99 -5.71 27.56
N ALA C 759 21.93 -5.32 28.83
CA ALA C 759 23.10 -4.78 29.49
C ALA C 759 24.22 -5.81 29.56
N GLN C 760 23.87 -7.06 29.87
CA GLN C 760 24.87 -8.12 29.93
C GLN C 760 25.45 -8.39 28.55
N THR C 761 24.64 -8.30 27.49
CA THR C 761 25.17 -8.46 26.14
C THR C 761 26.22 -7.40 25.85
N LEU C 762 25.91 -6.14 26.19
CA LEU C 762 26.90 -5.09 25.96
C LEU C 762 28.16 -5.31 26.79
N GLN C 763 28.00 -5.70 28.06
CA GLN C 763 29.16 -5.88 28.91
C GLN C 763 29.98 -7.10 28.50
N GLN C 764 29.35 -8.10 27.88
CA GLN C 764 30.11 -9.23 27.36
C GLN C 764 30.85 -8.84 26.09
N SER C 765 30.20 -8.06 25.21
CA SER C 765 30.88 -7.55 24.04
C SER C 765 32.06 -6.66 24.43
N ARG C 766 32.00 -6.06 25.63
CA ARG C 766 33.14 -5.29 26.11
C ARG C 766 34.39 -6.16 26.15
N GLY C 767 34.39 -7.19 27.00
CA GLY C 767 35.51 -8.12 27.03
C GLY C 767 36.80 -7.48 27.53
N PHE C 768 37.90 -8.19 27.28
CA PHE C 768 39.24 -7.72 27.62
C PHE C 768 39.36 -7.46 29.12
N GLY C 769 39.20 -8.53 29.90
CA GLY C 769 39.33 -8.44 31.33
C GLY C 769 40.75 -8.60 31.83
N SER C 770 41.61 -9.18 30.98
CA SER C 770 43.01 -9.40 31.32
C SER C 770 43.88 -8.63 30.33
N PHE C 771 44.66 -7.68 30.84
CA PHE C 771 45.50 -6.86 29.98
C PHE C 771 46.49 -6.06 30.81
N ARG C 772 47.77 -6.09 30.44
CA ARG C 772 48.79 -5.31 31.12
C ARG C 772 50.07 -5.35 30.31
N PHE C 773 50.76 -4.22 30.28
CA PHE C 773 52.05 -4.16 29.59
C PHE C 773 53.11 -4.86 30.42
N PRO C 774 54.24 -5.25 29.79
CA PRO C 774 55.29 -5.98 30.51
C PRO C 774 55.78 -5.24 31.76
N GLU D 466 25.40 24.66 2.99
CA GLU D 466 25.38 24.08 1.64
C GLU D 466 26.62 23.23 1.41
N THR D 467 26.74 22.68 0.20
CA THR D 467 27.84 21.78 -0.10
C THR D 467 29.18 22.49 0.07
N VAL D 468 30.19 21.74 0.50
CA VAL D 468 31.53 22.26 0.70
C VAL D 468 32.45 21.58 -0.32
N VAL D 469 33.21 22.39 -1.05
CA VAL D 469 34.13 21.91 -2.08
C VAL D 469 35.51 22.45 -1.74
N GLU D 470 36.44 21.54 -1.45
CA GLU D 470 37.78 21.94 -1.06
C GLU D 470 38.74 20.80 -1.40
N VAL D 471 40.00 20.99 -1.03
CA VAL D 471 41.04 19.97 -1.22
C VAL D 471 41.26 19.30 0.13
N PRO D 472 40.95 18.01 0.27
CA PRO D 472 41.04 17.39 1.60
C PRO D 472 42.44 17.50 2.17
N GLN D 473 42.51 17.66 3.50
CA GLN D 473 43.79 17.86 4.18
C GLN D 473 44.58 16.57 4.33
N VAL D 474 43.90 15.42 4.48
CA VAL D 474 44.61 14.18 4.76
C VAL D 474 45.58 13.86 3.62
N THR D 475 46.58 13.05 3.94
CA THR D 475 47.61 12.64 2.98
C THR D 475 47.85 11.14 3.13
N TRP D 476 48.74 10.61 2.29
CA TRP D 476 48.96 9.17 2.27
C TRP D 476 49.50 8.67 3.60
N GLU D 477 50.46 9.39 4.19
CA GLU D 477 51.07 8.92 5.42
C GLU D 477 50.07 8.81 6.57
N ASP D 478 48.92 9.48 6.46
CA ASP D 478 47.89 9.35 7.49
C ASP D 478 47.33 7.94 7.52
N ILE D 479 47.10 7.33 6.37
CA ILE D 479 46.48 6.01 6.28
C ILE D 479 47.56 4.95 6.42
N GLY D 480 47.30 3.96 7.27
CA GLY D 480 48.26 2.89 7.53
C GLY D 480 47.90 1.62 6.79
N GLY D 481 48.88 1.04 6.12
CA GLY D 481 48.65 -0.17 5.36
C GLY D 481 47.99 0.11 4.02
N LEU D 482 47.38 -0.94 3.47
CA LEU D 482 46.67 -0.84 2.20
C LEU D 482 47.60 -0.39 1.07
N GLU D 483 48.82 -0.91 1.06
CA GLU D 483 49.79 -0.49 0.05
C GLU D 483 49.28 -0.81 -1.36
N ASP D 484 48.77 -2.02 -1.56
CA ASP D 484 48.31 -2.41 -2.88
C ASP D 484 47.16 -1.52 -3.35
N VAL D 485 46.21 -1.23 -2.45
CA VAL D 485 45.10 -0.38 -2.84
C VAL D 485 45.58 1.03 -3.15
N LYS D 486 46.57 1.52 -2.41
CA LYS D 486 47.14 2.83 -2.72
C LYS D 486 47.72 2.84 -4.12
N ARG D 487 48.52 1.81 -4.45
CA ARG D 487 49.12 1.76 -5.78
C ARG D 487 48.05 1.68 -6.86
N GLU D 488 47.02 0.85 -6.65
CA GLU D 488 45.98 0.71 -7.67
C GLU D 488 45.18 1.99 -7.85
N LEU D 489 44.86 2.68 -6.75
CA LEU D 489 44.15 3.95 -6.88
C LEU D 489 45.00 4.98 -7.60
N GLN D 490 46.30 5.01 -7.31
CA GLN D 490 47.19 5.88 -8.06
C GLN D 490 47.10 5.57 -9.54
N GLU D 491 47.24 4.30 -9.90
CA GLU D 491 47.18 3.90 -11.30
C GLU D 491 45.87 4.34 -11.93
N LEU D 492 44.77 4.27 -11.17
CA LEU D 492 43.47 4.57 -11.74
C LEU D 492 43.26 6.07 -11.95
N VAL D 493 43.73 6.89 -11.01
CA VAL D 493 43.43 8.33 -11.02
C VAL D 493 44.55 9.15 -11.63
N GLN D 494 45.77 9.02 -11.11
CA GLN D 494 46.84 9.92 -11.53
C GLN D 494 47.20 9.71 -12.99
N TYR D 495 47.26 8.47 -13.44
CA TYR D 495 47.81 8.18 -14.76
C TYR D 495 47.02 8.84 -15.89
N PRO D 496 45.69 8.75 -15.95
CA PRO D 496 44.97 9.34 -17.09
C PRO D 496 45.26 10.80 -17.32
N VAL D 497 45.26 11.63 -16.27
CA VAL D 497 45.47 13.06 -16.46
C VAL D 497 46.92 13.34 -16.84
N GLU D 498 47.86 12.60 -16.25
CA GLU D 498 49.27 12.92 -16.45
C GLU D 498 49.74 12.58 -17.85
N HIS D 499 49.36 11.42 -18.36
CA HIS D 499 49.88 10.91 -19.64
C HIS D 499 48.73 10.50 -20.54
N PRO D 500 47.89 11.46 -20.96
CA PRO D 500 46.83 11.13 -21.92
C PRO D 500 47.35 10.68 -23.27
N ASP D 501 48.60 11.03 -23.61
CA ASP D 501 49.14 10.65 -24.91
C ASP D 501 49.17 9.14 -25.08
N LYS D 502 49.58 8.40 -24.04
CA LYS D 502 49.63 6.95 -24.14
C LYS D 502 48.24 6.38 -24.37
N PHE D 503 47.24 6.87 -23.64
CA PHE D 503 45.88 6.37 -23.82
C PHE D 503 45.39 6.66 -25.23
N LEU D 504 45.67 7.85 -25.75
CA LEU D 504 45.31 8.14 -27.13
C LEU D 504 45.99 7.18 -28.10
N LYS D 505 47.28 6.92 -27.88
CA LYS D 505 48.01 6.02 -28.77
C LYS D 505 47.40 4.63 -28.77
N PHE D 506 47.08 4.10 -27.60
CA PHE D 506 46.45 2.79 -27.51
C PHE D 506 44.95 2.85 -27.70
N GLY D 507 44.36 4.04 -27.77
CA GLY D 507 42.93 4.17 -27.99
C GLY D 507 42.10 3.59 -26.86
N MET D 508 42.52 3.81 -25.63
CA MET D 508 41.80 3.31 -24.45
C MET D 508 40.98 4.43 -23.83
N THR D 509 39.81 4.06 -23.33
CA THR D 509 38.96 4.97 -22.58
C THR D 509 39.24 4.80 -21.09
N PRO D 510 39.71 5.84 -20.39
CA PRO D 510 40.02 5.67 -18.96
C PRO D 510 38.80 5.24 -18.17
N SER D 511 39.05 4.41 -17.15
CA SER D 511 37.97 3.97 -16.29
C SER D 511 37.31 5.16 -15.59
N LYS D 512 35.99 5.11 -15.47
CA LYS D 512 35.24 6.25 -15.00
C LYS D 512 35.11 6.30 -13.49
N GLY D 513 35.04 5.16 -12.81
CA GLY D 513 34.86 5.17 -11.37
C GLY D 513 35.32 3.89 -10.73
N VAL D 514 35.12 3.80 -9.41
CA VAL D 514 35.49 2.66 -8.60
C VAL D 514 34.35 2.39 -7.65
N LEU D 515 34.47 1.31 -6.87
CA LEU D 515 33.49 0.97 -5.85
C LEU D 515 34.20 0.22 -4.74
N PHE D 516 34.37 0.87 -3.59
CA PHE D 516 34.92 0.21 -2.42
C PHE D 516 33.83 -0.57 -1.70
N TYR D 517 34.17 -1.77 -1.26
CA TYR D 517 33.24 -2.57 -0.46
C TYR D 517 34.03 -3.29 0.62
N GLY D 518 33.51 -3.24 1.85
CA GLY D 518 34.16 -3.88 2.98
C GLY D 518 33.45 -3.56 4.27
N PRO D 519 33.93 -4.13 5.38
CA PRO D 519 33.27 -3.89 6.66
C PRO D 519 33.40 -2.44 7.07
N PRO D 520 32.47 -1.92 7.88
CA PRO D 520 32.49 -0.50 8.21
C PRO D 520 33.72 -0.12 9.01
N GLY D 521 34.11 1.15 8.87
CA GLY D 521 35.23 1.68 9.62
C GLY D 521 36.57 1.07 9.26
N CYS D 522 36.87 0.92 7.97
CA CYS D 522 38.12 0.35 7.54
C CYS D 522 39.02 1.33 6.79
N GLY D 523 38.51 2.47 6.37
CA GLY D 523 39.34 3.46 5.71
C GLY D 523 38.97 3.75 4.27
N LYS D 524 37.67 3.72 3.96
CA LYS D 524 37.22 4.05 2.61
C LYS D 524 37.22 5.56 2.37
N THR D 525 36.52 6.31 3.22
CA THR D 525 36.50 7.76 3.06
C THR D 525 37.91 8.33 3.14
N LEU D 526 38.74 7.78 4.02
CA LEU D 526 40.13 8.25 4.10
C LEU D 526 40.86 8.00 2.81
N LEU D 527 40.65 6.84 2.18
CA LEU D 527 41.31 6.58 0.91
C LEU D 527 40.85 7.56 -0.16
N ALA D 528 39.55 7.83 -0.23
CA ALA D 528 39.06 8.78 -1.22
C ALA D 528 39.68 10.16 -0.98
N LYS D 529 39.70 10.62 0.27
CA LYS D 529 40.27 11.92 0.57
C LYS D 529 41.76 11.96 0.25
N ALA D 530 42.48 10.89 0.56
CA ALA D 530 43.90 10.86 0.31
C ALA D 530 44.21 10.93 -1.18
N ILE D 531 43.47 10.18 -2.00
CA ILE D 531 43.71 10.25 -3.43
C ILE D 531 43.35 11.62 -3.97
N ALA D 532 42.25 12.21 -3.48
CA ALA D 532 41.91 13.56 -3.92
C ALA D 532 43.02 14.54 -3.58
N ASN D 533 43.56 14.44 -2.37
CA ASN D 533 44.64 15.35 -1.98
C ASN D 533 45.88 15.14 -2.83
N GLU D 534 46.24 13.88 -3.10
CA GLU D 534 47.43 13.62 -3.89
C GLU D 534 47.27 14.17 -5.30
N CYS D 535 46.11 13.95 -5.92
CA CYS D 535 45.85 14.53 -7.23
C CYS D 535 45.65 16.04 -7.18
N GLN D 536 45.53 16.62 -5.99
CA GLN D 536 45.32 18.06 -5.82
C GLN D 536 44.06 18.51 -6.57
N ALA D 537 42.95 17.84 -6.26
CA ALA D 537 41.68 18.10 -6.91
C ALA D 537 40.60 18.25 -5.86
N ASN D 538 39.54 18.97 -6.22
CA ASN D 538 38.45 19.22 -5.30
C ASN D 538 37.74 17.92 -4.93
N PHE D 539 37.19 17.87 -3.73
CA PHE D 539 36.54 16.68 -3.19
C PHE D 539 35.13 17.05 -2.74
N ILE D 540 34.13 16.36 -3.29
CA ILE D 540 32.74 16.58 -2.95
C ILE D 540 32.20 15.31 -2.33
N SER D 541 31.64 15.42 -1.13
CA SER D 541 31.14 14.28 -0.37
C SER D 541 29.62 14.33 -0.32
N ILE D 542 28.98 13.21 -0.58
CA ILE D 542 27.52 13.09 -0.54
C ILE D 542 27.19 11.94 0.40
N LYS D 543 26.94 12.25 1.67
CA LYS D 543 26.70 11.22 2.65
C LYS D 543 25.34 10.56 2.42
N GLY D 544 25.12 9.44 3.11
CA GLY D 544 23.90 8.68 2.98
C GLY D 544 22.64 9.39 3.41
N PRO D 545 22.66 10.14 4.52
CA PRO D 545 21.45 10.86 4.92
C PRO D 545 20.93 11.80 3.85
N GLU D 546 21.81 12.43 3.06
CA GLU D 546 21.34 13.28 1.97
C GLU D 546 20.60 12.46 0.91
N LEU D 547 21.13 11.28 0.58
CA LEU D 547 20.45 10.42 -0.38
C LEU D 547 19.09 10.01 0.14
N LEU D 548 19.01 9.64 1.42
CA LEU D 548 17.73 9.24 2.00
C LEU D 548 16.77 10.42 2.04
N THR D 549 17.27 11.63 2.27
CA THR D 549 16.42 12.81 2.23
C THR D 549 15.84 12.99 0.83
N MET D 550 16.66 12.80 -0.20
CA MET D 550 16.17 12.90 -1.56
C MET D 550 15.10 11.84 -1.84
N TRP D 551 15.31 10.62 -1.34
CA TRP D 551 14.34 9.55 -1.56
C TRP D 551 13.02 9.86 -0.87
N PHE D 552 13.06 10.23 0.41
CA PHE D 552 11.83 10.44 1.17
C PHE D 552 11.04 11.61 0.62
N GLY D 553 11.72 12.71 0.29
CA GLY D 553 11.04 13.88 -0.24
C GLY D 553 10.56 13.72 -1.66
N GLU D 554 10.88 12.61 -2.32
CA GLU D 554 10.48 12.34 -3.69
C GLU D 554 11.00 13.40 -4.65
N SER D 555 12.08 14.07 -4.29
CA SER D 555 12.71 15.10 -5.12
C SER D 555 14.07 14.55 -5.55
N GLU D 556 14.07 13.77 -6.62
CA GLU D 556 15.28 13.16 -7.15
C GLU D 556 15.94 14.02 -8.21
N ALA D 557 15.41 15.21 -8.49
CA ALA D 557 15.96 16.07 -9.52
C ALA D 557 17.13 16.90 -9.04
N ASN D 558 17.54 16.76 -7.77
CA ASN D 558 18.69 17.47 -7.26
C ASN D 558 20.01 16.80 -7.62
N VAL D 559 19.97 15.56 -8.12
CA VAL D 559 21.21 14.89 -8.51
C VAL D 559 21.85 15.61 -9.69
N ARG D 560 21.02 16.11 -10.61
CA ARG D 560 21.54 16.90 -11.72
C ARG D 560 22.34 18.08 -11.19
N GLU D 561 21.85 18.74 -10.14
CA GLU D 561 22.56 19.88 -9.57
C GLU D 561 23.90 19.45 -8.98
N ILE D 562 23.94 18.31 -8.29
CA ILE D 562 25.19 17.83 -7.72
C ILE D 562 26.20 17.56 -8.81
N PHE D 563 25.78 16.89 -9.88
CA PHE D 563 26.71 16.57 -10.95
C PHE D 563 27.18 17.82 -11.66
N ASP D 564 26.28 18.81 -11.85
CA ASP D 564 26.70 20.07 -12.44
C ASP D 564 27.73 20.76 -11.57
N LYS D 565 27.52 20.76 -10.25
CA LYS D 565 28.48 21.39 -9.34
C LYS D 565 29.83 20.68 -9.43
N ALA D 566 29.82 19.34 -9.50
CA ALA D 566 31.07 18.61 -9.63
C ALA D 566 31.77 18.96 -10.93
N ARG D 567 31.01 19.05 -12.02
CA ARG D 567 31.60 19.38 -13.32
C ARG D 567 32.21 20.77 -13.29
N GLN D 568 31.56 21.71 -12.62
CA GLN D 568 32.04 23.10 -12.62
C GLN D 568 33.43 23.23 -12.02
N ALA D 569 33.80 22.33 -11.12
CA ALA D 569 35.04 22.46 -10.36
C ALA D 569 36.05 21.36 -10.70
N ALA D 570 36.07 20.91 -11.95
CA ALA D 570 37.02 19.87 -12.33
C ALA D 570 38.44 20.41 -12.25
N PRO D 571 39.43 19.54 -11.94
CA PRO D 571 39.34 18.12 -11.63
C PRO D 571 38.72 17.88 -10.28
N CYS D 572 37.98 16.78 -10.09
CA CYS D 572 37.29 16.53 -8.84
C CYS D 572 37.03 15.04 -8.71
N VAL D 573 36.76 14.61 -7.48
CA VAL D 573 36.34 13.24 -7.21
C VAL D 573 35.04 13.32 -6.43
N LEU D 574 33.99 12.73 -6.97
CA LEU D 574 32.66 12.76 -6.38
C LEU D 574 32.44 11.48 -5.59
N PHE D 575 32.41 11.59 -4.27
CA PHE D 575 32.39 10.44 -3.38
C PHE D 575 30.96 10.22 -2.88
N PHE D 576 30.37 9.09 -3.26
CA PHE D 576 29.01 8.73 -2.85
C PHE D 576 29.12 7.77 -1.67
N ASP D 577 29.02 8.30 -0.46
CA ASP D 577 29.11 7.47 0.73
C ASP D 577 27.83 6.69 0.95
N GLU D 578 27.97 5.48 1.48
CA GLU D 578 26.84 4.61 1.80
C GLU D 578 25.85 4.57 0.63
N LEU D 579 26.34 4.05 -0.49
CA LEU D 579 25.53 4.00 -1.71
C LEU D 579 24.37 3.02 -1.60
N ASP D 580 24.34 2.18 -0.56
CA ASP D 580 23.29 1.18 -0.39
C ASP D 580 22.24 1.59 0.63
N SER D 581 22.27 2.84 1.10
CA SER D 581 21.36 3.23 2.18
C SER D 581 19.90 3.09 1.77
N ILE D 582 19.58 3.52 0.55
CA ILE D 582 18.18 3.44 0.11
C ILE D 582 17.72 2.00 0.08
N ALA D 583 18.57 1.08 -0.38
CA ALA D 583 18.19 -0.33 -0.43
C ALA D 583 17.88 -0.86 0.97
N LYS D 584 18.72 -0.52 1.95
CA LYS D 584 18.47 -0.95 3.32
C LYS D 584 17.17 -0.36 3.84
N ALA D 585 16.92 0.92 3.54
CA ALA D 585 15.78 1.61 4.14
C ALA D 585 14.46 0.95 3.77
N ARG D 586 14.41 0.19 2.67
CA ARG D 586 13.19 -0.46 2.23
C ARG D 586 13.22 -1.97 2.47
N GLY D 587 14.13 -2.45 3.31
CA GLY D 587 14.12 -3.85 3.71
C GLY D 587 15.41 -4.58 3.40
N GLY D 588 16.00 -4.29 2.26
CA GLY D 588 17.24 -4.94 1.86
C GLY D 588 17.00 -6.11 0.91
N ASP D 592 11.58 -6.08 1.04
CA ASP D 592 11.21 -5.11 0.02
C ASP D 592 10.28 -5.74 -1.02
N GLY D 593 9.07 -5.20 -1.15
CA GLY D 593 8.13 -5.74 -2.11
C GLY D 593 8.62 -5.63 -3.54
N GLY D 594 9.23 -4.49 -3.88
CA GLY D 594 9.66 -4.23 -5.23
C GLY D 594 10.97 -4.90 -5.58
N GLY D 595 11.55 -4.46 -6.69
CA GLY D 595 12.79 -4.99 -7.20
C GLY D 595 14.00 -4.25 -6.65
N ALA D 596 15.06 -4.24 -7.45
CA ALA D 596 16.34 -3.70 -7.03
C ALA D 596 16.59 -2.28 -7.51
N ALA D 597 15.61 -1.65 -8.17
CA ALA D 597 15.77 -0.32 -8.73
C ALA D 597 14.94 0.68 -7.95
N ASP D 598 15.57 1.77 -7.52
CA ASP D 598 14.90 2.85 -6.80
C ASP D 598 14.89 4.10 -7.66
N ARG D 599 14.39 5.19 -7.10
CA ARG D 599 14.17 6.41 -7.86
C ARG D 599 15.33 7.40 -7.77
N VAL D 600 16.35 7.12 -6.97
CA VAL D 600 17.51 7.98 -6.84
C VAL D 600 18.72 7.41 -7.57
N ILE D 601 18.99 6.12 -7.36
CA ILE D 601 20.07 5.47 -8.08
C ILE D 601 19.83 5.56 -9.58
N ASN D 602 18.56 5.52 -9.99
CA ASN D 602 18.25 5.67 -11.41
C ASN D 602 18.77 6.99 -11.95
N GLN D 603 18.47 8.08 -11.25
CA GLN D 603 18.95 9.40 -11.69
C GLN D 603 20.47 9.47 -11.63
N ILE D 604 21.07 8.89 -10.60
CA ILE D 604 22.53 8.92 -10.47
C ILE D 604 23.17 8.27 -11.69
N LEU D 605 22.70 7.08 -12.06
CA LEU D 605 23.34 6.38 -13.18
C LEU D 605 22.96 7.01 -14.52
N THR D 606 21.78 7.63 -14.62
CA THR D 606 21.46 8.38 -15.83
C THR D 606 22.45 9.52 -16.03
N GLU D 607 22.68 10.31 -14.98
CA GLU D 607 23.65 11.40 -15.08
C GLU D 607 25.05 10.87 -15.36
N MET D 608 25.41 9.76 -14.73
CA MET D 608 26.73 9.17 -14.96
C MET D 608 26.91 8.79 -16.42
N ASP D 609 25.89 8.18 -17.03
CA ASP D 609 25.96 7.87 -18.45
C ASP D 609 26.05 9.13 -19.29
N GLY D 610 25.32 10.18 -18.90
CA GLY D 610 25.27 11.38 -19.68
C GLY D 610 26.48 12.29 -19.56
N MET D 611 27.51 11.89 -18.83
CA MET D 611 28.68 12.74 -18.62
C MET D 611 29.66 12.59 -19.77
N SER D 612 30.61 13.53 -19.83
CA SER D 612 31.63 13.58 -20.87
C SER D 612 32.98 13.18 -20.29
N THR D 613 33.66 12.26 -20.96
CA THR D 613 34.98 11.82 -20.52
C THR D 613 36.05 12.89 -20.73
N LYS D 614 35.74 13.97 -21.45
CA LYS D 614 36.70 15.05 -21.63
C LYS D 614 37.09 15.65 -20.29
N LYS D 615 36.12 15.84 -19.40
CA LYS D 615 36.39 16.38 -18.08
C LYS D 615 37.05 15.33 -17.20
N ASN D 616 37.79 15.80 -16.19
CA ASN D 616 38.44 14.91 -15.23
C ASN D 616 37.62 14.81 -13.95
N VAL D 617 36.44 14.22 -14.08
CA VAL D 617 35.55 13.97 -12.95
C VAL D 617 35.53 12.48 -12.68
N PHE D 618 35.92 12.10 -11.47
CA PHE D 618 36.04 10.69 -11.09
C PHE D 618 34.99 10.38 -10.04
N ILE D 619 34.17 9.37 -10.31
CA ILE D 619 33.10 8.97 -9.40
C ILE D 619 33.58 7.78 -8.58
N ILE D 620 33.58 7.94 -7.26
CA ILE D 620 33.96 6.88 -6.34
C ILE D 620 32.78 6.59 -5.44
N GLY D 621 32.41 5.32 -5.33
CA GLY D 621 31.32 4.91 -4.46
C GLY D 621 31.84 4.04 -3.33
N ALA D 622 31.10 4.04 -2.23
CA ALA D 622 31.45 3.24 -1.07
C ALA D 622 30.21 2.54 -0.56
N THR D 623 30.41 1.40 0.08
CA THR D 623 29.29 0.64 0.62
C THR D 623 29.82 -0.49 1.48
N ASN D 624 29.14 -0.78 2.58
CA ASN D 624 29.51 -1.88 3.46
C ASN D 624 28.52 -3.04 3.38
N ARG D 625 27.84 -3.17 2.23
CA ARG D 625 26.82 -4.20 2.06
C ARG D 625 26.66 -4.46 0.56
N PRO D 626 27.67 -5.03 -0.08
CA PRO D 626 27.70 -5.13 -1.55
C PRO D 626 26.95 -6.33 -2.11
N ASP D 627 25.74 -6.57 -1.60
CA ASP D 627 24.89 -7.64 -2.10
C ASP D 627 23.47 -7.19 -2.39
N ILE D 628 23.07 -6.00 -1.94
CA ILE D 628 21.78 -5.42 -2.31
C ILE D 628 21.94 -4.23 -3.24
N ILE D 629 23.16 -3.75 -3.48
CA ILE D 629 23.38 -2.65 -4.40
C ILE D 629 22.81 -3.03 -5.76
N ASP D 630 22.20 -2.06 -6.43
CA ASP D 630 21.54 -2.33 -7.70
C ASP D 630 22.56 -2.84 -8.70
N PRO D 631 22.32 -3.99 -9.36
CA PRO D 631 23.33 -4.53 -10.27
C PRO D 631 23.61 -3.64 -11.48
N ALA D 632 22.71 -2.71 -11.80
CA ALA D 632 22.91 -1.89 -12.99
C ALA D 632 24.13 -0.99 -12.87
N ILE D 633 24.55 -0.63 -11.66
CA ILE D 633 25.69 0.26 -11.51
C ILE D 633 26.97 -0.43 -11.97
N LEU D 634 27.09 -1.73 -11.74
CA LEU D 634 28.32 -2.46 -12.00
C LEU D 634 28.52 -2.80 -13.47
N ARG D 635 27.77 -2.19 -14.38
CA ARG D 635 27.97 -2.42 -15.80
C ARG D 635 29.27 -1.79 -16.26
N PRO D 636 29.79 -2.21 -17.41
CA PRO D 636 31.15 -1.76 -17.81
C PRO D 636 31.29 -0.25 -17.90
N GLY D 637 30.24 0.47 -18.30
CA GLY D 637 30.36 1.89 -18.52
C GLY D 637 30.18 2.79 -17.33
N ARG D 638 29.78 2.27 -16.17
CA ARG D 638 29.41 3.11 -15.03
C ARG D 638 30.37 2.97 -13.85
N LEU D 639 30.57 1.76 -13.33
CA LEU D 639 31.49 1.54 -12.21
C LEU D 639 32.04 0.12 -12.37
N ASP D 640 33.17 0.01 -13.05
CA ASP D 640 33.66 -1.30 -13.46
C ASP D 640 34.35 -2.03 -12.30
N GLN D 641 35.41 -1.44 -11.77
CA GLN D 641 36.25 -2.14 -10.81
C GLN D 641 35.58 -2.22 -9.45
N LEU D 642 35.95 -3.24 -8.68
CA LEU D 642 35.52 -3.39 -7.29
C LEU D 642 36.74 -3.69 -6.45
N ILE D 643 37.01 -2.83 -5.48
CA ILE D 643 38.13 -3.00 -4.56
C ILE D 643 37.59 -3.55 -3.26
N TYR D 644 38.41 -4.34 -2.57
CA TYR D 644 38.07 -4.90 -1.28
C TYR D 644 39.00 -4.31 -0.23
N ILE D 645 38.41 -3.76 0.84
CA ILE D 645 39.18 -3.13 1.90
C ILE D 645 39.13 -4.03 3.13
N PRO D 646 40.13 -4.87 3.36
CA PRO D 646 40.03 -5.86 4.44
C PRO D 646 40.33 -5.25 5.80
N LEU D 647 40.06 -6.05 6.83
CA LEU D 647 40.40 -5.64 8.19
C LEU D 647 41.92 -5.54 8.33
N PRO D 648 42.42 -4.57 9.09
CA PRO D 648 43.88 -4.43 9.22
C PRO D 648 44.50 -5.66 9.86
N ASP D 649 45.73 -5.95 9.45
CA ASP D 649 46.52 -7.02 10.05
C ASP D 649 47.42 -6.44 11.15
N GLU D 650 48.32 -7.28 11.68
CA GLU D 650 49.17 -6.85 12.79
C GLU D 650 50.00 -5.63 12.41
N LYS D 651 50.72 -5.71 11.29
CA LYS D 651 51.49 -4.55 10.84
C LYS D 651 50.57 -3.38 10.54
N SER D 652 49.43 -3.65 9.90
CA SER D 652 48.48 -2.59 9.61
C SER D 652 47.96 -1.95 10.89
N ARG D 653 47.66 -2.76 11.90
CA ARG D 653 47.19 -2.20 13.17
C ARG D 653 48.28 -1.37 13.83
N VAL D 654 49.52 -1.82 13.79
CA VAL D 654 50.61 -1.03 14.36
C VAL D 654 50.71 0.32 13.66
N ALA D 655 50.64 0.30 12.33
CA ALA D 655 50.70 1.55 11.58
C ALA D 655 49.51 2.45 11.91
N ILE D 656 48.32 1.86 12.07
CA ILE D 656 47.14 2.66 12.40
C ILE D 656 47.33 3.34 13.75
N LEU D 657 47.80 2.59 14.74
CA LEU D 657 48.02 3.18 16.06
C LEU D 657 49.08 4.28 15.98
N LYS D 658 50.16 4.05 15.24
CA LYS D 658 51.16 5.10 15.09
C LYS D 658 50.56 6.36 14.49
N ALA D 659 49.73 6.20 13.46
CA ALA D 659 49.18 7.35 12.76
C ALA D 659 48.28 8.18 13.67
N ASN D 660 47.45 7.51 14.48
CA ASN D 660 46.44 8.23 15.28
C ASN D 660 47.03 8.96 16.47
N LEU D 661 48.25 8.63 16.89
CA LEU D 661 48.86 9.24 18.06
C LEU D 661 49.77 10.40 17.72
N ARG D 662 49.72 10.90 16.48
CA ARG D 662 50.54 12.04 16.11
C ARG D 662 50.03 13.34 16.71
N LYS D 663 48.83 13.35 17.28
CA LYS D 663 48.24 14.56 17.83
C LYS D 663 48.24 14.59 19.36
N SER D 664 48.12 13.43 20.01
CA SER D 664 48.05 13.37 21.46
C SER D 664 49.40 12.95 22.02
N PRO D 665 50.07 13.77 22.82
CA PRO D 665 51.36 13.32 23.38
C PRO D 665 51.19 12.05 24.19
N VAL D 666 52.17 11.15 24.07
CA VAL D 666 52.11 9.83 24.68
C VAL D 666 53.45 9.52 25.34
N ALA D 667 53.40 8.90 26.50
CA ALA D 667 54.63 8.50 27.18
C ALA D 667 55.36 7.45 26.36
N LYS D 668 56.69 7.48 26.45
CA LYS D 668 57.53 6.61 25.62
C LYS D 668 57.44 5.15 26.00
N ASP D 669 57.04 4.83 27.23
CA ASP D 669 56.99 3.43 27.65
C ASP D 669 55.86 2.65 26.99
N VAL D 670 54.95 3.32 26.30
CA VAL D 670 53.84 2.62 25.64
C VAL D 670 54.40 1.74 24.54
N ASP D 671 53.94 0.49 24.49
CA ASP D 671 54.36 -0.49 23.48
C ASP D 671 53.20 -0.68 22.51
N LEU D 672 53.28 0.01 21.37
CA LEU D 672 52.22 -0.08 20.38
C LEU D 672 52.13 -1.49 19.80
N GLU D 673 53.28 -2.11 19.56
CA GLU D 673 53.28 -3.44 18.95
C GLU D 673 52.53 -4.44 19.82
N PHE D 674 52.77 -4.41 21.13
CA PHE D 674 52.07 -5.33 22.02
C PHE D 674 50.57 -5.07 22.00
N LEU D 675 50.17 -3.80 22.01
CA LEU D 675 48.75 -3.48 21.97
C LEU D 675 48.12 -4.00 20.68
N ALA D 676 48.82 -3.84 19.55
CA ALA D 676 48.28 -4.32 18.29
C ALA D 676 48.20 -5.84 18.25
N LYS D 677 49.12 -6.52 18.92
CA LYS D 677 49.11 -7.97 18.92
C LYS D 677 47.84 -8.51 19.59
N MET D 678 47.40 -7.87 20.67
CA MET D 678 46.29 -8.39 21.46
C MET D 678 44.92 -8.06 20.88
N THR D 679 44.84 -7.23 19.85
CA THR D 679 43.57 -6.86 19.22
C THR D 679 43.52 -7.54 17.86
N ASN D 680 43.00 -8.77 17.83
CA ASN D 680 43.01 -9.55 16.60
C ASN D 680 41.97 -9.01 15.62
N GLY D 681 40.70 -9.08 16.00
CA GLY D 681 39.64 -8.58 15.13
C GLY D 681 39.19 -7.19 15.52
N PHE D 682 39.70 -6.18 14.82
CA PHE D 682 39.44 -4.79 15.16
C PHE D 682 39.45 -3.96 13.89
N SER D 683 38.51 -3.03 13.80
CA SER D 683 38.48 -2.05 12.73
C SER D 683 39.21 -0.78 13.18
N GLY D 684 39.56 0.07 12.21
CA GLY D 684 40.27 1.29 12.55
C GLY D 684 39.48 2.17 13.51
N ALA D 685 38.16 2.21 13.34
CA ALA D 685 37.33 3.02 14.22
C ALA D 685 37.48 2.57 15.67
N ASP D 686 37.61 1.28 15.91
CA ASP D 686 37.78 0.78 17.27
C ASP D 686 39.09 1.27 17.89
N LEU D 687 40.17 1.25 17.11
CA LEU D 687 41.45 1.74 17.62
C LEU D 687 41.39 3.24 17.90
N THR D 688 40.74 3.99 17.02
CA THR D 688 40.56 5.42 17.27
C THR D 688 39.75 5.64 18.55
N GLU D 689 38.72 4.83 18.77
CA GLU D 689 37.92 4.95 19.98
C GLU D 689 38.76 4.63 21.21
N ILE D 690 39.64 3.65 21.12
CA ILE D 690 40.51 3.33 22.25
C ILE D 690 41.40 4.52 22.57
N CYS D 691 42.00 5.12 21.54
CA CYS D 691 42.82 6.31 21.78
C CYS D 691 42.01 7.42 22.42
N GLN D 692 40.79 7.64 21.93
CA GLN D 692 39.94 8.69 22.47
C GLN D 692 39.59 8.43 23.93
N ARG D 693 39.31 7.18 24.28
CA ARG D 693 39.02 6.85 25.67
C ARG D 693 40.22 7.11 26.56
N ALA D 694 41.42 6.75 26.09
CA ALA D 694 42.62 7.04 26.87
C ALA D 694 42.78 8.54 27.07
N CYS D 695 42.59 9.32 26.02
CA CYS D 695 42.71 10.77 26.15
C CYS D 695 41.68 11.32 27.12
N LYS D 696 40.44 10.82 27.05
CA LYS D 696 39.41 11.29 27.96
C LYS D 696 39.76 10.98 29.40
N LEU D 697 40.29 9.77 29.65
CA LEU D 697 40.70 9.43 31.01
C LEU D 697 41.79 10.37 31.50
N ALA D 698 42.77 10.67 30.64
CA ALA D 698 43.82 11.59 31.04
C ALA D 698 43.27 12.96 31.36
N ILE D 699 42.36 13.46 30.53
CA ILE D 699 41.76 14.78 30.77
C ILE D 699 41.00 14.79 32.08
N ARG D 700 40.24 13.73 32.35
CA ARG D 700 39.50 13.66 33.60
C ARG D 700 40.42 13.66 34.80
N GLU D 701 41.52 12.89 34.72
CA GLU D 701 42.45 12.87 35.84
C GLU D 701 43.07 14.23 36.06
N SER D 702 43.46 14.91 34.98
CA SER D 702 44.03 16.25 35.12
C SER D 702 43.03 17.23 35.71
N ILE D 703 41.77 17.16 35.26
CA ILE D 703 40.75 18.07 35.78
C ILE D 703 40.53 17.83 37.26
N GLU D 704 40.47 16.56 37.67
CA GLU D 704 40.32 16.27 39.08
C GLU D 704 41.49 16.80 39.89
N SER D 705 42.72 16.62 39.39
CA SER D 705 43.88 17.12 40.12
C SER D 705 43.84 18.63 40.25
N GLU D 706 43.46 19.33 39.17
CA GLU D 706 43.37 20.78 39.24
C GLU D 706 42.29 21.23 40.22
N ILE D 707 41.15 20.53 40.23
CA ILE D 707 40.07 20.87 41.16
C ILE D 707 40.52 20.64 42.60
N ARG D 708 41.34 19.61 42.83
CA ARG D 708 41.82 19.33 44.18
C ARG D 708 42.48 20.57 44.78
N ARG D 709 43.43 21.17 44.05
CA ARG D 709 44.08 22.40 44.50
C ARG D 709 44.63 22.21 45.91
N GLU D 710 44.53 23.24 46.75
CA GLU D 710 45.05 23.13 48.11
C GLU D 710 44.12 22.33 49.01
N ARG D 711 42.81 22.42 48.81
CA ARG D 711 41.87 21.60 49.57
C ARG D 711 40.46 21.75 49.00
N PRO D 729 50.36 15.68 32.35
CA PRO D 729 50.31 16.46 31.12
C PRO D 729 50.41 15.60 29.86
N GLU D 730 50.90 14.38 30.01
CA GLU D 730 51.02 13.44 28.91
C GLU D 730 50.48 12.09 29.32
N ILE D 731 49.90 11.37 28.34
CA ILE D 731 49.23 10.11 28.61
C ILE D 731 50.28 9.06 28.98
N ARG D 732 50.01 8.31 30.05
CA ARG D 732 50.89 7.25 30.51
C ARG D 732 50.31 5.90 30.10
N ARG D 733 50.94 4.82 30.58
CA ARG D 733 50.44 3.48 30.28
C ARG D 733 49.19 3.15 31.06
N ASP D 734 49.03 3.73 32.26
CA ASP D 734 47.88 3.41 33.08
C ASP D 734 46.57 3.77 32.38
N HIS D 735 46.56 4.90 31.68
CA HIS D 735 45.35 5.32 31.00
C HIS D 735 44.97 4.35 29.88
N PHE D 736 45.96 3.88 29.12
CA PHE D 736 45.68 2.88 28.10
C PHE D 736 45.18 1.59 28.72
N GLU D 737 45.80 1.16 29.82
CA GLU D 737 45.34 -0.04 30.49
C GLU D 737 43.88 0.09 30.92
N GLU D 738 43.52 1.25 31.48
CA GLU D 738 42.14 1.46 31.89
C GLU D 738 41.21 1.48 30.67
N ALA D 739 41.61 2.15 29.60
CA ALA D 739 40.72 2.28 28.45
C ALA D 739 40.49 0.96 27.75
N MET D 740 41.47 0.05 27.77
CA MET D 740 41.31 -1.22 27.08
C MET D 740 40.11 -1.99 27.60
N ARG D 741 39.72 -1.78 28.85
CA ARG D 741 38.60 -2.53 29.42
C ARG D 741 37.29 -2.22 28.69
N PHE D 742 37.16 -1.02 28.14
CA PHE D 742 35.93 -0.61 27.46
C PHE D 742 36.01 -0.82 25.96
N ALA D 743 37.09 -1.40 25.44
CA ALA D 743 37.20 -1.64 24.01
C ALA D 743 36.19 -2.68 23.57
N ARG D 744 35.75 -2.59 22.32
CA ARG D 744 34.78 -3.52 21.76
C ARG D 744 35.06 -3.73 20.29
N ARG D 745 34.61 -4.87 19.77
CA ARG D 745 34.78 -5.23 18.37
C ARG D 745 33.47 -4.92 17.64
N SER D 746 33.51 -3.92 16.76
CA SER D 746 32.29 -3.50 16.08
C SER D 746 31.75 -4.58 15.16
N VAL D 747 32.63 -5.28 14.44
CA VAL D 747 32.23 -6.25 13.42
C VAL D 747 32.33 -7.65 14.02
N SER D 748 31.23 -8.40 13.92
CA SER D 748 31.19 -9.75 14.43
C SER D 748 31.91 -10.70 13.48
N ASP D 749 32.21 -11.90 13.97
CA ASP D 749 32.92 -12.88 13.15
C ASP D 749 32.11 -13.28 11.93
N ASN D 750 30.78 -13.37 12.09
CA ASN D 750 29.96 -13.81 10.97
C ASN D 750 30.07 -12.85 9.80
N ASP D 751 30.11 -11.54 10.07
CA ASP D 751 30.21 -10.58 8.99
C ASP D 751 31.52 -10.71 8.24
N ILE D 752 32.63 -10.89 8.96
CA ILE D 752 33.91 -11.07 8.30
C ILE D 752 33.90 -12.36 7.48
N ARG D 753 33.28 -13.41 8.01
CA ARG D 753 33.17 -14.65 7.25
C ARG D 753 32.39 -14.43 5.97
N LYS D 754 31.30 -13.69 6.04
CA LYS D 754 30.50 -13.43 4.84
C LYS D 754 31.30 -12.62 3.81
N TYR D 755 32.06 -11.62 4.28
CA TYR D 755 32.85 -10.81 3.35
C TYR D 755 33.93 -11.65 2.69
N GLU D 756 34.61 -12.49 3.46
CA GLU D 756 35.59 -13.39 2.86
C GLU D 756 34.94 -14.33 1.88
N MET D 757 33.72 -14.79 2.18
CA MET D 757 33.00 -15.65 1.24
C MET D 757 32.72 -14.90 -0.06
N PHE D 758 32.32 -13.63 0.04
CA PHE D 758 32.07 -12.84 -1.17
C PHE D 758 33.33 -12.69 -2.00
N ALA D 759 34.44 -12.35 -1.34
CA ALA D 759 35.70 -12.19 -2.07
C ALA D 759 36.12 -13.48 -2.72
N GLN D 760 36.02 -14.61 -2.01
CA GLN D 760 36.41 -15.88 -2.58
C GLN D 760 35.46 -16.29 -3.71
N THR D 761 34.18 -15.94 -3.62
CA THR D 761 33.26 -16.21 -4.72
C THR D 761 33.70 -15.47 -5.96
N LEU D 762 34.03 -14.19 -5.82
CA LEU D 762 34.51 -13.44 -6.98
C LEU D 762 35.79 -14.04 -7.53
N GLN D 763 36.73 -14.40 -6.66
CA GLN D 763 38.00 -14.94 -7.12
C GLN D 763 37.81 -16.29 -7.81
N GLN D 764 36.91 -17.12 -7.30
CA GLN D 764 36.59 -18.37 -7.98
C GLN D 764 35.97 -18.10 -9.34
N SER D 765 35.08 -17.10 -9.42
CA SER D 765 34.53 -16.72 -10.72
C SER D 765 35.62 -16.27 -11.68
N ARG D 766 36.71 -15.71 -11.17
CA ARG D 766 37.82 -15.33 -12.05
C ARG D 766 38.32 -16.55 -12.83
N GLY D 767 38.88 -17.53 -12.12
CA GLY D 767 39.33 -18.74 -12.78
C GLY D 767 40.48 -18.50 -13.75
N PHE D 768 40.64 -19.46 -14.66
CA PHE D 768 41.64 -19.38 -15.72
C PHE D 768 43.05 -19.22 -15.14
N GLY D 769 43.47 -20.23 -14.38
CA GLY D 769 44.79 -20.22 -13.78
C GLY D 769 45.86 -20.79 -14.70
N SER D 770 45.44 -21.48 -15.76
CA SER D 770 46.36 -22.14 -16.68
C SER D 770 46.16 -21.55 -18.07
N PHE D 771 47.18 -20.84 -18.55
CA PHE D 771 47.10 -20.20 -19.86
C PHE D 771 48.49 -19.82 -20.34
N ARG D 772 48.89 -20.33 -21.51
CA ARG D 772 50.17 -19.97 -22.10
C ARG D 772 50.14 -20.33 -23.57
N PHE D 773 50.55 -19.40 -24.42
CA PHE D 773 50.58 -19.66 -25.85
C PHE D 773 51.69 -20.65 -26.17
N PRO D 774 51.62 -21.33 -27.31
CA PRO D 774 52.62 -22.34 -27.68
C PRO D 774 54.06 -21.81 -27.62
N GLU E 466 19.81 16.44 -24.41
CA GLU E 466 18.59 15.96 -25.04
C GLU E 466 18.88 14.78 -25.96
N THR E 467 17.85 14.30 -26.65
CA THR E 467 18.01 13.13 -27.50
C THR E 467 18.97 13.43 -28.64
N VAL E 468 19.61 12.37 -29.13
CA VAL E 468 20.56 12.45 -30.24
C VAL E 468 19.99 11.65 -31.40
N VAL E 469 19.84 12.30 -32.55
CA VAL E 469 19.35 11.66 -33.76
C VAL E 469 20.44 11.79 -34.81
N GLU E 470 21.03 10.66 -35.19
CA GLU E 470 22.13 10.65 -36.15
C GLU E 470 22.16 9.30 -36.83
N VAL E 471 23.11 9.14 -37.75
CA VAL E 471 23.32 7.89 -38.47
C VAL E 471 24.46 7.15 -37.78
N PRO E 472 24.21 5.97 -37.19
CA PRO E 472 25.28 5.30 -36.45
C PRO E 472 26.48 5.01 -37.34
N GLN E 473 27.67 5.08 -36.74
CA GLN E 473 28.91 4.91 -37.48
C GLN E 473 29.30 3.44 -37.66
N VAL E 474 28.67 2.51 -36.93
CA VAL E 474 29.07 1.12 -37.02
C VAL E 474 28.68 0.55 -38.38
N THR E 475 29.23 -0.61 -38.71
CA THR E 475 29.02 -1.23 -40.01
C THR E 475 28.91 -2.75 -39.82
N TRP E 476 28.41 -3.41 -40.86
CA TRP E 476 28.19 -4.85 -40.77
C TRP E 476 29.47 -5.59 -40.41
N GLU E 477 30.60 -5.14 -40.94
CA GLU E 477 31.87 -5.81 -40.68
C GLU E 477 32.20 -5.80 -39.19
N ASP E 478 31.89 -4.71 -38.50
CA ASP E 478 32.22 -4.62 -37.07
C ASP E 478 31.65 -5.81 -36.30
N ILE E 479 30.46 -6.26 -36.65
CA ILE E 479 29.80 -7.35 -35.94
C ILE E 479 30.29 -8.68 -36.51
N GLY E 480 30.71 -9.57 -35.62
CA GLY E 480 31.24 -10.86 -36.02
C GLY E 480 30.19 -11.96 -35.86
N GLY E 481 30.03 -12.75 -36.92
CA GLY E 481 29.07 -13.83 -36.90
C GLY E 481 27.64 -13.34 -37.11
N LEU E 482 26.70 -14.17 -36.68
CA LEU E 482 25.28 -13.84 -36.75
C LEU E 482 24.84 -13.60 -38.19
N GLU E 483 25.40 -14.37 -39.12
CA GLU E 483 25.09 -14.14 -40.53
C GLU E 483 23.61 -14.32 -40.81
N ASP E 484 22.99 -15.34 -40.21
CA ASP E 484 21.56 -15.56 -40.42
C ASP E 484 20.76 -14.36 -39.93
N VAL E 485 21.09 -13.83 -38.76
CA VAL E 485 20.35 -12.69 -38.23
C VAL E 485 20.56 -11.48 -39.13
N LYS E 486 21.78 -11.31 -39.65
CA LYS E 486 22.03 -10.21 -40.57
C LYS E 486 21.13 -10.31 -41.80
N ARG E 487 21.08 -11.50 -42.40
CA ARG E 487 20.24 -11.67 -43.59
C ARG E 487 18.78 -11.42 -43.27
N GLU E 488 18.30 -11.93 -42.14
CA GLU E 488 16.88 -11.75 -41.80
C GLU E 488 16.56 -10.29 -41.53
N LEU E 489 17.42 -9.57 -40.83
CA LEU E 489 17.18 -8.15 -40.59
C LEU E 489 17.18 -7.38 -41.90
N GLN E 490 18.10 -7.72 -42.80
CA GLN E 490 18.06 -7.11 -44.12
C GLN E 490 16.71 -7.35 -44.78
N GLU E 491 16.27 -8.60 -44.81
CA GLU E 491 14.99 -8.92 -45.44
C GLU E 491 13.85 -8.13 -44.82
N LEU E 492 13.93 -7.89 -43.50
CA LEU E 492 12.84 -7.19 -42.83
C LEU E 492 12.85 -5.69 -43.10
N VAL E 493 14.02 -5.06 -43.16
CA VAL E 493 14.12 -3.61 -43.21
C VAL E 493 14.34 -3.10 -44.62
N GLN E 494 15.32 -3.62 -45.34
CA GLN E 494 15.68 -3.07 -46.64
C GLN E 494 14.55 -3.24 -47.65
N TYR E 495 14.01 -4.45 -47.76
CA TYR E 495 13.09 -4.74 -48.87
C TYR E 495 11.88 -3.83 -48.87
N PRO E 496 11.20 -3.57 -47.76
CA PRO E 496 10.01 -2.71 -47.81
C PRO E 496 10.23 -1.38 -48.52
N VAL E 497 11.26 -0.62 -48.12
CA VAL E 497 11.46 0.70 -48.71
C VAL E 497 11.89 0.59 -50.17
N GLU E 498 12.75 -0.38 -50.48
CA GLU E 498 13.33 -0.44 -51.82
C GLU E 498 12.29 -0.80 -52.87
N HIS E 499 11.48 -1.81 -52.61
CA HIS E 499 10.56 -2.35 -53.62
C HIS E 499 9.15 -2.44 -53.06
N PRO E 500 8.51 -1.30 -52.80
CA PRO E 500 7.11 -1.33 -52.35
C PRO E 500 6.16 -1.90 -53.40
N ASP E 501 6.55 -1.91 -54.67
CA ASP E 501 5.65 -2.37 -55.72
C ASP E 501 5.27 -3.83 -55.50
N LYS E 502 6.23 -4.67 -55.13
CA LYS E 502 5.91 -6.08 -54.91
C LYS E 502 4.92 -6.25 -53.76
N PHE E 503 5.14 -5.52 -52.66
CA PHE E 503 4.23 -5.64 -51.53
C PHE E 503 2.84 -5.18 -51.91
N LEU E 504 2.73 -4.10 -52.69
CA LEU E 504 1.42 -3.68 -53.18
C LEU E 504 0.79 -4.77 -54.04
N LYS E 505 1.58 -5.39 -54.92
CA LYS E 505 1.05 -6.41 -55.82
C LYS E 505 0.49 -7.59 -55.03
N PHE E 506 1.23 -8.05 -54.03
CA PHE E 506 0.79 -9.19 -53.24
C PHE E 506 -0.13 -8.80 -52.09
N GLY E 507 -0.31 -7.50 -51.83
CA GLY E 507 -1.22 -7.07 -50.79
C GLY E 507 -0.79 -7.42 -49.38
N MET E 508 0.49 -7.66 -49.16
CA MET E 508 1.00 -7.97 -47.83
C MET E 508 1.44 -6.68 -47.15
N THR E 509 1.15 -6.60 -45.84
CA THR E 509 1.52 -5.44 -45.05
C THR E 509 2.91 -5.64 -44.46
N PRO E 510 3.85 -4.73 -44.67
CA PRO E 510 5.20 -4.94 -44.12
C PRO E 510 5.17 -5.07 -42.61
N SER E 511 6.05 -5.93 -42.09
CA SER E 511 6.16 -6.10 -40.65
C SER E 511 6.63 -4.80 -40.01
N LYS E 512 6.10 -4.51 -38.83
CA LYS E 512 6.33 -3.21 -38.20
C LYS E 512 7.58 -3.20 -37.33
N GLY E 513 7.78 -4.23 -36.52
CA GLY E 513 8.90 -4.23 -35.59
C GLY E 513 9.43 -5.63 -35.34
N VAL E 514 10.47 -5.68 -34.50
CA VAL E 514 11.14 -6.92 -34.14
C VAL E 514 11.41 -6.88 -32.64
N LEU E 515 11.75 -8.03 -32.09
CA LEU E 515 12.09 -8.13 -30.67
C LEU E 515 13.26 -9.09 -30.51
N PHE E 516 14.43 -8.55 -30.17
CA PHE E 516 15.58 -9.38 -29.86
C PHE E 516 15.49 -9.88 -28.43
N TYR E 517 15.85 -11.13 -28.21
CA TYR E 517 15.93 -11.68 -26.87
C TYR E 517 17.12 -12.62 -26.77
N GLY E 518 17.88 -12.52 -25.68
CA GLY E 518 19.04 -13.34 -25.47
C GLY E 518 19.82 -12.89 -24.26
N PRO E 519 20.90 -13.61 -23.94
CA PRO E 519 21.70 -13.25 -22.78
C PRO E 519 22.36 -11.90 -22.98
N PRO E 520 22.66 -11.17 -21.89
CA PRO E 520 23.19 -9.82 -22.04
C PRO E 520 24.55 -9.81 -22.71
N GLY E 521 24.86 -8.70 -23.37
CA GLY E 521 26.15 -8.51 -23.98
C GLY E 521 26.46 -9.46 -25.13
N CYS E 522 25.51 -9.64 -26.04
CA CYS E 522 25.71 -10.52 -27.19
C CYS E 522 25.69 -9.81 -28.53
N GLY E 523 25.28 -8.54 -28.57
CA GLY E 523 25.31 -7.81 -29.83
C GLY E 523 23.96 -7.37 -30.34
N LYS E 524 23.05 -7.02 -29.44
CA LYS E 524 21.73 -6.53 -29.87
C LYS E 524 21.80 -5.08 -30.32
N THR E 525 22.28 -4.19 -29.44
CA THR E 525 22.40 -2.79 -29.82
C THR E 525 23.29 -2.64 -31.05
N LEU E 526 24.34 -3.46 -31.15
CA LEU E 526 25.19 -3.40 -32.31
C LEU E 526 24.44 -3.79 -33.57
N LEU E 527 23.59 -4.82 -33.49
CA LEU E 527 22.79 -5.21 -34.64
C LEU E 527 21.86 -4.08 -35.07
N ALA E 528 21.20 -3.44 -34.11
CA ALA E 528 20.31 -2.35 -34.45
C ALA E 528 21.07 -1.21 -35.11
N LYS E 529 22.21 -0.83 -34.55
CA LYS E 529 22.99 0.25 -35.13
C LYS E 529 23.49 -0.11 -36.52
N ALA E 530 23.92 -1.36 -36.71
CA ALA E 530 24.43 -1.76 -38.02
C ALA E 530 23.33 -1.71 -39.07
N ILE E 531 22.13 -2.19 -38.74
CA ILE E 531 21.05 -2.13 -39.72
C ILE E 531 20.68 -0.69 -40.02
N ALA E 532 20.64 0.15 -38.99
CA ALA E 532 20.33 1.56 -39.22
C ALA E 532 21.35 2.20 -40.15
N ASN E 533 22.64 1.90 -39.92
CA ASN E 533 23.68 2.47 -40.79
C ASN E 533 23.55 1.96 -42.21
N GLU E 534 23.30 0.66 -42.38
CA GLU E 534 23.19 0.11 -43.73
C GLU E 534 22.02 0.73 -44.48
N CYS E 535 20.88 0.90 -43.81
CA CYS E 535 19.75 1.57 -44.44
C CYS E 535 19.96 3.07 -44.57
N GLN E 536 21.01 3.62 -43.97
CA GLN E 536 21.28 5.06 -43.99
C GLN E 536 20.07 5.84 -43.45
N ALA E 537 19.64 5.46 -42.26
CA ALA E 537 18.49 6.09 -41.61
C ALA E 537 18.86 6.49 -40.19
N ASN E 538 18.20 7.51 -39.68
CA ASN E 538 18.50 7.99 -38.35
C ASN E 538 18.19 6.92 -37.30
N PHE E 539 18.91 6.96 -36.20
CA PHE E 539 18.80 5.97 -35.13
C PHE E 539 18.54 6.70 -33.83
N ILE E 540 17.45 6.33 -33.15
CA ILE E 540 17.06 6.93 -31.88
C ILE E 540 17.07 5.85 -30.82
N SER E 541 17.85 6.06 -29.76
CA SER E 541 18.02 5.07 -28.70
C SER E 541 17.29 5.55 -27.45
N ILE E 542 16.57 4.65 -26.80
CA ILE E 542 15.85 4.94 -25.56
C ILE E 542 16.32 3.90 -24.55
N LYS E 543 17.24 4.29 -23.66
CA LYS E 543 17.81 3.35 -22.71
C LYS E 543 16.77 2.97 -21.66
N GLY E 544 17.13 1.99 -20.84
CA GLY E 544 16.27 1.52 -19.78
C GLY E 544 16.02 2.57 -18.70
N PRO E 545 17.07 3.26 -18.27
CA PRO E 545 16.89 4.28 -17.24
C PRO E 545 15.89 5.36 -17.62
N GLU E 546 15.80 5.71 -18.90
CA GLU E 546 14.80 6.69 -19.32
C GLU E 546 13.39 6.17 -19.08
N LEU E 547 13.14 4.91 -19.44
CA LEU E 547 11.83 4.33 -19.17
C LEU E 547 11.55 4.27 -17.69
N LEU E 548 12.56 3.90 -16.90
CA LEU E 548 12.35 3.81 -15.45
C LEU E 548 12.04 5.16 -14.85
N THR E 549 12.72 6.22 -15.29
CA THR E 549 12.42 7.54 -14.75
C THR E 549 11.06 8.04 -15.22
N MET E 550 10.63 7.66 -16.43
CA MET E 550 9.26 7.97 -16.84
C MET E 550 8.26 7.27 -15.94
N TRP E 551 8.57 6.04 -15.52
CA TRP E 551 7.66 5.31 -14.63
C TRP E 551 7.63 5.93 -13.25
N PHE E 552 8.79 6.21 -12.66
CA PHE E 552 8.83 6.72 -11.29
C PHE E 552 8.17 8.09 -11.19
N GLY E 553 8.44 8.98 -12.14
CA GLY E 553 7.85 10.30 -12.10
C GLY E 553 6.38 10.33 -12.47
N GLU E 554 5.80 9.19 -12.87
CA GLU E 554 4.40 9.09 -13.23
C GLU E 554 4.05 9.99 -14.41
N SER E 555 5.04 10.39 -15.21
CA SER E 555 4.84 11.22 -16.38
C SER E 555 5.11 10.36 -17.61
N GLU E 556 4.09 9.62 -18.03
CA GLU E 556 4.20 8.76 -19.20
C GLU E 556 3.76 9.44 -20.48
N ALA E 557 3.37 10.72 -20.41
CA ALA E 557 2.94 11.44 -21.60
C ALA E 557 4.10 11.81 -22.50
N ASN E 558 5.34 11.62 -22.07
CA ASN E 558 6.49 11.96 -22.89
C ASN E 558 6.71 10.95 -24.02
N VAL E 559 6.07 9.78 -23.96
CA VAL E 559 6.23 8.80 -25.03
C VAL E 559 5.68 9.36 -26.34
N ARG E 560 4.59 10.12 -26.27
CA ARG E 560 4.08 10.77 -27.46
C ARG E 560 5.15 11.64 -28.08
N GLU E 561 5.90 12.37 -27.26
CA GLU E 561 6.96 13.23 -27.79
C GLU E 561 8.03 12.40 -28.48
N ILE E 562 8.43 11.27 -27.89
CA ILE E 562 9.46 10.44 -28.50
C ILE E 562 8.99 9.92 -29.86
N PHE E 563 7.75 9.44 -29.92
CA PHE E 563 7.26 8.92 -31.19
C PHE E 563 7.12 10.01 -32.23
N ASP E 564 6.69 11.21 -31.82
CA ASP E 564 6.63 12.32 -32.76
C ASP E 564 8.01 12.67 -33.29
N LYS E 565 9.00 12.69 -32.40
CA LYS E 565 10.37 12.97 -32.84
C LYS E 565 10.85 11.92 -33.83
N ALA E 566 10.56 10.65 -33.56
CA ALA E 566 10.94 9.61 -34.50
C ALA E 566 10.25 9.79 -35.84
N ARG E 567 8.96 10.15 -35.82
CA ARG E 567 8.23 10.35 -37.06
C ARG E 567 8.83 11.49 -37.87
N GLN E 568 9.26 12.56 -37.19
CA GLN E 568 9.73 13.75 -37.89
C GLN E 568 10.93 13.44 -38.78
N ALA E 569 11.82 12.56 -38.31
CA ALA E 569 13.10 12.31 -38.96
C ALA E 569 13.14 10.97 -39.71
N ALA E 570 12.03 10.60 -40.34
CA ALA E 570 12.00 9.35 -41.08
C ALA E 570 12.89 9.44 -42.32
N PRO E 571 13.46 8.31 -42.76
CA PRO E 571 13.37 6.95 -42.22
C PRO E 571 14.15 6.83 -40.94
N CYS E 572 13.72 5.97 -40.01
CA CYS E 572 14.37 5.88 -38.71
C CYS E 572 14.09 4.51 -38.12
N VAL E 573 14.90 4.13 -37.15
CA VAL E 573 14.68 2.91 -36.38
C VAL E 573 14.69 3.30 -34.91
N LEU E 574 13.58 3.07 -34.23
CA LEU E 574 13.43 3.43 -32.83
C LEU E 574 13.77 2.21 -31.98
N PHE E 575 14.84 2.31 -31.20
CA PHE E 575 15.38 1.18 -30.46
C PHE E 575 15.05 1.33 -28.98
N PHE E 576 14.15 0.48 -28.49
CA PHE E 576 13.75 0.50 -27.07
C PHE E 576 14.61 -0.51 -26.32
N ASP E 577 15.75 -0.05 -25.82
CA ASP E 577 16.67 -0.91 -25.11
C ASP E 577 16.08 -1.33 -23.76
N GLU E 578 16.39 -2.55 -23.36
CA GLU E 578 15.97 -3.10 -22.08
C GLU E 578 14.48 -2.82 -21.83
N LEU E 579 13.65 -3.39 -22.72
CA LEU E 579 12.22 -3.14 -22.68
C LEU E 579 11.54 -3.74 -21.46
N ASP E 580 12.23 -4.58 -20.70
CA ASP E 580 11.63 -5.25 -19.54
C ASP E 580 12.06 -4.63 -18.22
N SER E 581 12.71 -3.46 -18.24
CA SER E 581 13.24 -2.91 -17.00
C SER E 581 12.13 -2.64 -15.99
N ILE E 582 11.01 -2.10 -16.45
CA ILE E 582 9.93 -1.78 -15.52
C ILE E 582 9.40 -3.03 -14.84
N ALA E 583 9.27 -4.13 -15.60
CA ALA E 583 8.77 -5.37 -15.01
C ALA E 583 9.70 -5.86 -13.91
N LYS E 584 11.01 -5.82 -14.15
CA LYS E 584 11.96 -6.21 -13.11
C LYS E 584 11.87 -5.29 -11.90
N ALA E 585 11.73 -3.98 -12.14
CA ALA E 585 11.77 -3.03 -11.04
C ALA E 585 10.67 -3.29 -10.02
N ARG E 586 9.55 -3.89 -10.45
CA ARG E 586 8.42 -4.16 -9.57
C ARG E 586 8.37 -5.61 -9.11
N GLY E 587 9.46 -6.37 -9.28
CA GLY E 587 9.53 -7.72 -8.75
C GLY E 587 9.82 -8.76 -9.81
N GLY E 588 9.21 -8.62 -10.98
CA GLY E 588 9.38 -9.57 -12.06
C GLY E 588 8.27 -10.59 -12.11
N ASP E 592 5.58 -9.15 -7.59
CA ASP E 592 4.73 -8.04 -8.02
C ASP E 592 3.28 -8.31 -7.67
N GLY E 593 2.68 -7.42 -6.87
CA GLY E 593 1.29 -7.61 -6.51
C GLY E 593 0.35 -7.56 -7.69
N GLY E 594 0.63 -6.65 -8.64
CA GLY E 594 -0.24 -6.45 -9.78
C GLY E 594 -0.02 -7.48 -10.88
N GLY E 595 -0.55 -7.15 -12.04
CA GLY E 595 -0.47 -8.00 -13.22
C GLY E 595 0.73 -7.70 -14.08
N ALA E 596 0.58 -7.92 -15.38
CA ALA E 596 1.67 -7.80 -16.33
C ALA E 596 1.65 -6.49 -17.11
N ALA E 597 0.75 -5.57 -16.80
CA ALA E 597 0.62 -4.32 -17.52
C ALA E 597 1.02 -3.16 -16.61
N ASP E 598 1.90 -2.30 -17.12
CA ASP E 598 2.36 -1.11 -16.42
C ASP E 598 1.85 0.13 -17.14
N ARG E 599 2.25 1.30 -16.65
CA ARG E 599 1.73 2.55 -17.15
C ARG E 599 2.57 3.18 -18.25
N VAL E 600 3.72 2.60 -18.58
CA VAL E 600 4.57 3.09 -19.67
C VAL E 600 4.43 2.22 -20.91
N ILE E 601 4.49 0.90 -20.74
CA ILE E 601 4.30 0.01 -21.88
C ILE E 601 2.93 0.24 -22.50
N ASN E 602 1.94 0.57 -21.67
CA ASN E 602 0.61 0.86 -22.20
C ASN E 602 0.67 2.00 -23.21
N GLN E 603 1.31 3.11 -22.83
CA GLN E 603 1.43 4.24 -23.75
C GLN E 603 2.26 3.88 -24.96
N ILE E 604 3.33 3.10 -24.77
CA ILE E 604 4.18 2.72 -25.88
C ILE E 604 3.35 1.98 -26.93
N LEU E 605 2.59 0.96 -26.50
CA LEU E 605 1.84 0.18 -27.48
C LEU E 605 0.64 0.95 -28.02
N THR E 606 0.06 1.86 -27.24
CA THR E 606 -0.97 2.73 -27.80
C THR E 606 -0.43 3.55 -28.96
N GLU E 607 0.72 4.20 -28.75
CA GLU E 607 1.31 4.99 -29.81
C GLU E 607 1.69 4.11 -30.99
N MET E 608 2.22 2.92 -30.72
CA MET E 608 2.60 2.02 -31.80
C MET E 608 1.40 1.64 -32.64
N ASP E 609 0.25 1.38 -32.01
CA ASP E 609 -0.96 1.10 -32.76
C ASP E 609 -1.45 2.33 -33.51
N GLY E 610 -1.19 3.52 -32.98
CA GLY E 610 -1.71 4.73 -33.57
C GLY E 610 -0.89 5.37 -34.67
N MET E 611 0.16 4.71 -35.15
CA MET E 611 1.03 5.28 -36.17
C MET E 611 0.65 4.78 -37.55
N SER E 612 1.12 5.50 -38.57
CA SER E 612 0.80 5.22 -39.96
C SER E 612 1.91 4.39 -40.60
N THR E 613 1.50 3.39 -41.38
CA THR E 613 2.48 2.49 -42.01
C THR E 613 3.13 3.13 -43.23
N LYS E 614 2.57 4.19 -43.78
CA LYS E 614 3.18 4.83 -44.93
C LYS E 614 4.57 5.35 -44.58
N LYS E 615 4.76 5.84 -43.36
CA LYS E 615 6.07 6.28 -42.92
C LYS E 615 6.98 5.07 -42.72
N ASN E 616 8.28 5.30 -42.88
CA ASN E 616 9.28 4.25 -42.70
C ASN E 616 9.90 4.29 -41.31
N VAL E 617 9.08 4.17 -40.28
CA VAL E 617 9.55 4.12 -38.90
C VAL E 617 9.53 2.67 -38.45
N PHE E 618 10.66 2.17 -37.99
CA PHE E 618 10.83 0.78 -37.62
C PHE E 618 11.13 0.68 -36.14
N ILE E 619 10.28 -0.05 -35.41
CA ILE E 619 10.42 -0.18 -33.96
C ILE E 619 11.13 -1.49 -33.68
N ILE E 620 12.28 -1.40 -33.00
CA ILE E 620 13.06 -2.56 -32.60
C ILE E 620 13.16 -2.56 -31.09
N GLY E 621 12.84 -3.69 -30.48
CA GLY E 621 12.93 -3.83 -29.04
C GLY E 621 13.99 -4.84 -28.67
N ALA E 622 14.56 -4.67 -27.48
CA ALA E 622 15.57 -5.58 -26.96
C ALA E 622 15.24 -5.94 -25.52
N THR E 623 15.70 -7.11 -25.09
CA THR E 623 15.46 -7.54 -23.73
C THR E 623 16.27 -8.80 -23.48
N ASN E 624 16.75 -8.95 -22.25
CA ASN E 624 17.48 -10.14 -21.83
C ASN E 624 16.70 -10.96 -20.82
N ARG E 625 15.37 -10.92 -20.88
CA ARG E 625 14.51 -11.62 -19.94
C ARG E 625 13.12 -11.74 -20.55
N PRO E 626 13.00 -12.52 -21.62
CA PRO E 626 11.77 -12.57 -22.41
C PRO E 626 10.70 -13.49 -21.84
N ASP E 627 10.48 -13.40 -20.52
CA ASP E 627 9.44 -14.16 -19.86
C ASP E 627 8.54 -13.33 -18.98
N ILE E 628 8.96 -12.13 -18.57
CA ILE E 628 8.09 -11.20 -17.87
C ILE E 628 7.59 -10.09 -18.77
N ILE E 629 8.00 -10.09 -20.03
CA ILE E 629 7.53 -9.06 -20.96
C ILE E 629 6.03 -9.18 -21.14
N ASP E 630 5.36 -8.04 -21.18
CA ASP E 630 3.91 -8.02 -21.28
C ASP E 630 3.48 -8.70 -22.58
N PRO E 631 2.60 -9.71 -22.54
CA PRO E 631 2.24 -10.41 -23.77
C PRO E 631 1.51 -9.55 -24.78
N ALA E 632 0.95 -8.40 -24.35
CA ALA E 632 0.18 -7.58 -25.29
C ALA E 632 1.06 -7.06 -26.42
N ILE E 633 2.36 -6.92 -26.19
CA ILE E 633 3.24 -6.39 -27.23
C ILE E 633 3.36 -7.38 -28.38
N LEU E 634 3.39 -8.67 -28.07
CA LEU E 634 3.69 -9.70 -29.07
C LEU E 634 2.50 -10.03 -29.95
N ARG E 635 1.44 -9.22 -29.95
CA ARG E 635 0.32 -9.47 -30.82
C ARG E 635 0.70 -9.15 -32.27
N PRO E 636 -0.06 -9.66 -33.24
CA PRO E 636 0.38 -9.56 -34.64
C PRO E 636 0.63 -8.13 -35.11
N GLY E 637 -0.11 -7.15 -34.59
CA GLY E 637 -0.02 -5.81 -35.11
C GLY E 637 1.09 -4.94 -34.55
N ARG E 638 1.79 -5.38 -33.50
CA ARG E 638 2.73 -4.54 -32.79
C ARG E 638 4.18 -4.98 -32.94
N LEU E 639 4.50 -6.22 -32.56
CA LEU E 639 5.87 -6.72 -32.68
C LEU E 639 5.78 -8.19 -33.05
N ASP E 640 5.93 -8.49 -34.34
CA ASP E 640 5.60 -9.82 -34.83
C ASP E 640 6.64 -10.85 -34.42
N GLN E 641 7.88 -10.68 -34.88
CA GLN E 641 8.86 -11.75 -34.80
C GLN E 641 9.62 -11.70 -33.48
N LEU E 642 10.34 -12.79 -33.21
CA LEU E 642 11.22 -12.90 -32.05
C LEU E 642 12.51 -13.55 -32.50
N ILE E 643 13.56 -12.77 -32.58
CA ILE E 643 14.87 -13.27 -32.98
C ILE E 643 15.62 -13.69 -31.73
N TYR E 644 16.47 -14.70 -31.87
CA TYR E 644 17.29 -15.21 -30.77
C TYR E 644 18.75 -14.93 -31.08
N ILE E 645 19.43 -14.27 -30.16
CA ILE E 645 20.84 -13.93 -30.33
C ILE E 645 21.68 -14.81 -29.41
N PRO E 646 22.18 -15.94 -29.89
CA PRO E 646 22.86 -16.89 -29.00
C PRO E 646 24.28 -16.44 -28.68
N LEU E 647 24.90 -17.16 -27.75
CA LEU E 647 26.29 -16.90 -27.42
C LEU E 647 27.18 -17.24 -28.61
N PRO E 648 28.27 -16.50 -28.83
CA PRO E 648 29.12 -16.79 -29.98
C PRO E 648 29.75 -18.18 -29.87
N ASP E 649 30.00 -18.78 -31.04
CA ASP E 649 30.72 -20.04 -31.12
C ASP E 649 32.19 -19.78 -31.43
N GLU E 650 32.94 -20.86 -31.67
CA GLU E 650 34.38 -20.72 -31.89
C GLU E 650 34.67 -19.77 -33.06
N LYS E 651 34.03 -20.02 -34.21
CA LYS E 651 34.23 -19.11 -35.34
C LYS E 651 33.75 -17.71 -34.99
N SER E 652 32.59 -17.61 -34.32
CA SER E 652 32.08 -16.31 -33.92
C SER E 652 33.02 -15.62 -32.95
N ARG E 653 33.58 -16.38 -31.99
CA ARG E 653 34.52 -15.77 -31.05
C ARG E 653 35.78 -15.28 -31.76
N VAL E 654 36.29 -16.06 -32.71
CA VAL E 654 37.46 -15.61 -33.47
C VAL E 654 37.14 -14.33 -34.21
N ALA E 655 35.98 -14.26 -34.85
CA ALA E 655 35.60 -13.05 -35.56
C ALA E 655 35.46 -11.87 -34.60
N ILE E 656 34.88 -12.11 -33.43
CA ILE E 656 34.69 -11.04 -32.45
C ILE E 656 36.05 -10.49 -32.02
N LEU E 657 36.99 -11.39 -31.71
CA LEU E 657 38.31 -10.93 -31.31
C LEU E 657 39.00 -10.17 -32.43
N LYS E 658 38.88 -10.65 -33.67
CA LYS E 658 39.46 -9.92 -34.78
C LYS E 658 38.88 -8.52 -34.88
N ALA E 659 37.56 -8.40 -34.71
CA ALA E 659 36.91 -7.10 -34.87
C ALA E 659 37.40 -6.08 -33.86
N ASN E 660 37.54 -6.49 -32.60
CA ASN E 660 37.87 -5.56 -31.53
C ASN E 660 39.31 -5.09 -31.55
N LEU E 661 40.20 -5.77 -32.27
CA LEU E 661 41.62 -5.43 -32.28
C LEU E 661 42.00 -4.56 -33.46
N ARG E 662 41.02 -4.08 -34.24
CA ARG E 662 41.33 -3.20 -35.37
C ARG E 662 41.89 -1.87 -34.92
N LYS E 663 41.68 -1.49 -33.66
CA LYS E 663 42.09 -0.17 -33.17
C LYS E 663 43.28 -0.22 -32.21
N SER E 664 43.55 -1.38 -31.60
CA SER E 664 44.69 -1.52 -30.70
C SER E 664 45.80 -2.29 -31.41
N PRO E 665 46.96 -1.69 -31.69
CA PRO E 665 48.02 -2.47 -32.34
C PRO E 665 48.41 -3.68 -31.49
N VAL E 666 48.63 -4.80 -32.17
CA VAL E 666 48.89 -6.07 -31.49
C VAL E 666 50.05 -6.77 -32.19
N ALA E 667 50.94 -7.36 -31.40
CA ALA E 667 52.06 -8.09 -31.97
C ALA E 667 51.56 -9.28 -32.79
N LYS E 668 52.28 -9.58 -33.87
CA LYS E 668 51.85 -10.62 -34.79
C LYS E 668 51.84 -12.00 -34.15
N ASP E 669 52.64 -12.22 -33.10
CA ASP E 669 52.72 -13.55 -32.49
C ASP E 669 51.45 -13.96 -31.78
N VAL E 670 50.52 -13.03 -31.54
CA VAL E 670 49.28 -13.38 -30.85
C VAL E 670 48.49 -14.35 -31.71
N ASP E 671 47.99 -15.42 -31.09
CA ASP E 671 47.21 -16.45 -31.77
C ASP E 671 45.76 -16.31 -31.31
N LEU E 672 44.94 -15.68 -32.14
CA LEU E 672 43.53 -15.49 -31.78
C LEU E 672 42.77 -16.81 -31.74
N GLU E 673 43.11 -17.74 -32.63
CA GLU E 673 42.40 -19.02 -32.66
C GLU E 673 42.54 -19.75 -31.33
N PHE E 674 43.77 -19.81 -30.80
CA PHE E 674 43.99 -20.51 -29.55
C PHE E 674 43.24 -19.84 -28.41
N LEU E 675 43.26 -18.50 -28.37
CA LEU E 675 42.55 -17.80 -27.32
C LEU E 675 41.05 -18.06 -27.40
N ALA E 676 40.50 -18.06 -28.61
CA ALA E 676 39.08 -18.33 -28.77
C ALA E 676 38.72 -19.75 -28.38
N LYS E 677 39.64 -20.70 -28.61
CA LYS E 677 39.34 -22.08 -28.27
C LYS E 677 39.12 -22.25 -26.77
N MET E 678 39.91 -21.57 -25.94
CA MET E 678 39.88 -21.75 -24.50
C MET E 678 38.76 -21.00 -23.81
N THR E 679 38.01 -20.17 -24.52
CA THR E 679 36.88 -19.43 -23.94
C THR E 679 35.60 -20.06 -24.49
N ASN E 680 35.11 -21.08 -23.79
CA ASN E 680 33.94 -21.82 -24.27
C ASN E 680 32.67 -21.02 -24.06
N GLY E 681 32.34 -20.73 -22.80
CA GLY E 681 31.16 -19.94 -22.51
C GLY E 681 31.49 -18.49 -22.20
N PHE E 682 31.31 -17.62 -23.18
CA PHE E 682 31.67 -16.23 -23.06
C PHE E 682 30.68 -15.38 -23.85
N SER E 683 30.62 -14.10 -23.51
CA SER E 683 29.85 -13.13 -24.26
C SER E 683 30.80 -12.10 -24.85
N GLY E 684 30.31 -11.35 -25.84
CA GLY E 684 31.15 -10.36 -26.49
C GLY E 684 31.72 -9.36 -25.50
N ALA E 685 30.92 -8.96 -24.51
CA ALA E 685 31.39 -8.01 -23.52
C ALA E 685 32.61 -8.55 -22.79
N ASP E 686 32.65 -9.86 -22.52
CA ASP E 686 33.78 -10.43 -21.81
C ASP E 686 35.05 -10.37 -22.65
N LEU E 687 34.95 -10.66 -23.94
CA LEU E 687 36.12 -10.57 -24.81
C LEU E 687 36.60 -9.13 -24.94
N THR E 688 35.67 -8.18 -25.04
CA THR E 688 36.06 -6.78 -25.04
C THR E 688 36.77 -6.41 -23.74
N GLU E 689 36.27 -6.91 -22.61
CA GLU E 689 36.92 -6.64 -21.33
C GLU E 689 38.32 -7.22 -21.29
N ILE E 690 38.51 -8.41 -21.85
CA ILE E 690 39.84 -9.00 -21.91
C ILE E 690 40.79 -8.10 -22.70
N CYS E 691 40.33 -7.62 -23.86
CA CYS E 691 41.16 -6.72 -24.64
C CYS E 691 41.48 -5.45 -23.85
N GLN E 692 40.49 -4.90 -23.16
CA GLN E 692 40.70 -3.68 -22.40
C GLN E 692 41.72 -3.90 -21.28
N ARG E 693 41.64 -5.04 -20.60
CA ARG E 693 42.60 -5.33 -19.54
C ARG E 693 44.00 -5.46 -20.10
N ALA E 694 44.15 -6.13 -21.24
CA ALA E 694 45.47 -6.23 -21.85
C ALA E 694 46.02 -4.85 -22.20
N CYS E 695 45.18 -4.00 -22.78
CA CYS E 695 45.63 -2.65 -23.13
C CYS E 695 46.00 -1.85 -21.89
N LYS E 696 45.23 -2.00 -20.82
CA LYS E 696 45.55 -1.30 -19.57
C LYS E 696 46.89 -1.75 -19.03
N LEU E 697 47.15 -3.06 -19.06
CA LEU E 697 48.45 -3.55 -18.59
C LEU E 697 49.58 -2.97 -19.43
N ALA E 698 49.40 -2.94 -20.74
CA ALA E 698 50.44 -2.38 -21.61
C ALA E 698 50.67 -0.89 -21.30
N ILE E 699 49.60 -0.14 -21.11
CA ILE E 699 49.74 1.28 -20.81
C ILE E 699 50.47 1.48 -19.49
N ARG E 700 50.12 0.68 -18.48
CA ARG E 700 50.78 0.80 -17.19
C ARG E 700 52.27 0.50 -17.32
N GLU E 701 52.62 -0.56 -18.05
CA GLU E 701 54.03 -0.89 -18.21
C GLU E 701 54.77 0.23 -18.93
N SER E 702 54.17 0.78 -19.98
CA SER E 702 54.83 1.86 -20.71
C SER E 702 55.03 3.09 -19.83
N ILE E 703 54.02 3.45 -19.05
CA ILE E 703 54.15 4.63 -18.20
C ILE E 703 55.20 4.41 -17.13
N GLU E 704 55.25 3.21 -16.56
CA GLU E 704 56.28 2.91 -15.57
C GLU E 704 57.67 3.02 -16.20
N SER E 705 57.84 2.49 -17.41
CA SER E 705 59.13 2.58 -18.08
C SER E 705 59.51 4.04 -18.34
N GLU E 706 58.54 4.86 -18.75
CA GLU E 706 58.83 6.28 -18.95
C GLU E 706 59.21 6.94 -17.65
N ILE E 707 58.56 6.57 -16.54
CA ILE E 707 58.89 7.15 -15.25
C ILE E 707 60.29 6.75 -14.83
N ARG E 708 60.73 5.54 -15.18
CA ARG E 708 62.07 5.11 -14.83
C ARG E 708 63.11 6.13 -15.30
N ARG E 709 63.06 6.47 -16.59
CA ARG E 709 63.98 7.46 -17.14
C ARG E 709 65.42 7.09 -16.80
N GLU E 710 66.26 8.07 -16.47
CA GLU E 710 67.62 7.77 -16.06
C GLU E 710 67.68 7.28 -14.62
N ARG E 711 66.78 7.77 -13.76
CA ARG E 711 66.74 7.34 -12.38
C ARG E 711 65.59 8.06 -11.66
N PRO E 729 55.53 -0.27 -27.12
CA PRO E 729 54.62 0.56 -27.91
C PRO E 729 53.44 -0.23 -28.48
N GLU E 730 53.57 -1.55 -28.54
CA GLU E 730 52.52 -2.41 -29.06
C GLU E 730 52.33 -3.60 -28.12
N ILE E 731 51.10 -4.12 -28.09
CA ILE E 731 50.78 -5.21 -27.19
C ILE E 731 51.61 -6.43 -27.55
N ARG E 732 51.88 -7.25 -26.54
CA ARG E 732 52.61 -8.51 -26.69
C ARG E 732 51.77 -9.66 -26.14
N ARG E 733 52.30 -10.88 -26.25
CA ARG E 733 51.61 -12.03 -25.70
C ARG E 733 51.60 -12.02 -24.19
N ASP E 734 52.62 -11.43 -23.57
CA ASP E 734 52.69 -11.41 -22.11
C ASP E 734 51.50 -10.66 -21.53
N HIS E 735 51.12 -9.55 -22.15
CA HIS E 735 50.00 -8.77 -21.63
C HIS E 735 48.70 -9.55 -21.69
N PHE E 736 48.46 -10.26 -22.80
CA PHE E 736 47.25 -11.09 -22.88
C PHE E 736 47.29 -12.21 -21.86
N GLU E 737 48.45 -12.83 -21.68
CA GLU E 737 48.57 -13.89 -20.68
C GLU E 737 48.23 -13.36 -19.30
N GLU E 738 48.73 -12.18 -18.94
CA GLU E 738 48.40 -11.60 -17.65
C GLU E 738 46.92 -11.26 -17.56
N ALA E 739 46.35 -10.68 -18.62
CA ALA E 739 44.97 -10.24 -18.58
C ALA E 739 44.01 -11.41 -18.41
N MET E 740 44.32 -12.55 -19.04
CA MET E 740 43.41 -13.68 -18.97
C MET E 740 43.15 -14.15 -17.55
N ARG E 741 44.07 -13.87 -16.62
CA ARG E 741 43.85 -14.28 -15.24
C ARG E 741 42.66 -13.56 -14.62
N PHE E 742 42.34 -12.36 -15.09
CA PHE E 742 41.21 -11.59 -14.58
C PHE E 742 39.94 -11.80 -15.38
N ALA E 743 39.97 -12.65 -16.41
CA ALA E 743 38.77 -12.89 -17.20
C ALA E 743 37.73 -13.62 -16.37
N ARG E 744 36.45 -13.39 -16.72
CA ARG E 744 35.36 -14.04 -16.03
C ARG E 744 34.19 -14.20 -17.00
N ARG E 745 33.30 -15.13 -16.66
CA ARG E 745 32.12 -15.42 -17.48
C ARG E 745 30.92 -14.74 -16.86
N SER E 746 30.34 -13.77 -17.58
CA SER E 746 29.24 -13.00 -17.03
C SER E 746 28.00 -13.86 -16.82
N VAL E 747 27.68 -14.72 -17.77
CA VAL E 747 26.44 -15.50 -17.75
C VAL E 747 26.74 -16.90 -17.24
N SER E 748 26.01 -17.33 -16.23
CA SER E 748 26.18 -18.66 -15.68
C SER E 748 25.54 -19.70 -16.60
N ASP E 749 25.89 -20.97 -16.36
CA ASP E 749 25.36 -22.04 -17.20
C ASP E 749 23.86 -22.16 -17.06
N ASN E 750 23.30 -21.86 -15.89
CA ASN E 750 21.87 -21.99 -15.69
C ASN E 750 21.10 -21.07 -16.62
N ASP E 751 21.59 -19.84 -16.81
CA ASP E 751 20.90 -18.90 -17.69
C ASP E 751 20.93 -19.39 -19.12
N ILE E 752 22.06 -19.92 -19.57
CA ILE E 752 22.14 -20.44 -20.94
C ILE E 752 21.19 -21.62 -21.10
N ARG E 753 21.11 -22.48 -20.08
CA ARG E 753 20.18 -23.60 -20.13
C ARG E 753 18.74 -23.10 -20.23
N LYS E 754 18.39 -22.09 -19.45
CA LYS E 754 17.03 -21.55 -19.49
C LYS E 754 16.71 -20.96 -20.87
N TYR E 755 17.65 -20.21 -21.44
CA TYR E 755 17.41 -19.63 -22.76
C TYR E 755 17.26 -20.71 -23.82
N GLU E 756 18.11 -21.74 -23.77
CA GLU E 756 17.97 -22.83 -24.71
C GLU E 756 16.63 -23.54 -24.54
N MET E 757 16.18 -23.69 -23.30
CA MET E 757 14.87 -24.30 -23.07
C MET E 757 13.77 -23.44 -23.66
N PHE E 758 13.87 -22.12 -23.53
CA PHE E 758 12.89 -21.23 -24.13
C PHE E 758 12.86 -21.40 -25.65
N ALA E 759 14.03 -21.41 -26.27
CA ALA E 759 14.08 -21.57 -27.73
C ALA E 759 13.50 -22.91 -28.15
N GLN E 760 13.83 -23.98 -27.43
CA GLN E 760 13.30 -25.29 -27.76
C GLN E 760 11.80 -25.36 -27.53
N THR E 761 11.29 -24.65 -26.53
CA THR E 761 9.85 -24.60 -26.32
C THR E 761 9.16 -23.95 -27.51
N LEU E 762 9.71 -22.83 -27.99
CA LEU E 762 9.13 -22.20 -29.17
C LEU E 762 9.20 -23.12 -30.38
N GLN E 763 10.34 -23.79 -30.58
CA GLN E 763 10.50 -24.65 -31.74
C GLN E 763 9.62 -25.89 -31.65
N GLN E 764 9.31 -26.36 -30.44
CA GLN E 764 8.37 -27.45 -30.29
C GLN E 764 6.95 -26.99 -30.58
N SER E 765 6.58 -25.81 -30.08
CA SER E 765 5.28 -25.25 -30.42
C SER E 765 5.14 -25.03 -31.91
N ARG E 766 6.26 -24.84 -32.62
CA ARG E 766 6.21 -24.75 -34.08
C ARG E 766 5.56 -26.00 -34.67
N GLY E 767 6.21 -27.15 -34.52
CA GLY E 767 5.63 -28.39 -34.98
C GLY E 767 5.48 -28.45 -36.49
N PHE E 768 4.62 -29.37 -36.94
CA PHE E 768 4.29 -29.53 -38.35
C PHE E 768 5.55 -29.84 -39.17
N GLY E 769 6.17 -30.97 -38.85
CA GLY E 769 7.35 -31.40 -39.59
C GLY E 769 7.00 -32.08 -40.90
N SER E 770 5.96 -32.90 -40.89
CA SER E 770 5.53 -33.64 -42.06
C SER E 770 4.33 -32.95 -42.68
N PHE E 771 4.48 -32.52 -43.94
CA PHE E 771 3.41 -31.82 -44.64
C PHE E 771 3.72 -31.72 -46.13
N ARG E 772 2.77 -32.12 -46.97
CA ARG E 772 2.95 -32.03 -48.41
C ARG E 772 1.63 -32.32 -49.10
N PHE E 773 1.35 -31.57 -50.16
CA PHE E 773 0.13 -31.79 -50.92
C PHE E 773 0.28 -33.05 -51.77
N PRO E 774 -0.83 -33.63 -52.24
CA PRO E 774 -0.77 -34.87 -53.03
C PRO E 774 0.12 -34.75 -54.27
N GLU F 466 -7.67 11.24 -32.86
CA GLU F 466 -8.84 11.12 -32.00
C GLU F 466 -9.73 9.98 -32.47
N THR F 467 -10.92 9.87 -31.89
CA THR F 467 -11.82 8.76 -32.21
C THR F 467 -12.23 8.82 -33.67
N VAL F 468 -12.49 7.65 -34.24
CA VAL F 468 -12.91 7.51 -35.63
C VAL F 468 -14.33 6.96 -35.63
N VAL F 469 -15.24 7.66 -36.31
CA VAL F 469 -16.63 7.27 -36.42
C VAL F 469 -16.96 7.16 -37.89
N GLU F 470 -17.27 5.95 -38.35
CA GLU F 470 -17.54 5.70 -39.76
C GLU F 470 -18.28 4.37 -39.86
N VAL F 471 -18.56 3.96 -41.10
CA VAL F 471 -19.27 2.70 -41.37
C VAL F 471 -18.21 1.66 -41.73
N PRO F 472 -18.06 0.59 -40.96
CA PRO F 472 -17.02 -0.39 -41.27
C PRO F 472 -17.21 -0.98 -42.67
N GLN F 473 -16.09 -1.27 -43.33
CA GLN F 473 -16.14 -1.75 -44.70
C GLN F 473 -16.44 -3.25 -44.79
N VAL F 474 -16.10 -4.02 -43.75
CA VAL F 474 -16.29 -5.46 -43.82
C VAL F 474 -17.76 -5.79 -43.99
N THR F 475 -18.03 -6.98 -44.53
CA THR F 475 -19.39 -7.45 -44.77
C THR F 475 -19.53 -8.87 -44.26
N TRP F 476 -20.73 -9.43 -44.40
CA TRP F 476 -20.98 -10.78 -43.91
C TRP F 476 -20.09 -11.81 -44.63
N GLU F 477 -19.91 -11.64 -45.94
CA GLU F 477 -19.15 -12.62 -46.71
C GLU F 477 -17.72 -12.76 -46.21
N ASP F 478 -17.16 -11.71 -45.61
CA ASP F 478 -15.79 -11.79 -45.12
C ASP F 478 -15.65 -12.84 -44.03
N ILE F 479 -16.63 -12.92 -43.14
CA ILE F 479 -16.58 -13.85 -42.02
C ILE F 479 -17.04 -15.23 -42.50
N GLY F 480 -16.29 -16.26 -42.11
CA GLY F 480 -16.59 -17.63 -42.49
C GLY F 480 -17.19 -18.40 -41.34
N GLY F 481 -18.33 -19.03 -41.60
CA GLY F 481 -19.02 -19.79 -40.59
C GLY F 481 -19.80 -18.91 -39.62
N LEU F 482 -20.09 -19.48 -38.45
CA LEU F 482 -20.80 -18.76 -37.39
C LEU F 482 -22.20 -18.36 -37.86
N GLU F 483 -22.89 -19.26 -38.55
CA GLU F 483 -24.22 -18.93 -39.06
C GLU F 483 -25.18 -18.62 -37.92
N ASP F 484 -25.15 -19.42 -36.86
CA ASP F 484 -26.07 -19.19 -35.75
C ASP F 484 -25.84 -17.83 -35.12
N VAL F 485 -24.58 -17.44 -34.92
CA VAL F 485 -24.29 -16.15 -34.31
C VAL F 485 -24.73 -15.02 -35.24
N LYS F 486 -24.56 -15.21 -36.55
CA LYS F 486 -25.04 -14.20 -37.49
C LYS F 486 -26.54 -14.02 -37.36
N ARG F 487 -27.29 -15.11 -37.32
CA ARG F 487 -28.73 -15.02 -37.18
C ARG F 487 -29.11 -14.35 -35.86
N GLU F 488 -28.42 -14.70 -34.77
CA GLU F 488 -28.75 -14.11 -33.48
C GLU F 488 -28.48 -12.61 -33.47
N LEU F 489 -27.34 -12.19 -34.02
CA LEU F 489 -27.02 -10.76 -34.05
C LEU F 489 -28.02 -10.01 -34.92
N GLN F 490 -28.40 -10.58 -36.06
CA GLN F 490 -29.43 -9.96 -36.88
C GLN F 490 -30.71 -9.78 -36.07
N GLU F 491 -31.19 -10.87 -35.46
CA GLU F 491 -32.42 -10.79 -34.69
C GLU F 491 -32.32 -9.74 -33.59
N LEU F 492 -31.13 -9.56 -33.01
CA LEU F 492 -30.99 -8.64 -31.90
C LEU F 492 -31.00 -7.18 -32.35
N VAL F 493 -30.30 -6.84 -33.44
CA VAL F 493 -30.12 -5.44 -33.83
C VAL F 493 -31.09 -5.01 -34.92
N GLN F 494 -31.23 -5.81 -35.97
CA GLN F 494 -32.03 -5.36 -37.12
C GLN F 494 -33.49 -5.17 -36.73
N TYR F 495 -34.08 -6.15 -36.06
CA TYR F 495 -35.52 -6.12 -35.84
C TYR F 495 -35.98 -4.90 -35.04
N PRO F 496 -35.33 -4.52 -33.94
CA PRO F 496 -35.83 -3.37 -33.18
C PRO F 496 -36.02 -2.11 -34.00
N VAL F 497 -35.04 -1.73 -34.82
CA VAL F 497 -35.16 -0.50 -35.60
C VAL F 497 -36.21 -0.66 -36.71
N GLU F 498 -36.23 -1.83 -37.34
CA GLU F 498 -37.07 -2.00 -38.52
C GLU F 498 -38.56 -2.02 -38.16
N HIS F 499 -38.93 -2.76 -37.14
CA HIS F 499 -40.35 -2.99 -36.80
C HIS F 499 -40.59 -2.70 -35.33
N PRO F 500 -40.45 -1.42 -34.93
CA PRO F 500 -40.80 -1.07 -33.55
C PRO F 500 -42.27 -1.28 -33.21
N ASP F 501 -43.13 -1.33 -34.23
CA ASP F 501 -44.56 -1.49 -33.98
C ASP F 501 -44.85 -2.78 -33.24
N LYS F 502 -44.20 -3.88 -33.64
CA LYS F 502 -44.44 -5.16 -32.97
C LYS F 502 -44.03 -5.09 -31.51
N PHE F 503 -42.86 -4.51 -31.24
CA PHE F 503 -42.40 -4.41 -29.85
C PHE F 503 -43.36 -3.56 -29.03
N LEU F 504 -43.86 -2.46 -29.60
CA LEU F 504 -44.85 -1.66 -28.89
C LEU F 504 -46.11 -2.46 -28.61
N LYS F 505 -46.57 -3.22 -29.61
CA LYS F 505 -47.79 -4.02 -29.44
C LYS F 505 -47.62 -5.02 -28.31
N PHE F 506 -46.48 -5.72 -28.28
CA PHE F 506 -46.20 -6.64 -27.19
C PHE F 506 -45.61 -5.94 -25.98
N GLY F 507 -45.31 -4.65 -26.09
CA GLY F 507 -44.81 -3.91 -24.94
C GLY F 507 -43.53 -4.45 -24.36
N MET F 508 -42.63 -4.94 -25.22
CA MET F 508 -41.35 -5.48 -24.80
C MET F 508 -40.25 -4.45 -25.02
N THR F 509 -39.28 -4.44 -24.12
CA THR F 509 -38.14 -3.54 -24.21
C THR F 509 -37.01 -4.22 -24.97
N PRO F 510 -36.54 -3.67 -26.09
CA PRO F 510 -35.47 -4.34 -26.83
C PRO F 510 -34.22 -4.52 -25.99
N SER F 511 -33.53 -5.63 -26.20
CA SER F 511 -32.29 -5.89 -25.49
C SER F 511 -31.26 -4.83 -25.83
N LYS F 512 -30.49 -4.41 -24.83
CA LYS F 512 -29.61 -3.26 -24.99
C LYS F 512 -28.23 -3.63 -25.51
N GLY F 513 -27.66 -4.74 -25.06
CA GLY F 513 -26.31 -5.09 -25.46
C GLY F 513 -26.08 -6.59 -25.47
N VAL F 514 -24.87 -6.96 -25.87
CA VAL F 514 -24.45 -8.35 -25.96
C VAL F 514 -23.04 -8.45 -25.40
N LEU F 515 -22.62 -9.67 -25.10
CA LEU F 515 -21.27 -9.93 -24.60
C LEU F 515 -20.72 -11.14 -25.35
N PHE F 516 -19.64 -10.96 -26.10
CA PHE F 516 -18.95 -12.06 -26.76
C PHE F 516 -17.86 -12.58 -25.84
N TYR F 517 -17.84 -13.88 -25.61
CA TYR F 517 -16.79 -14.51 -24.82
C TYR F 517 -16.29 -15.75 -25.54
N GLY F 518 -14.97 -15.89 -25.63
CA GLY F 518 -14.36 -17.01 -26.30
C GLY F 518 -12.86 -16.87 -26.39
N PRO F 519 -12.18 -17.86 -26.96
CA PRO F 519 -10.73 -17.80 -27.07
C PRO F 519 -10.32 -16.68 -28.02
N PRO F 520 -9.12 -16.12 -27.84
CA PRO F 520 -8.72 -14.97 -28.64
C PRO F 520 -8.58 -15.31 -30.12
N GLY F 521 -8.77 -14.30 -30.96
CA GLY F 521 -8.56 -14.44 -32.38
C GLY F 521 -9.54 -15.38 -33.06
N CYS F 522 -10.84 -15.24 -32.78
CA CYS F 522 -11.84 -16.08 -33.39
C CYS F 522 -12.89 -15.32 -34.21
N GLY F 523 -12.93 -14.00 -34.15
CA GLY F 523 -13.83 -13.25 -34.99
C GLY F 523 -14.87 -12.43 -34.25
N LYS F 524 -14.52 -11.90 -33.08
CA LYS F 524 -15.44 -11.04 -32.34
C LYS F 524 -15.51 -9.66 -32.96
N THR F 525 -14.36 -8.99 -33.09
CA THR F 525 -14.34 -7.67 -33.70
C THR F 525 -14.90 -7.72 -35.11
N LEU F 526 -14.59 -8.78 -35.85
CA LEU F 526 -15.14 -8.92 -37.19
C LEU F 526 -16.66 -9.04 -37.13
N LEU F 527 -17.19 -9.79 -36.17
CA LEU F 527 -18.65 -9.88 -36.05
C LEU F 527 -19.26 -8.51 -35.78
N ALA F 528 -18.67 -7.75 -34.86
CA ALA F 528 -19.21 -6.43 -34.57
C ALA F 528 -19.17 -5.53 -35.80
N LYS F 529 -18.04 -5.52 -36.50
CA LYS F 529 -17.93 -4.68 -37.68
C LYS F 529 -18.92 -5.11 -38.76
N ALA F 530 -19.07 -6.41 -38.97
CA ALA F 530 -19.98 -6.90 -40.00
C ALA F 530 -21.42 -6.51 -39.69
N ILE F 531 -21.84 -6.65 -38.43
CA ILE F 531 -23.22 -6.30 -38.10
C ILE F 531 -23.42 -4.79 -38.23
N ALA F 532 -22.43 -3.99 -37.82
CA ALA F 532 -22.55 -2.56 -37.98
C ALA F 532 -22.69 -2.19 -39.45
N ASN F 533 -21.89 -2.81 -40.31
CA ASN F 533 -21.99 -2.53 -41.74
C ASN F 533 -23.36 -2.93 -42.28
N GLU F 534 -23.86 -4.09 -41.87
CA GLU F 534 -25.16 -4.54 -42.35
C GLU F 534 -26.26 -3.57 -41.95
N CYS F 535 -26.23 -3.10 -40.71
CA CYS F 535 -27.21 -2.12 -40.24
C CYS F 535 -26.95 -0.72 -40.79
N GLN F 536 -25.83 -0.51 -41.47
CA GLN F 536 -25.46 0.79 -42.01
C GLN F 536 -25.46 1.85 -40.91
N ALA F 537 -24.75 1.54 -39.83
CA ALA F 537 -24.65 2.43 -38.67
C ALA F 537 -23.19 2.68 -38.34
N ASN F 538 -22.93 3.83 -37.72
CA ASN F 538 -21.57 4.18 -37.35
C ASN F 538 -21.03 3.20 -36.32
N PHE F 539 -19.73 3.01 -36.33
CA PHE F 539 -19.05 2.03 -35.47
C PHE F 539 -17.96 2.75 -34.70
N ILE F 540 -18.02 2.68 -33.38
CA ILE F 540 -17.03 3.30 -32.49
C ILE F 540 -16.34 2.19 -31.71
N SER F 541 -15.02 2.14 -31.79
CA SER F 541 -14.23 1.10 -31.16
C SER F 541 -13.41 1.68 -30.03
N ILE F 542 -13.41 1.01 -28.89
CA ILE F 542 -12.65 1.41 -27.71
C ILE F 542 -11.76 0.23 -27.33
N LYS F 543 -10.49 0.31 -27.66
CA LYS F 543 -9.57 -0.79 -27.41
C LYS F 543 -9.24 -0.88 -25.92
N GLY F 544 -8.56 -1.96 -25.56
CA GLY F 544 -8.16 -2.20 -24.20
C GLY F 544 -7.18 -1.18 -23.65
N PRO F 545 -6.15 -0.84 -24.44
CA PRO F 545 -5.19 0.16 -23.96
C PRO F 545 -5.82 1.49 -23.58
N GLU F 546 -6.89 1.91 -24.25
CA GLU F 546 -7.54 3.15 -23.84
C GLU F 546 -8.17 3.02 -22.45
N LEU F 547 -8.82 1.89 -22.18
CA LEU F 547 -9.37 1.67 -20.85
C LEU F 547 -8.27 1.63 -19.80
N LEU F 548 -7.16 0.98 -20.10
CA LEU F 548 -6.06 0.92 -19.15
C LEU F 548 -5.47 2.32 -18.93
N THR F 549 -5.40 3.13 -19.97
CA THR F 549 -4.93 4.51 -19.82
C THR F 549 -5.87 5.29 -18.90
N MET F 550 -7.17 5.11 -19.08
CA MET F 550 -8.12 5.79 -18.20
C MET F 550 -7.96 5.33 -16.76
N TRP F 551 -7.69 4.05 -16.56
CA TRP F 551 -7.51 3.54 -15.21
C TRP F 551 -6.24 4.10 -14.57
N PHE F 552 -5.11 4.03 -15.28
CA PHE F 552 -3.85 4.47 -14.69
C PHE F 552 -3.85 5.96 -14.40
N GLY F 553 -4.39 6.77 -15.32
CA GLY F 553 -4.42 8.21 -15.12
C GLY F 553 -5.44 8.66 -14.10
N GLU F 554 -6.24 7.75 -13.56
CA GLU F 554 -7.27 8.08 -12.58
C GLU F 554 -8.29 9.08 -13.12
N SER F 555 -8.41 9.16 -14.44
CA SER F 555 -9.35 10.07 -15.10
C SER F 555 -10.40 9.22 -15.81
N GLU F 556 -11.42 8.81 -15.06
CA GLU F 556 -12.50 8.03 -15.62
C GLU F 556 -13.67 8.88 -16.10
N ALA F 557 -13.56 10.20 -15.98
CA ALA F 557 -14.62 11.09 -16.42
C ALA F 557 -14.75 11.15 -17.93
N ASN F 558 -13.81 10.58 -18.67
CA ASN F 558 -13.88 10.62 -20.13
C ASN F 558 -14.89 9.65 -20.69
N VAL F 559 -15.36 8.68 -19.91
CA VAL F 559 -16.35 7.74 -20.41
C VAL F 559 -17.63 8.47 -20.77
N ARG F 560 -17.99 9.48 -19.99
CA ARG F 560 -19.16 10.29 -20.33
C ARG F 560 -19.02 10.89 -21.72
N GLU F 561 -17.82 11.37 -22.05
CA GLU F 561 -17.61 11.94 -23.38
C GLU F 561 -17.76 10.88 -24.47
N ILE F 562 -17.24 9.69 -24.24
CA ILE F 562 -17.37 8.63 -25.23
C ILE F 562 -18.84 8.30 -25.47
N PHE F 563 -19.61 8.18 -24.40
CA PHE F 563 -21.01 7.84 -24.56
C PHE F 563 -21.79 8.98 -25.23
N ASP F 564 -21.45 10.22 -24.91
CA ASP F 564 -22.09 11.35 -25.59
C ASP F 564 -21.78 11.33 -27.08
N LYS F 565 -20.52 11.06 -27.43
CA LYS F 565 -20.15 10.99 -28.84
C LYS F 565 -20.92 9.88 -29.55
N ALA F 566 -21.06 8.73 -28.88
CA ALA F 566 -21.85 7.65 -29.47
C ALA F 566 -23.29 8.07 -29.66
N ARG F 567 -23.85 8.80 -28.69
CA ARG F 567 -25.24 9.24 -28.80
C ARG F 567 -25.42 10.19 -29.97
N GLN F 568 -24.45 11.08 -30.19
CA GLN F 568 -24.60 12.09 -31.24
C GLN F 568 -24.61 11.50 -32.63
N ALA F 569 -24.22 10.23 -32.80
CA ALA F 569 -24.09 9.62 -34.12
C ALA F 569 -24.98 8.39 -34.28
N ALA F 570 -26.12 8.37 -33.61
CA ALA F 570 -27.02 7.23 -33.74
C ALA F 570 -27.58 7.15 -35.15
N PRO F 571 -27.85 5.94 -35.67
CA PRO F 571 -27.65 4.62 -35.05
C PRO F 571 -26.18 4.26 -34.97
N CYS F 572 -25.77 3.52 -33.95
CA CYS F 572 -24.36 3.24 -33.75
C CYS F 572 -24.23 1.98 -32.91
N VAL F 573 -23.06 1.36 -32.97
CA VAL F 573 -22.73 0.24 -32.11
C VAL F 573 -21.42 0.57 -31.40
N LEU F 574 -21.46 0.59 -30.07
CA LEU F 574 -20.31 0.94 -29.27
C LEU F 574 -19.62 -0.35 -28.83
N PHE F 575 -18.39 -0.56 -29.30
CA PHE F 575 -17.70 -1.82 -29.12
C PHE F 575 -16.60 -1.64 -28.08
N PHE F 576 -16.72 -2.33 -26.95
CA PHE F 576 -15.75 -2.25 -25.86
C PHE F 576 -14.84 -3.49 -25.94
N ASP F 577 -13.81 -3.40 -26.76
CA ASP F 577 -12.90 -4.51 -26.91
C ASP F 577 -12.13 -4.75 -25.62
N GLU F 578 -11.84 -6.03 -25.36
CA GLU F 578 -11.07 -6.44 -24.18
C GLU F 578 -11.60 -5.76 -22.93
N LEU F 579 -12.84 -6.08 -22.60
CA LEU F 579 -13.49 -5.48 -21.43
C LEU F 579 -12.92 -5.97 -20.11
N ASP F 580 -12.06 -6.99 -20.13
CA ASP F 580 -11.48 -7.56 -18.93
C ASP F 580 -10.07 -7.05 -18.64
N SER F 581 -9.58 -6.08 -19.42
CA SER F 581 -8.18 -5.69 -19.30
C SER F 581 -7.84 -5.19 -17.91
N ILE F 582 -8.71 -4.35 -17.34
CA ILE F 582 -8.42 -3.79 -16.02
C ILE F 582 -8.32 -4.89 -14.98
N ALA F 583 -9.23 -5.86 -15.03
CA ALA F 583 -9.20 -6.95 -14.06
C ALA F 583 -7.90 -7.74 -14.16
N LYS F 584 -7.45 -8.02 -15.40
CA LYS F 584 -6.18 -8.72 -15.56
C LYS F 584 -5.02 -7.90 -15.01
N ALA F 585 -5.02 -6.59 -15.29
CA ALA F 585 -3.91 -5.76 -14.85
C ALA F 585 -3.76 -5.76 -13.34
N ARG F 586 -4.84 -6.03 -12.61
CA ARG F 586 -4.78 -6.06 -11.15
C ARG F 586 -4.45 -7.44 -10.60
N GLY F 587 -4.31 -8.45 -11.45
CA GLY F 587 -3.91 -9.78 -11.00
C GLY F 587 -4.82 -10.87 -11.49
N GLY F 588 -6.10 -10.58 -11.65
CA GLY F 588 -7.06 -11.56 -12.12
C GLY F 588 -7.86 -12.19 -10.99
N ASP F 592 -5.31 -10.04 -6.66
CA ASP F 592 -5.86 -8.71 -6.44
C ASP F 592 -6.41 -8.57 -5.03
N GLY F 593 -5.86 -7.61 -4.29
CA GLY F 593 -6.30 -7.42 -2.91
C GLY F 593 -7.76 -7.05 -2.80
N GLY F 594 -8.23 -6.20 -3.70
CA GLY F 594 -9.60 -5.70 -3.65
C GLY F 594 -10.59 -6.70 -4.23
N GLY F 595 -11.81 -6.19 -4.45
CA GLY F 595 -12.90 -6.98 -4.95
C GLY F 595 -12.96 -6.98 -6.47
N ALA F 596 -14.18 -7.07 -7.00
CA ALA F 596 -14.40 -7.22 -8.43
C ALA F 596 -14.81 -5.93 -9.11
N ALA F 597 -14.81 -4.80 -8.39
CA ALA F 597 -15.26 -3.53 -8.94
C ALA F 597 -14.07 -2.58 -9.07
N ASP F 598 -13.90 -2.01 -10.25
CA ASP F 598 -12.86 -1.03 -10.53
C ASP F 598 -13.49 0.33 -10.75
N ARG F 599 -12.66 1.33 -11.06
CA ARG F 599 -13.12 2.70 -11.15
C ARG F 599 -13.52 3.12 -12.56
N VAL F 600 -13.35 2.25 -13.56
CA VAL F 600 -13.75 2.54 -14.92
C VAL F 600 -15.03 1.79 -15.30
N ILE F 601 -15.08 0.50 -14.98
CA ILE F 601 -16.29 -0.27 -15.25
C ILE F 601 -17.47 0.34 -14.50
N ASN F 602 -17.21 0.92 -13.33
CA ASN F 602 -18.28 1.58 -12.59
C ASN F 602 -18.89 2.70 -13.42
N GLN F 603 -18.04 3.56 -13.99
CA GLN F 603 -18.54 4.65 -14.81
C GLN F 603 -19.24 4.13 -16.06
N ILE F 604 -18.68 3.07 -16.66
CA ILE F 604 -19.28 2.52 -17.87
C ILE F 604 -20.71 2.07 -17.58
N LEU F 605 -20.91 1.30 -16.51
CA LEU F 605 -22.24 0.79 -16.23
C LEU F 605 -23.16 1.88 -15.72
N THR F 606 -22.63 2.90 -15.05
CA THR F 606 -23.47 4.05 -14.68
C THR F 606 -24.02 4.74 -15.92
N GLU F 607 -23.15 5.01 -16.90
CA GLU F 607 -23.61 5.63 -18.14
C GLU F 607 -24.59 4.72 -18.87
N MET F 608 -24.32 3.41 -18.86
CA MET F 608 -25.23 2.47 -19.50
C MET F 608 -26.61 2.54 -18.87
N ASP F 609 -26.68 2.60 -17.54
CA ASP F 609 -27.97 2.74 -16.87
C ASP F 609 -28.64 4.06 -17.23
N GLY F 610 -27.86 5.13 -17.35
CA GLY F 610 -28.41 6.44 -17.60
C GLY F 610 -28.74 6.76 -19.04
N MET F 611 -28.76 5.76 -19.91
CA MET F 611 -29.03 5.99 -21.33
C MET F 611 -30.51 5.83 -21.64
N SER F 612 -30.95 6.47 -22.72
CA SER F 612 -32.34 6.44 -23.14
C SER F 612 -32.53 5.39 -24.22
N THR F 613 -33.51 4.50 -24.02
CA THR F 613 -33.75 3.44 -24.98
C THR F 613 -34.36 3.96 -26.29
N LYS F 614 -34.84 5.20 -26.30
CA LYS F 614 -35.38 5.76 -27.54
C LYS F 614 -34.32 5.81 -28.62
N LYS F 615 -33.09 6.18 -28.26
CA LYS F 615 -32.00 6.20 -29.23
C LYS F 615 -31.60 4.78 -29.61
N ASN F 616 -31.06 4.65 -30.82
CA ASN F 616 -30.59 3.36 -31.33
C ASN F 616 -29.09 3.17 -31.12
N VAL F 617 -28.64 3.19 -29.86
CA VAL F 617 -27.25 2.96 -29.52
C VAL F 617 -27.14 1.56 -28.93
N PHE F 618 -26.32 0.72 -29.55
CA PHE F 618 -26.19 -0.68 -29.19
C PHE F 618 -24.80 -0.92 -28.63
N ILE F 619 -24.73 -1.43 -27.40
CA ILE F 619 -23.47 -1.66 -26.71
C ILE F 619 -23.10 -3.12 -26.87
N ILE F 620 -21.90 -3.37 -27.39
CA ILE F 620 -21.38 -4.72 -27.57
C ILE F 620 -20.05 -4.80 -26.85
N GLY F 621 -19.87 -5.82 -26.03
CA GLY F 621 -18.64 -6.04 -25.30
C GLY F 621 -17.99 -7.33 -25.74
N ALA F 622 -16.66 -7.37 -25.66
CA ALA F 622 -15.89 -8.54 -26.01
C ALA F 622 -14.90 -8.85 -24.90
N THR F 623 -14.55 -10.12 -24.77
CA THR F 623 -13.61 -10.53 -23.74
C THR F 623 -13.24 -11.98 -23.97
N ASN F 624 -12.01 -12.34 -23.62
CA ASN F 624 -11.53 -13.71 -23.74
C ASN F 624 -11.19 -14.30 -22.36
N ARG F 625 -11.91 -13.86 -21.34
CA ARG F 625 -11.69 -14.32 -19.98
C ARG F 625 -12.95 -14.04 -19.17
N PRO F 626 -14.04 -14.74 -19.44
CA PRO F 626 -15.35 -14.40 -18.85
C PRO F 626 -15.58 -14.99 -17.47
N ASP F 627 -14.57 -14.89 -16.60
CA ASP F 627 -14.71 -15.30 -15.21
C ASP F 627 -14.21 -14.26 -14.22
N ILE F 628 -13.32 -13.36 -14.62
CA ILE F 628 -12.94 -12.24 -13.77
C ILE F 628 -13.75 -10.99 -14.05
N ILE F 629 -14.57 -10.99 -15.11
CA ILE F 629 -15.36 -9.82 -15.44
C ILE F 629 -16.33 -9.51 -14.30
N ASP F 630 -16.53 -8.24 -14.03
CA ASP F 630 -17.36 -7.84 -12.91
C ASP F 630 -18.78 -8.36 -13.11
N PRO F 631 -19.34 -9.09 -12.14
CA PRO F 631 -20.68 -9.65 -12.35
C PRO F 631 -21.78 -8.61 -12.49
N ALA F 632 -21.54 -7.38 -12.06
CA ALA F 632 -22.59 -6.37 -12.10
C ALA F 632 -23.02 -6.06 -13.53
N ILE F 633 -22.12 -6.23 -14.50
CA ILE F 633 -22.46 -5.92 -15.88
C ILE F 633 -23.54 -6.86 -16.40
N LEU F 634 -23.52 -8.12 -15.98
CA LEU F 634 -24.40 -9.14 -16.53
C LEU F 634 -25.81 -9.08 -15.96
N ARG F 635 -26.17 -8.00 -15.26
CA ARG F 635 -27.52 -7.88 -14.74
C ARG F 635 -28.50 -7.62 -15.89
N PRO F 636 -29.79 -7.84 -15.65
CA PRO F 636 -30.76 -7.82 -16.77
C PRO F 636 -30.77 -6.52 -17.56
N GLY F 637 -30.57 -5.37 -16.91
CA GLY F 637 -30.72 -4.11 -17.59
C GLY F 637 -29.52 -3.60 -18.35
N ARG F 638 -28.37 -4.28 -18.26
CA ARG F 638 -27.13 -3.77 -18.83
C ARG F 638 -26.62 -4.60 -20.00
N LEU F 639 -26.38 -5.90 -19.80
CA LEU F 639 -25.90 -6.76 -20.87
C LEU F 639 -26.53 -8.14 -20.67
N ASP F 640 -27.64 -8.38 -21.36
CA ASP F 640 -28.44 -9.56 -21.08
C ASP F 640 -27.73 -10.84 -21.51
N GLN F 641 -27.47 -10.97 -22.81
CA GLN F 641 -27.07 -12.25 -23.38
C GLN F 641 -25.57 -12.45 -23.32
N LEU F 642 -25.16 -13.70 -23.55
CA LEU F 642 -23.76 -14.09 -23.61
C LEU F 642 -23.59 -15.05 -24.79
N ILE F 643 -23.23 -14.52 -25.94
CA ILE F 643 -22.96 -15.35 -27.10
C ILE F 643 -21.59 -16.01 -26.91
N TYR F 644 -21.45 -17.21 -27.45
CA TYR F 644 -20.20 -17.97 -27.39
C TYR F 644 -19.63 -18.11 -28.80
N ILE F 645 -18.34 -17.80 -28.94
CA ILE F 645 -17.68 -17.84 -30.25
C ILE F 645 -16.66 -18.98 -30.23
N PRO F 646 -17.00 -20.16 -30.75
CA PRO F 646 -16.11 -21.31 -30.62
C PRO F 646 -14.99 -21.29 -31.66
N LEU F 647 -14.06 -22.22 -31.50
CA LEU F 647 -12.99 -22.38 -32.47
C LEU F 647 -13.58 -22.88 -33.79
N PRO F 648 -13.06 -22.43 -34.93
CA PRO F 648 -13.61 -22.89 -36.22
C PRO F 648 -13.49 -24.39 -36.38
N ASP F 649 -14.48 -24.98 -37.05
CA ASP F 649 -14.46 -26.38 -37.42
C ASP F 649 -13.91 -26.54 -38.84
N GLU F 650 -13.92 -27.77 -39.34
CA GLU F 650 -13.31 -28.04 -40.65
C GLU F 650 -13.96 -27.20 -41.75
N LYS F 651 -15.28 -27.22 -41.84
CA LYS F 651 -15.95 -26.37 -42.81
C LYS F 651 -15.67 -24.90 -42.53
N SER F 652 -15.68 -24.52 -41.25
CA SER F 652 -15.37 -23.14 -40.89
C SER F 652 -13.95 -22.78 -41.29
N ARG F 653 -12.99 -23.69 -41.08
CA ARG F 653 -11.61 -23.40 -41.47
C ARG F 653 -11.49 -23.26 -42.98
N VAL F 654 -12.18 -24.11 -43.74
CA VAL F 654 -12.14 -24.00 -45.19
C VAL F 654 -12.70 -22.64 -45.62
N ALA F 655 -13.83 -22.24 -45.03
CA ALA F 655 -14.40 -20.94 -45.37
C ALA F 655 -13.45 -19.80 -45.00
N ILE F 656 -12.81 -19.91 -43.84
CA ILE F 656 -11.87 -18.87 -43.41
C ILE F 656 -10.74 -18.74 -44.41
N LEU F 657 -10.16 -19.87 -44.82
CA LEU F 657 -9.06 -19.82 -45.77
C LEU F 657 -9.52 -19.25 -47.09
N LYS F 658 -10.72 -19.61 -47.54
CA LYS F 658 -11.24 -19.03 -48.78
C LYS F 658 -11.37 -17.51 -48.65
N ALA F 659 -11.87 -17.04 -47.51
CA ALA F 659 -12.10 -15.61 -47.35
C ALA F 659 -10.81 -14.82 -47.40
N ASN F 660 -9.75 -15.31 -46.76
CA ASN F 660 -8.52 -14.55 -46.63
C ASN F 660 -7.69 -14.52 -47.90
N LEU F 661 -7.93 -15.43 -48.84
CA LEU F 661 -7.16 -15.50 -50.07
C LEU F 661 -7.78 -14.69 -51.20
N ARG F 662 -8.83 -13.92 -50.93
CA ARG F 662 -9.45 -13.10 -51.96
C ARG F 662 -8.54 -11.97 -52.42
N LYS F 663 -7.49 -11.66 -51.67
CA LYS F 663 -6.60 -10.55 -52.01
C LYS F 663 -5.27 -10.98 -52.57
N SER F 664 -4.80 -12.19 -52.24
CA SER F 664 -3.51 -12.67 -52.69
C SER F 664 -3.70 -13.68 -53.81
N PRO F 665 -3.29 -13.39 -55.04
CA PRO F 665 -3.46 -14.39 -56.11
C PRO F 665 -2.76 -15.69 -55.75
N VAL F 666 -3.44 -16.81 -56.03
CA VAL F 666 -2.99 -18.12 -55.61
C VAL F 666 -3.08 -19.07 -56.78
N ALA F 667 -2.03 -19.88 -56.97
CA ALA F 667 -2.05 -20.89 -58.01
C ALA F 667 -3.20 -21.88 -57.76
N LYS F 668 -3.84 -22.32 -58.83
CA LYS F 668 -5.04 -23.13 -58.72
C LYS F 668 -4.76 -24.55 -58.23
N ASP F 669 -3.50 -24.96 -58.17
CA ASP F 669 -3.19 -26.30 -57.67
C ASP F 669 -3.33 -26.41 -56.16
N VAL F 670 -3.47 -25.30 -55.45
CA VAL F 670 -3.60 -25.34 -54.01
C VAL F 670 -4.90 -26.01 -53.63
N ASP F 671 -4.83 -26.91 -52.64
CA ASP F 671 -6.00 -27.62 -52.12
C ASP F 671 -6.29 -27.08 -50.73
N LEU F 672 -7.28 -26.19 -50.62
CA LEU F 672 -7.62 -25.61 -49.33
C LEU F 672 -8.23 -26.65 -48.40
N GLU F 673 -9.01 -27.59 -48.95
CA GLU F 673 -9.65 -28.60 -48.10
C GLU F 673 -8.61 -29.41 -47.34
N PHE F 674 -7.57 -29.87 -48.04
CA PHE F 674 -6.54 -30.67 -47.39
C PHE F 674 -5.81 -29.86 -46.33
N LEU F 675 -5.51 -28.60 -46.64
CA LEU F 675 -4.81 -27.76 -45.66
C LEU F 675 -5.66 -27.57 -44.41
N ALA F 676 -6.97 -27.33 -44.59
CA ALA F 676 -7.84 -27.16 -43.45
C ALA F 676 -7.99 -28.45 -42.65
N LYS F 677 -7.90 -29.60 -43.31
CA LYS F 677 -8.03 -30.86 -42.59
C LYS F 677 -6.92 -31.06 -41.58
N MET F 678 -5.69 -30.69 -41.94
CA MET F 678 -4.52 -30.98 -41.12
C MET F 678 -4.32 -30.00 -39.97
N THR F 679 -5.10 -28.93 -39.90
CA THR F 679 -5.01 -27.96 -38.80
C THR F 679 -6.24 -28.18 -37.90
N ASN F 680 -6.09 -29.07 -36.92
CA ASN F 680 -7.23 -29.45 -36.10
C ASN F 680 -7.62 -28.33 -35.14
N GLY F 681 -6.72 -27.98 -34.23
CA GLY F 681 -6.98 -26.87 -33.33
C GLY F 681 -6.26 -25.60 -33.74
N PHE F 682 -6.96 -24.69 -34.39
CA PHE F 682 -6.40 -23.44 -34.88
C PHE F 682 -7.42 -22.33 -34.69
N SER F 683 -6.93 -21.10 -34.57
CA SER F 683 -7.78 -19.92 -34.55
C SER F 683 -7.62 -19.18 -35.87
N GLY F 684 -8.56 -18.27 -36.13
CA GLY F 684 -8.51 -17.53 -37.39
C GLY F 684 -7.22 -16.76 -37.55
N ALA F 685 -6.71 -16.21 -36.45
CA ALA F 685 -5.46 -15.45 -36.51
C ALA F 685 -4.32 -16.32 -37.03
N ASP F 686 -4.29 -17.60 -36.63
CA ASP F 686 -3.23 -18.48 -37.10
C ASP F 686 -3.31 -18.75 -38.59
N LEU F 687 -4.52 -18.93 -39.12
CA LEU F 687 -4.66 -19.13 -40.56
C LEU F 687 -4.26 -17.86 -41.32
N THR F 688 -4.65 -16.69 -40.80
CA THR F 688 -4.19 -15.45 -41.41
C THR F 688 -2.67 -15.35 -41.39
N GLU F 689 -2.05 -15.76 -40.28
CA GLU F 689 -0.60 -15.73 -40.19
C GLU F 689 0.03 -16.66 -41.20
N ILE F 690 -0.57 -17.83 -41.41
CA ILE F 690 -0.05 -18.77 -42.41
C ILE F 690 -0.09 -18.12 -43.80
N CYS F 691 -1.21 -17.50 -44.13
CA CYS F 691 -1.30 -16.82 -45.42
C CYS F 691 -0.25 -15.73 -45.55
N GLN F 692 -0.06 -14.95 -44.48
CA GLN F 692 0.91 -13.87 -44.51
C GLN F 692 2.32 -14.40 -44.70
N ARG F 693 2.66 -15.51 -44.03
CA ARG F 693 3.98 -16.09 -44.19
C ARG F 693 4.18 -16.58 -45.62
N ALA F 694 3.16 -17.20 -46.21
CA ALA F 694 3.29 -17.64 -47.60
C ALA F 694 3.53 -16.45 -48.51
N CYS F 695 2.77 -15.37 -48.32
CA CYS F 695 2.95 -14.18 -49.15
C CYS F 695 4.35 -13.60 -48.97
N LYS F 696 4.84 -13.55 -47.73
CA LYS F 696 6.16 -13.01 -47.48
C LYS F 696 7.24 -13.85 -48.15
N LEU F 697 7.11 -15.18 -48.10
CA LEU F 697 8.06 -16.04 -48.77
C LEU F 697 8.06 -15.79 -50.27
N ALA F 698 6.88 -15.66 -50.87
CA ALA F 698 6.82 -15.38 -52.30
C ALA F 698 7.46 -14.04 -52.63
N ILE F 699 7.21 -13.03 -51.80
CA ILE F 699 7.79 -11.71 -52.05
C ILE F 699 9.31 -11.80 -51.98
N ARG F 700 9.84 -12.51 -50.99
CA ARG F 700 11.28 -12.64 -50.86
C ARG F 700 11.87 -13.36 -52.06
N GLU F 701 11.21 -14.42 -52.53
CA GLU F 701 11.71 -15.13 -53.69
C GLU F 701 11.73 -14.23 -54.92
N SER F 702 10.66 -13.45 -55.12
CA SER F 702 10.61 -12.55 -56.26
C SER F 702 11.69 -11.48 -56.17
N ILE F 703 11.92 -10.94 -54.96
CA ILE F 703 12.94 -9.91 -54.78
C ILE F 703 14.30 -10.48 -55.11
N GLU F 704 14.60 -11.69 -54.63
CA GLU F 704 15.88 -12.30 -54.95
C GLU F 704 16.02 -12.51 -56.45
N SER F 705 14.97 -12.97 -57.11
CA SER F 705 15.04 -13.19 -58.56
C SER F 705 15.30 -11.89 -59.29
N GLU F 706 14.64 -10.80 -58.86
CA GLU F 706 14.89 -9.50 -59.49
C GLU F 706 16.32 -9.04 -59.24
N ILE F 707 16.85 -9.27 -58.04
CA ILE F 707 18.22 -8.89 -57.75
C ILE F 707 19.19 -9.66 -58.61
N ARG F 708 18.89 -10.92 -58.91
CA ARG F 708 19.76 -11.72 -59.76
C ARG F 708 20.06 -10.99 -61.06
N ARG F 709 19.01 -10.56 -61.76
CA ARG F 709 19.19 -9.85 -63.02
C ARG F 709 20.14 -10.63 -63.92
N GLU F 710 21.01 -9.93 -64.65
CA GLU F 710 22.00 -10.62 -65.47
C GLU F 710 23.13 -11.19 -64.61
N ARG F 711 23.55 -10.46 -63.58
CA ARG F 711 24.55 -10.95 -62.64
C ARG F 711 24.79 -9.93 -61.53
N PRO F 729 5.00 -14.55 -59.80
CA PRO F 729 4.02 -13.47 -59.68
C PRO F 729 2.79 -13.87 -58.86
N GLU F 730 2.60 -15.17 -58.67
CA GLU F 730 1.48 -15.69 -57.90
C GLU F 730 1.97 -16.80 -56.98
N ILE F 731 1.27 -16.99 -55.87
CA ILE F 731 1.68 -17.96 -54.86
C ILE F 731 1.54 -19.37 -55.43
N ARG F 732 2.58 -20.17 -55.28
CA ARG F 732 2.55 -21.58 -55.65
C ARG F 732 2.38 -22.43 -54.40
N ARG F 733 2.27 -23.74 -54.60
CA ARG F 733 2.13 -24.65 -53.47
C ARG F 733 3.39 -24.64 -52.61
N ASP F 734 4.56 -24.57 -53.24
CA ASP F 734 5.82 -24.69 -52.50
C ASP F 734 5.89 -23.66 -51.38
N HIS F 735 5.41 -22.45 -51.63
CA HIS F 735 5.45 -21.42 -50.61
C HIS F 735 4.59 -21.79 -49.41
N PHE F 736 3.40 -22.34 -49.65
CA PHE F 736 2.57 -22.80 -48.53
C PHE F 736 3.25 -23.94 -47.79
N GLU F 737 3.87 -24.87 -48.52
CA GLU F 737 4.57 -25.96 -47.85
C GLU F 737 5.66 -25.42 -46.92
N GLU F 738 6.43 -24.44 -47.40
CA GLU F 738 7.47 -23.85 -46.57
C GLU F 738 6.87 -23.13 -45.37
N ALA F 739 5.79 -22.37 -45.59
CA ALA F 739 5.22 -21.59 -44.50
C ALA F 739 4.61 -22.47 -43.42
N MET F 740 4.10 -23.64 -43.80
CA MET F 740 3.47 -24.51 -42.80
C MET F 740 4.44 -24.89 -41.70
N ARG F 741 5.74 -24.92 -41.99
CA ARG F 741 6.72 -25.31 -40.98
C ARG F 741 6.70 -24.35 -39.79
N PHE F 742 6.40 -23.08 -40.03
CA PHE F 742 6.43 -22.07 -38.97
C PHE F 742 5.07 -21.82 -38.35
N ALA F 743 4.05 -22.60 -38.70
CA ALA F 743 2.74 -22.42 -38.11
C ALA F 743 2.76 -22.84 -36.64
N ARG F 744 1.84 -22.27 -35.87
CA ARG F 744 1.75 -22.55 -34.45
C ARG F 744 0.31 -22.41 -33.99
N ARG F 745 0.00 -23.02 -32.85
CA ARG F 745 -1.33 -22.99 -32.26
C ARG F 745 -1.32 -22.01 -31.09
N SER F 746 -2.03 -20.90 -31.25
CA SER F 746 -2.01 -19.87 -30.21
C SER F 746 -2.66 -20.36 -28.92
N VAL F 747 -3.77 -21.09 -29.03
CA VAL F 747 -4.55 -21.52 -27.87
C VAL F 747 -4.19 -22.95 -27.52
N SER F 748 -3.79 -23.18 -26.27
CA SER F 748 -3.45 -24.51 -25.81
C SER F 748 -4.71 -25.33 -25.56
N ASP F 749 -4.53 -26.63 -25.42
CA ASP F 749 -5.67 -27.52 -25.20
C ASP F 749 -6.38 -27.21 -23.89
N ASN F 750 -5.62 -26.85 -22.86
CA ASN F 750 -6.23 -26.57 -21.55
C ASN F 750 -7.20 -25.41 -21.65
N ASP F 751 -6.87 -24.38 -22.43
CA ASP F 751 -7.77 -23.24 -22.56
C ASP F 751 -9.08 -23.64 -23.21
N ILE F 752 -9.01 -24.44 -24.27
CA ILE F 752 -10.25 -24.90 -24.92
C ILE F 752 -11.05 -25.76 -23.95
N ARG F 753 -10.37 -26.59 -23.17
CA ARG F 753 -11.06 -27.42 -22.19
C ARG F 753 -11.80 -26.54 -21.18
N LYS F 754 -11.14 -25.48 -20.71
CA LYS F 754 -11.77 -24.59 -19.74
C LYS F 754 -12.96 -23.87 -20.35
N TYR F 755 -12.84 -23.42 -21.60
CA TYR F 755 -13.95 -22.74 -22.24
C TYR F 755 -15.15 -23.66 -22.43
N GLU F 756 -14.89 -24.89 -22.87
CA GLU F 756 -15.98 -25.86 -22.99
C GLU F 756 -16.59 -26.15 -21.63
N MET F 757 -15.77 -26.20 -20.59
CA MET F 757 -16.30 -26.39 -19.24
C MET F 757 -17.24 -25.26 -18.86
N PHE F 758 -16.85 -24.02 -19.16
CA PHE F 758 -17.70 -22.87 -18.87
C PHE F 758 -19.03 -22.97 -19.62
N ALA F 759 -18.96 -23.29 -20.92
CA ALA F 759 -20.19 -23.40 -21.71
C ALA F 759 -21.09 -24.50 -21.19
N GLN F 760 -20.51 -25.65 -20.83
CA GLN F 760 -21.31 -26.75 -20.30
C GLN F 760 -21.87 -26.42 -18.93
N THR F 761 -21.14 -25.64 -18.12
CA THR F 761 -21.69 -25.19 -16.85
C THR F 761 -22.94 -24.34 -17.08
N LEU F 762 -22.86 -23.41 -18.03
CA LEU F 762 -24.04 -22.59 -18.32
C LEU F 762 -25.18 -23.44 -18.84
N GLN F 763 -24.88 -24.39 -19.73
CA GLN F 763 -25.94 -25.22 -20.30
C GLN F 763 -26.58 -26.09 -19.23
N GLN F 764 -25.78 -26.63 -18.31
CA GLN F 764 -26.34 -27.41 -17.21
C GLN F 764 -27.21 -26.54 -16.31
N SER F 765 -26.75 -25.32 -16.03
CA SER F 765 -27.57 -24.40 -15.25
C SER F 765 -28.88 -24.09 -15.96
N ARG F 766 -28.89 -24.15 -17.29
CA ARG F 766 -30.14 -23.98 -18.02
C ARG F 766 -31.18 -24.99 -17.57
N GLY F 767 -30.91 -26.28 -17.81
CA GLY F 767 -31.80 -27.32 -17.32
C GLY F 767 -33.17 -27.28 -17.97
N PHE F 768 -34.13 -27.93 -17.29
CA PHE F 768 -35.52 -27.97 -17.72
C PHE F 768 -35.65 -28.56 -19.12
N GLY F 769 -35.21 -29.82 -19.25
CA GLY F 769 -35.30 -30.49 -20.53
C GLY F 769 -36.66 -31.10 -20.79
N SER F 770 -37.41 -31.42 -19.74
CA SER F 770 -38.73 -32.03 -19.84
C SER F 770 -39.78 -31.04 -19.35
N PHE F 771 -40.69 -30.65 -20.24
CA PHE F 771 -41.71 -29.67 -19.89
C PHE F 771 -42.80 -29.63 -20.96
N ARG F 772 -44.07 -29.69 -20.54
CA ARG F 772 -45.17 -29.59 -21.49
C ARG F 772 -46.46 -29.44 -20.70
N PHE F 773 -47.35 -28.60 -21.21
CA PHE F 773 -48.66 -28.43 -20.58
C PHE F 773 -49.53 -29.65 -20.88
N PRO F 774 -50.60 -29.86 -20.10
CA PRO F 774 -51.47 -31.01 -20.30
C PRO F 774 -52.03 -31.10 -21.72
PB ADP G . -33.55 -6.48 -6.11
O1B ADP G . -33.36 -4.99 -6.31
O2B ADP G . -32.30 -7.31 -6.24
O3B ADP G . -34.41 -6.83 -4.93
PA ADP G . -35.81 -6.10 -7.66
O1A ADP G . -35.41 -4.67 -7.97
O2A ADP G . -36.78 -6.40 -6.56
O3A ADP G . -34.46 -6.92 -7.35
O5' ADP G . -36.33 -6.78 -9.01
C5' ADP G . -37.31 -6.11 -9.81
C4' ADP G . -37.86 -7.07 -10.85
O4' ADP G . -38.18 -8.33 -10.24
C3' ADP G . -39.13 -6.53 -11.48
O3' ADP G . -38.96 -6.37 -12.89
C2' ADP G . -40.20 -7.55 -11.18
O2' ADP G . -40.85 -7.97 -12.38
C1' ADP G . -39.52 -8.72 -10.50
N9 ADP G . -40.14 -9.06 -9.20
C8 ADP G . -39.46 -9.38 -8.09
N7 ADP G . -40.30 -9.66 -7.06
C5 ADP G . -41.55 -9.51 -7.51
C6 ADP G . -42.90 -9.64 -6.94
N6 ADP G . -43.07 -10.00 -5.65
N1 ADP G . -43.95 -9.40 -7.75
C2 ADP G . -43.80 -9.05 -9.03
N3 ADP G . -42.59 -8.91 -9.61
C4 ADP G . -41.45 -9.12 -8.92
N1 A1AC1 H . -21.58 -15.06 2.61
C4 A1AC1 H . -24.80 -15.28 -0.10
C5 A1AC1 H . -25.04 -14.98 1.24
C6 A1AC1 H . -23.98 -14.90 2.12
C7 A1AC1 H . -25.96 -14.95 4.33
C8 A1AC1 H . -26.35 -14.17 5.58
C10 A1AC1 H . -19.39 -15.99 3.59
C13 A1AC1 H . -22.23 -16.60 7.29
C15 A1AC1 H . -21.57 -17.95 5.62
C17 A1AC1 H . -24.11 -16.95 8.78
C20 A1AC1 H . -18.28 -17.09 5.52
C1 A1AC1 H . -22.68 -15.13 1.67
C11 A1AC1 H . -19.47 -17.14 4.58
C12 A1AC1 H . -20.88 -16.03 6.47
C14 A1AC1 H . -22.54 -17.86 6.61
C16 A1AC1 H . -23.15 -16.28 8.41
C18 A1AC1 H . -24.47 -18.03 8.29
C19 A1AC1 H . -23.87 -18.67 7.23
C2 A1AC1 H . -22.47 -15.43 0.35
C3 A1AC1 H . -23.52 -15.51 -0.54
C9 A1AC1 H . -20.55 -16.08 2.61
N2 A1AC1 H . -20.68 -17.00 5.36
O1 A1AC1 H . -20.60 -16.99 1.84
O2 A1AC1 H . -20.12 -14.90 6.76
S1 A1AC1 H . -24.26 -14.50 3.86
PB ADP I . -23.18 3.36 25.63
O1B ADP I . -23.04 4.65 24.88
O2B ADP I . -22.78 2.13 24.85
O3B ADP I . -22.64 3.40 27.04
PA ADP I . -25.58 4.45 26.44
O1A ADP I . -25.38 5.62 25.51
O2A ADP I . -25.24 4.58 27.89
O3A ADP I . -24.76 3.22 25.85
O5' ADP I . -27.10 3.96 26.32
C5' ADP I . -28.17 4.89 26.51
C4' ADP I . -29.49 4.14 26.62
O4' ADP I . -29.35 3.02 27.48
C3' ADP I . -30.57 5.04 27.18
O3' ADP I . -31.66 5.14 26.26
C2' ADP I . -31.01 4.39 28.48
O2' ADP I . -32.43 4.21 28.50
C1' ADP I . -30.31 3.03 28.53
N9 ADP I . -29.59 2.85 29.82
C8 ADP I . -28.35 2.36 29.93
N7 ADP I . -27.97 2.29 31.22
C5 ADP I . -28.99 2.75 31.97
C6 ADP I . -29.25 2.94 33.41
N6 ADP I . -28.29 2.62 34.33
N1 ADP I . -30.44 3.43 33.77
C2 ADP I . -31.39 3.75 32.87
N3 ADP I . -31.21 3.59 31.54
C4 ADP I . -30.06 3.10 31.04
N1 A1AC1 J . -11.56 -8.57 22.12
C4 A1AC1 J . -15.50 -7.77 23.41
C5 A1AC1 J . -14.42 -7.35 24.18
C6 A1AC1 J . -13.13 -7.62 23.74
C7 A1AC1 J . -11.93 -7.63 26.46
C8 A1AC1 J . -11.01 -6.81 27.35
C10 A1AC1 J . -9.77 -10.08 21.06
C13 A1AC1 J . -7.96 -9.99 25.37
C15 A1AC1 J . -9.40 -11.37 24.34
C17 A1AC1 J . -7.74 -9.63 27.76
C20 A1AC1 J . -7.84 -11.64 21.26
C1 A1AC1 J . -12.91 -8.30 22.56
C11 A1AC1 J . -9.18 -11.24 21.87
C12 A1AC1 J . -7.82 -9.95 23.70
C14 A1AC1 J . -9.03 -10.97 25.62
C16 A1AC1 J . -7.39 -9.39 26.61
C18 A1AC1 J . -8.63 -10.44 28.08
C19 A1AC1 J . -9.39 -11.20 27.23
C2 A1AC1 J . -13.98 -8.71 21.81
C3 A1AC1 J . -15.28 -8.45 22.22
C9 A1AC1 J . -11.20 -9.84 21.51
N2 A1AC1 J . -8.97 -10.80 23.23
O1 A1AC1 J . -12.02 -10.69 21.38
O2 A1AC1 J . -6.86 -9.31 22.93
S1 A1AC1 J . -11.72 -7.06 24.75
PB ADP K . 10.56 8.58 31.92
O1B ADP K . 10.31 9.85 31.16
O2B ADP K . 9.82 7.37 31.40
O3B ADP K . 12.00 8.32 32.27
PA ADP K . 10.30 10.20 34.15
O1A ADP K . 9.94 11.38 33.28
O2A ADP K . 11.72 10.03 34.64
O3A ADP K . 9.89 8.86 33.36
O5' ADP K . 9.32 10.18 35.42
C5' ADP K . 9.10 11.37 36.15
C4' ADP K . 8.39 11.04 37.46
O4' ADP K . 8.98 9.89 38.07
C3' ADP K . 8.51 12.20 38.44
O3' ADP K . 7.21 12.65 38.83
C2' ADP K . 9.27 11.67 39.62
O2' ADP K . 8.58 11.95 40.85
C1' ADP K . 9.40 10.16 39.41
N9 ADP K . 10.80 9.71 39.56
C8 ADP K . 11.42 8.85 38.74
N7 ADP K . 12.69 8.62 39.14
C5 ADP K . 12.90 9.34 40.24
C6 ADP K . 14.02 9.55 41.17
N6 ADP K . 15.21 8.92 40.97
N1 ADP K . 13.84 10.38 42.21
C2 ADP K . 12.66 11.01 42.42
N3 ADP K . 11.60 10.86 41.61
C4 ADP K . 11.65 10.05 40.53
N1 A1AC1 L . 11.44 -5.97 23.07
C4 A1AC1 L . 10.64 -4.12 26.78
C5 A1AC1 L . 11.94 -4.20 26.31
C6 A1AC1 L . 12.20 -4.80 25.09
C7 A1AC1 L . 15.07 -4.78 25.84
C8 A1AC1 L . 16.43 -4.31 25.30
C10 A1AC1 L . 11.14 -7.91 21.40
C13 A1AC1 L . 15.69 -8.55 22.44
C15 A1AC1 L . 13.78 -9.46 23.23
C17 A1AC1 L . 17.85 -8.56 23.52
C20 A1AC1 L . 12.12 -9.91 20.28
C1 A1AC1 L . 11.17 -5.33 24.35
C11 A1AC1 L . 11.92 -9.20 21.62
C12 A1AC1 L . 14.38 -8.34 21.42
C14 A1AC1 L . 15.12 -9.30 23.58
C16 A1AC1 L . 17.14 -8.24 22.58
C18 A1AC1 L . 17.49 -9.19 24.52
C19 A1AC1 L . 16.22 -9.65 24.79
C2 A1AC1 L . 9.88 -5.25 24.82
C3 A1AC1 L . 9.60 -4.64 26.03
C9 A1AC1 L . 10.85 -7.26 22.75
N2 A1AC1 L . 13.22 -8.88 22.19
O1 A1AC1 L . 10.13 -7.80 23.51
O2 A1AC1 L . 14.36 -7.79 20.13
S1 A1AC1 L . 13.90 -4.91 24.48
PB ADP M . 33.94 4.06 6.78
O1B ADP M . 33.36 5.35 6.25
O2B ADP M . 32.92 3.10 7.35
O3B ADP M . 34.98 3.43 5.89
PA ADP M . 35.90 5.68 7.85
O1A ADP M . 35.19 6.94 7.43
O2A ADP M . 37.00 5.10 7.00
O3A ADP M . 34.80 4.55 8.05
O5' ADP M . 36.47 5.89 9.34
C5' ADP M . 37.26 7.03 9.64
C4' ADP M . 37.95 6.83 10.99
O4' ADP M . 38.51 5.51 11.06
C3' ADP M . 39.08 7.82 11.19
O3' ADP M . 38.81 8.66 12.32
C2' ADP M . 40.33 6.99 11.43
O2' ADP M . 40.92 7.33 12.69
C1' ADP M . 39.89 5.53 11.42
N9 ADP M . 40.62 4.72 10.42
C8 ADP M . 40.04 3.77 9.66
N7 ADP M . 40.96 3.17 8.86
C5 ADP M . 42.15 3.74 9.10
C6 ADP M . 43.52 3.58 8.60
N6 ADP M . 43.79 2.66 7.65
N1 ADP M . 44.48 4.36 9.12
C2 ADP M . 44.21 5.27 10.08
N3 ADP M . 42.98 5.46 10.58
C4 ADP M . 41.92 4.74 10.14
N1 A1AC1 N . 24.11 -9.85 4.32
C4 A1AC1 N . 27.21 -8.04 6.53
C5 A1AC1 N . 27.43 -8.45 5.24
C6 A1AC1 N . 26.41 -9.05 4.51
C7 A1AC1 N . 28.49 -9.77 2.50
C8 A1AC1 N . 28.73 -9.76 0.99
C10 A1AC1 N . 22.17 -11.53 4.09
C13 A1AC1 N . 25.19 -13.44 1.02
C15 A1AC1 N . 24.77 -13.77 3.21
C17 A1AC1 N . 27.19 -14.07 -0.18
C20 A1AC1 N . 21.34 -13.65 3.11
C1 A1AC1 N . 25.17 -9.23 5.08
C11 A1AC1 N . 22.51 -12.99 3.84
C12 A1AC1 N . 23.70 -12.85 1.51
C14 A1AC1 N . 25.76 -14.01 2.25
C16 A1AC1 N . 26.07 -13.56 -0.16
C18 A1AC1 N . 27.77 -14.59 0.79
C19 A1AC1 N . 27.28 -14.68 2.07
C2 A1AC1 N . 24.95 -8.82 6.38
C3 A1AC1 N . 25.96 -8.22 7.11
C9 A1AC1 N . 23.29 -10.89 4.91
N2 A1AC1 N . 23.68 -13.06 2.99
O1 A1AC1 N . 23.48 -11.25 6.03
O2 A1AC1 N . 22.69 -12.30 0.71
S1 A1AC1 N . 26.70 -9.59 2.81
PB ADP O . 23.47 -5.80 -25.01
O1B ADP O . 23.05 -4.37 -24.94
O2B ADP O . 23.29 -6.57 -23.73
O3B ADP O . 23.01 -6.54 -26.25
PA ADP O . 25.66 -4.84 -26.40
O1A ADP O . 25.17 -3.42 -26.21
O2A ADP O . 25.40 -5.56 -27.69
O3A ADP O . 25.06 -5.72 -25.20
O5' ADP O . 27.24 -4.89 -26.10
C5' ADP O . 28.12 -4.00 -26.77
C4' ADP O . 29.56 -4.43 -26.57
O4' ADP O . 29.67 -5.85 -26.70
C3' ADP O . 30.48 -3.79 -27.58
O3' ADP O . 31.49 -3.02 -26.92
C2' ADP O . 31.09 -4.93 -28.36
O2' ADP O . 32.52 -4.83 -28.38
C1' ADP O . 30.65 -6.20 -27.67
N9 ADP O . 30.04 -7.17 -28.62
C8 ADP O . 28.92 -7.85 -28.39
N7 ADP O . 28.61 -8.65 -29.44
C5 ADP O . 29.57 -8.48 -30.36
C6 ADP O . 29.84 -9.03 -31.70
N6 ADP O . 29.01 -9.93 -32.27
N1 ADP O . 30.95 -8.59 -32.34
C2 ADP O . 31.79 -7.69 -31.78
N3 ADP O . 31.58 -7.16 -30.57
C4 ADP O . 30.51 -7.51 -29.82
N1 A1AC1 P . 14.05 -16.29 -15.21
C4 A1AC1 P . 17.80 -15.51 -16.98
C5 A1AC1 P . 16.73 -15.85 -17.77
C6 A1AC1 P . 15.49 -16.11 -17.19
C7 A1AC1 P . 14.64 -17.50 -19.67
C8 A1AC1 P . 13.64 -17.32 -20.81
C10 A1AC1 P . 12.58 -17.38 -13.40
C13 A1AC1 P . 10.99 -19.74 -17.14
C15 A1AC1 P . 12.59 -20.18 -15.62
C17 A1AC1 P . 10.75 -20.80 -19.31
C20 A1AC1 P . 10.95 -19.15 -12.80
C1 A1AC1 P . 15.35 -16.03 -15.82
C11 A1AC1 P . 12.24 -18.86 -13.55
C12 A1AC1 P . 10.85 -18.82 -15.75
C14 A1AC1 P . 12.18 -20.58 -16.88
C16 A1AC1 P . 10.36 -19.99 -18.46
C18 A1AC1 P . 11.73 -21.55 -19.20
C19 A1AC1 P . 12.58 -21.62 -18.12
C2 A1AC1 P . 16.43 -15.69 -15.03
C3 A1AC1 P . 17.65 -15.42 -15.60
C9 A1AC1 P . 13.96 -17.11 -14.02
N2 A1AC1 P . 12.07 -19.16 -14.96
O1 A1AC1 P . 14.92 -17.57 -13.53
O2 A1AC1 P . 9.83 -17.93 -15.41
S1 A1AC1 P . 14.08 -16.55 -18.23
PB ADP Q . -10.41 -11.08 -31.40
O1B ADP Q . -10.30 -9.58 -31.32
O2B ADP Q . -9.60 -11.81 -30.36
O3B ADP Q . -11.80 -11.61 -31.60
PA ADP Q . -10.16 -10.69 -34.12
O1A ADP Q . -9.97 -9.21 -33.93
O2A ADP Q . -11.52 -11.24 -34.48
O3A ADP Q . -9.68 -11.43 -32.79
O5' ADP Q . -9.10 -11.20 -35.22
C5' ADP Q . -8.99 -10.51 -36.46
C4' ADP Q . -8.26 -11.37 -37.48
O4' ADP Q . -8.66 -12.73 -37.32
C3' ADP Q . -8.59 -10.95 -38.89
O3' ADP Q . -7.40 -10.56 -39.60
C2' ADP Q . -9.24 -12.15 -39.55
O2' ADP Q . -8.61 -12.45 -40.80
C1' ADP Q . -9.06 -13.30 -38.57
N9 ADP Q . -10.33 -14.03 -38.37
C8 ADP Q . -10.79 -14.44 -37.17
N7 ADP Q . -11.97 -15.09 -37.29
C5 ADP Q . -12.28 -15.11 -38.60
C6 ADP Q . -13.39 -15.63 -39.41
N6 ADP Q . -14.43 -16.28 -38.83
N1 ADP Q . -13.33 -15.44 -40.74
C2 ADP Q . -12.31 -14.80 -41.33
N3 ADP Q . -11.27 -14.30 -40.64
C4 ADP Q . -11.20 -14.42 -39.30
N1 A1AC1 R . -8.70 -18.92 -16.30
C4 A1AC1 R . -7.89 -19.10 -20.43
C5 A1AC1 R . -9.19 -18.98 -19.98
C6 A1AC1 R . -9.46 -18.93 -18.63
C7 A1AC1 R . -12.17 -20.13 -18.71
C8 A1AC1 R . -13.63 -19.71 -18.71
C10 A1AC1 R . -8.31 -19.68 -13.86
C13 A1AC1 R . -12.60 -21.58 -14.11
C15 A1AC1 R . -10.55 -22.42 -14.45
C17 A1AC1 R . -14.69 -22.54 -14.87
C20 A1AC1 R . -8.89 -20.99 -11.84
C1 A1AC1 R . -8.42 -18.98 -17.72
C11 A1AC1 R . -8.81 -21.03 -13.36
C12 A1AC1 R . -11.39 -20.64 -13.44
C14 A1AC1 R . -11.87 -22.69 -14.73
C16 A1AC1 R . -14.08 -21.66 -14.28
C18 A1AC1 R . -14.19 -23.52 -15.43
C19 A1AC1 R . -12.85 -23.82 -15.51
C2 A1AC1 R . -7.12 -19.10 -18.16
C3 A1AC1 R . -6.85 -19.15 -19.52
C9 A1AC1 R . -7.99 -19.77 -15.35
N2 A1AC1 R . -10.12 -21.29 -13.91
O1 A1AC1 R . -7.17 -20.53 -15.72
O2 A1AC1 R . -11.51 -19.51 -12.63
S1 A1AC1 R . -11.16 -18.77 -18.04
#